data_2B1U
#
_entry.id   2B1U
#
_entity_poly.entity_id   1
_entity_poly.type   'polypeptide(L)'
_entity_poly.pdbx_seq_one_letter_code
;ARAGLEDLQVAFRAFDQDGDGHITVDELRRAMAGLGQPLPQEELDAMIREADVDQDGRVNYEEFARMLAQE
;
_entity_poly.pdbx_strand_id   A
#
# COMPACT_ATOMS: atom_id res chain seq x y z
N ALA A 1 4.16 -11.67 -12.07
CA ALA A 1 2.98 -12.37 -11.52
C ALA A 1 1.70 -11.59 -11.82
N ARG A 2 1.44 -10.51 -11.08
CA ARG A 2 0.19 -9.77 -11.20
C ARG A 2 0.31 -8.44 -10.48
N ALA A 3 -0.40 -7.47 -11.05
CA ALA A 3 -0.73 -6.24 -10.37
C ALA A 3 -1.79 -6.51 -9.31
N GLY A 4 -2.17 -5.46 -8.61
CA GLY A 4 -2.46 -5.67 -7.22
C GLY A 4 -1.14 -6.14 -6.62
N LEU A 5 -0.94 -7.44 -6.44
CA LEU A 5 0.05 -7.92 -5.48
C LEU A 5 1.49 -7.49 -5.78
N GLU A 6 2.04 -7.88 -6.92
CA GLU A 6 3.43 -7.56 -7.22
C GLU A 6 3.58 -6.04 -7.33
N ASP A 7 2.64 -5.40 -8.02
CA ASP A 7 2.60 -3.96 -8.20
C ASP A 7 2.71 -3.28 -6.85
N LEU A 8 1.89 -3.72 -5.92
CA LEU A 8 1.74 -3.13 -4.61
C LEU A 8 3.00 -3.40 -3.78
N GLN A 9 3.60 -4.58 -3.83
CA GLN A 9 4.87 -4.80 -3.14
C GLN A 9 5.98 -3.92 -3.73
N VAL A 10 6.03 -3.77 -5.06
CA VAL A 10 6.92 -2.87 -5.74
C VAL A 10 6.60 -1.41 -5.37
N ALA A 11 5.32 -1.06 -5.19
CA ALA A 11 4.86 0.23 -4.70
C ALA A 11 5.53 0.47 -3.35
N PHE A 12 5.25 -0.44 -2.43
CA PHE A 12 5.75 -0.40 -1.07
C PHE A 12 7.24 -0.11 -1.04
N ARG A 13 8.03 -0.78 -1.88
CA ARG A 13 9.48 -0.61 -1.93
C ARG A 13 9.96 0.84 -2.10
N ALA A 14 9.09 1.79 -2.45
CA ALA A 14 9.44 3.20 -2.41
C ALA A 14 9.61 3.69 -0.95
N PHE A 15 8.61 3.47 -0.10
CA PHE A 15 8.54 3.92 1.29
C PHE A 15 8.30 2.74 2.22
N ASP A 16 9.06 1.66 2.06
CA ASP A 16 8.98 0.49 2.91
C ASP A 16 9.87 0.71 4.13
N GLN A 17 9.52 0.06 5.24
CA GLN A 17 10.44 -0.05 6.36
C GLN A 17 11.43 -1.15 6.04
N ASP A 18 11.03 -2.41 6.22
CA ASP A 18 11.95 -3.54 6.08
C ASP A 18 11.26 -4.91 6.01
N GLY A 19 9.94 -5.01 5.78
CA GLY A 19 9.34 -6.34 5.92
C GLY A 19 8.75 -6.47 7.32
N ASP A 20 7.44 -6.70 7.39
CA ASP A 20 6.62 -6.63 8.59
C ASP A 20 6.97 -5.40 9.45
N GLY A 21 7.36 -4.31 8.77
CA GLY A 21 7.58 -3.02 9.37
C GLY A 21 6.30 -2.24 9.17
N HIS A 22 6.40 -0.92 9.05
CA HIS A 22 5.26 -0.04 8.81
C HIS A 22 5.43 0.78 7.54
N ILE A 23 4.31 1.01 6.84
CA ILE A 23 4.22 2.03 5.81
C ILE A 23 3.56 3.31 6.32
N THR A 24 3.77 4.33 5.50
CA THR A 24 3.18 5.65 5.50
C THR A 24 2.20 5.66 4.33
N VAL A 25 0.91 5.65 4.68
CA VAL A 25 -0.20 5.52 3.73
C VAL A 25 -0.13 6.58 2.63
N ASP A 26 0.37 7.77 3.00
CA ASP A 26 0.49 8.86 2.04
C ASP A 26 1.61 8.61 1.03
N GLU A 27 2.81 8.34 1.55
CA GLU A 27 3.94 7.77 0.80
C GLU A 27 3.48 6.68 -0.15
N LEU A 28 2.67 5.74 0.33
CA LEU A 28 2.02 4.72 -0.49
C LEU A 28 1.37 5.33 -1.76
N ARG A 29 0.56 6.37 -1.58
CA ARG A 29 -0.09 7.10 -2.66
C ARG A 29 0.95 7.66 -3.62
N ARG A 30 2.03 8.18 -3.06
CA ARG A 30 3.16 8.66 -3.84
C ARG A 30 3.78 7.52 -4.65
N ALA A 31 3.99 6.35 -4.01
CA ALA A 31 4.64 5.19 -4.61
C ALA A 31 3.93 4.77 -5.88
N MET A 32 2.60 4.78 -5.83
CA MET A 32 1.75 4.43 -6.96
C MET A 32 2.08 5.25 -8.22
N ALA A 33 2.71 6.43 -8.09
CA ALA A 33 3.22 7.16 -9.25
C ALA A 33 4.26 6.37 -10.03
N GLY A 34 5.06 5.56 -9.33
CA GLY A 34 6.01 4.65 -9.95
C GLY A 34 5.32 3.60 -10.82
N LEU A 35 4.07 3.25 -10.49
CA LEU A 35 3.35 2.18 -11.17
C LEU A 35 2.76 2.63 -12.49
N GLY A 36 1.80 3.56 -12.45
CA GLY A 36 0.99 3.85 -13.60
C GLY A 36 -0.08 4.89 -13.33
N GLN A 37 -0.75 4.78 -12.18
CA GLN A 37 -1.81 5.68 -11.75
C GLN A 37 -1.26 6.61 -10.66
N PRO A 38 -0.61 7.74 -10.99
CA PRO A 38 -0.04 8.63 -9.98
C PRO A 38 -1.15 9.36 -9.24
N LEU A 39 -1.10 9.42 -7.92
CA LEU A 39 -2.19 9.92 -7.10
C LEU A 39 -3.51 9.26 -7.49
N PRO A 40 -3.61 7.94 -7.32
CA PRO A 40 -4.84 7.24 -7.57
C PRO A 40 -5.74 7.46 -6.37
N GLN A 41 -6.30 8.66 -6.25
CA GLN A 41 -6.95 9.04 -5.00
C GLN A 41 -7.99 8.00 -4.58
N GLU A 42 -8.79 7.48 -5.51
CA GLU A 42 -9.81 6.47 -5.22
C GLU A 42 -9.19 5.13 -4.83
N GLU A 43 -8.26 4.65 -5.63
CA GLU A 43 -7.66 3.34 -5.43
C GLU A 43 -6.94 3.35 -4.08
N LEU A 44 -6.22 4.44 -3.81
CA LEU A 44 -5.62 4.63 -2.50
C LEU A 44 -6.70 4.76 -1.42
N ASP A 45 -7.66 5.70 -1.47
CA ASP A 45 -8.76 5.86 -0.52
C ASP A 45 -9.41 4.53 -0.16
N ALA A 46 -9.71 3.74 -1.19
CA ALA A 46 -10.24 2.39 -1.05
C ALA A 46 -9.34 1.59 -0.11
N MET A 47 -8.05 1.52 -0.42
CA MET A 47 -7.06 0.91 0.45
C MET A 47 -6.85 1.65 1.78
N ILE A 48 -7.05 2.98 1.85
CA ILE A 48 -6.85 3.77 3.06
C ILE A 48 -7.71 3.15 4.15
N ARG A 49 -8.94 2.79 3.81
CA ARG A 49 -9.86 2.18 4.76
C ARG A 49 -9.34 0.82 5.25
N GLU A 50 -8.74 0.03 4.37
CA GLU A 50 -8.14 -1.25 4.73
C GLU A 50 -6.85 -1.04 5.55
N ALA A 51 -6.15 0.08 5.29
CA ALA A 51 -4.91 0.46 5.93
C ALA A 51 -5.14 1.03 7.33
N ASP A 52 -5.97 0.37 8.15
CA ASP A 52 -6.37 0.87 9.47
C ASP A 52 -5.87 -0.02 10.61
N VAL A 53 -4.75 -0.70 10.40
CA VAL A 53 -4.17 -1.66 11.35
C VAL A 53 -4.08 -1.06 12.76
N ASP A 54 -3.47 0.12 12.90
CA ASP A 54 -3.51 0.81 14.19
C ASP A 54 -4.94 1.30 14.46
N GLN A 55 -5.27 2.47 13.88
CA GLN A 55 -6.47 3.25 14.10
C GLN A 55 -6.30 4.63 13.45
N ASP A 56 -5.65 4.69 12.28
CA ASP A 56 -5.18 5.96 11.72
C ASP A 56 -4.76 5.74 10.25
N GLY A 57 -3.50 5.40 10.01
CA GLY A 57 -2.98 5.15 8.67
C GLY A 57 -1.62 4.46 8.77
N ARG A 58 -1.43 3.64 9.81
CA ARG A 58 -0.32 2.72 9.95
C ARG A 58 -0.80 1.37 9.44
N VAL A 59 0.02 0.72 8.61
CA VAL A 59 -0.21 -0.63 8.14
C VAL A 59 1.08 -1.41 8.23
N ASN A 60 1.01 -2.65 8.70
CA ASN A 60 2.14 -3.55 8.62
C ASN A 60 2.51 -3.72 7.13
N TYR A 61 3.71 -3.35 6.74
CA TYR A 61 4.20 -3.31 5.37
C TYR A 61 3.81 -4.59 4.60
N GLU A 62 4.01 -5.78 5.19
CA GLU A 62 3.70 -7.04 4.53
C GLU A 62 2.19 -7.26 4.57
N GLU A 63 1.65 -7.32 5.79
CA GLU A 63 0.24 -7.58 6.07
C GLU A 63 -0.67 -6.77 5.14
N PHE A 64 -0.30 -5.53 4.81
CA PHE A 64 -0.96 -4.73 3.79
C PHE A 64 -1.40 -5.56 2.59
N ALA A 65 -0.44 -6.25 1.96
CA ALA A 65 -0.66 -7.01 0.74
C ALA A 65 -1.84 -7.98 0.93
N ARG A 66 -1.90 -8.58 2.11
CA ARG A 66 -2.96 -9.48 2.54
C ARG A 66 -4.32 -8.78 2.49
N MET A 67 -4.38 -7.49 2.85
CA MET A 67 -5.60 -6.70 2.78
C MET A 67 -5.87 -6.17 1.37
N LEU A 68 -4.84 -5.72 0.62
CA LEU A 68 -4.95 -5.41 -0.80
C LEU A 68 -5.83 -6.49 -1.43
N ALA A 69 -5.41 -7.74 -1.26
CA ALA A 69 -6.10 -8.87 -1.83
C ALA A 69 -7.03 -9.47 -0.80
N GLN A 70 -8.07 -8.70 -0.53
CA GLN A 70 -9.12 -8.98 0.46
C GLN A 70 -10.03 -10.12 0.00
N GLU A 71 -9.48 -11.22 -0.53
CA GLU A 71 -10.21 -12.37 -1.03
C GLU A 71 -10.04 -13.53 -0.05
N ALA A 1 5.16 -12.32 -15.15
CA ALA A 1 5.07 -11.08 -14.35
C ALA A 1 3.61 -10.65 -14.34
N ARG A 2 3.17 -9.97 -13.29
CA ARG A 2 1.82 -9.43 -13.11
C ARG A 2 1.98 -8.30 -12.12
N ALA A 3 0.94 -7.48 -12.01
CA ALA A 3 0.89 -6.49 -10.98
C ALA A 3 0.47 -7.20 -9.71
N GLY A 4 -0.84 -7.19 -9.40
CA GLY A 4 -1.42 -7.89 -8.28
C GLY A 4 -0.53 -7.78 -7.05
N LEU A 5 0.17 -8.86 -6.72
CA LEU A 5 1.15 -8.94 -5.66
C LEU A 5 2.50 -8.29 -6.00
N GLU A 6 3.12 -8.71 -7.09
CA GLU A 6 4.42 -8.19 -7.52
C GLU A 6 4.42 -6.67 -7.52
N ASP A 7 3.47 -6.05 -8.24
CA ASP A 7 3.52 -4.60 -8.43
C ASP A 7 3.26 -3.87 -7.15
N LEU A 8 2.47 -4.50 -6.32
CA LEU A 8 2.07 -3.99 -5.05
C LEU A 8 3.28 -3.97 -4.12
N GLN A 9 3.96 -5.10 -3.99
CA GLN A 9 5.15 -5.20 -3.16
C GLN A 9 6.19 -4.20 -3.67
N VAL A 10 6.42 -4.15 -4.99
CA VAL A 10 7.34 -3.25 -5.63
C VAL A 10 6.94 -1.78 -5.42
N ALA A 11 5.65 -1.45 -5.56
CA ALA A 11 5.09 -0.14 -5.25
C ALA A 11 5.53 0.24 -3.85
N PHE A 12 5.13 -0.61 -2.91
CA PHE A 12 5.31 -0.42 -1.49
C PHE A 12 6.80 -0.25 -1.16
N ARG A 13 7.65 -1.04 -1.85
CA ARG A 13 9.12 -0.94 -1.83
C ARG A 13 9.62 0.51 -1.98
N ALA A 14 8.87 1.39 -2.63
CA ALA A 14 9.23 2.81 -2.71
C ALA A 14 9.57 3.37 -1.33
N PHE A 15 8.73 3.12 -0.32
CA PHE A 15 8.96 3.60 1.04
C PHE A 15 8.62 2.51 2.06
N ASP A 16 9.17 1.31 1.89
CA ASP A 16 8.93 0.21 2.80
C ASP A 16 9.90 0.26 3.99
N GLN A 17 10.08 -0.88 4.69
CA GLN A 17 11.01 -1.04 5.78
C GLN A 17 11.47 -2.50 5.82
N ASP A 18 10.67 -3.40 6.42
CA ASP A 18 11.01 -4.81 6.55
C ASP A 18 9.80 -5.65 7.03
N GLY A 19 8.63 -5.46 6.40
CA GLY A 19 7.46 -6.30 6.60
C GLY A 19 6.74 -5.93 7.90
N ASP A 20 7.41 -6.24 9.02
CA ASP A 20 7.07 -5.80 10.38
C ASP A 20 7.40 -4.32 10.56
N GLY A 21 7.91 -3.67 9.51
CA GLY A 21 8.08 -2.24 9.44
C GLY A 21 6.72 -1.54 9.36
N HIS A 22 6.67 -0.50 8.55
CA HIS A 22 5.48 0.27 8.25
C HIS A 22 5.83 1.23 7.12
N ILE A 23 4.82 1.64 6.36
CA ILE A 23 4.94 2.70 5.37
C ILE A 23 4.34 3.99 5.96
N THR A 24 4.03 4.97 5.10
CA THR A 24 3.09 6.03 5.43
C THR A 24 1.98 5.93 4.39
N VAL A 25 0.75 6.03 4.86
CA VAL A 25 -0.44 6.09 4.04
C VAL A 25 -0.25 7.11 2.90
N ASP A 26 0.56 8.17 3.12
CA ASP A 26 0.88 9.14 2.06
C ASP A 26 1.90 8.63 1.05
N GLU A 27 3.07 8.19 1.54
CA GLU A 27 4.09 7.46 0.79
C GLU A 27 3.48 6.33 -0.05
N LEU A 28 2.43 5.69 0.47
CA LEU A 28 1.62 4.73 -0.25
C LEU A 28 1.04 5.34 -1.54
N ARG A 29 0.45 6.52 -1.40
CA ARG A 29 -0.18 7.26 -2.49
C ARG A 29 0.90 7.74 -3.47
N ARG A 30 2.04 8.20 -2.94
CA ARG A 30 3.21 8.54 -3.74
C ARG A 30 3.63 7.36 -4.61
N ALA A 31 3.84 6.19 -3.98
CA ALA A 31 4.36 4.99 -4.62
C ALA A 31 3.66 4.67 -5.94
N MET A 32 2.34 4.85 -5.98
CA MET A 32 1.51 4.57 -7.14
C MET A 32 1.92 5.37 -8.38
N ALA A 33 2.61 6.50 -8.20
CA ALA A 33 3.28 7.19 -9.30
C ALA A 33 4.16 6.23 -10.12
N GLY A 34 4.83 5.31 -9.43
CA GLY A 34 5.63 4.27 -10.04
C GLY A 34 4.81 3.33 -10.93
N LEU A 35 3.54 3.09 -10.57
CA LEU A 35 2.71 2.09 -11.23
C LEU A 35 2.12 2.62 -12.54
N GLY A 36 1.49 3.79 -12.49
CA GLY A 36 0.79 4.35 -13.63
C GLY A 36 -0.61 4.86 -13.29
N GLN A 37 -1.09 4.63 -12.06
CA GLN A 37 -2.24 5.31 -11.50
C GLN A 37 -1.73 6.34 -10.47
N PRO A 38 -1.10 7.45 -10.88
CA PRO A 38 -0.42 8.35 -9.97
C PRO A 38 -1.40 9.02 -9.00
N LEU A 39 -1.13 8.92 -7.68
CA LEU A 39 -1.86 9.65 -6.66
C LEU A 39 -3.37 9.36 -6.76
N PRO A 40 -3.78 8.07 -6.72
CA PRO A 40 -5.12 7.69 -7.12
C PRO A 40 -6.05 7.84 -5.92
N GLN A 41 -6.42 9.09 -5.62
CA GLN A 41 -7.07 9.47 -4.39
C GLN A 41 -8.25 8.56 -4.00
N GLU A 42 -9.05 8.09 -4.96
CA GLU A 42 -10.17 7.19 -4.70
C GLU A 42 -9.68 5.81 -4.30
N GLU A 43 -8.71 5.25 -5.05
CA GLU A 43 -8.20 3.93 -4.78
C GLU A 43 -7.50 3.95 -3.42
N LEU A 44 -6.72 5.00 -3.17
CA LEU A 44 -6.02 5.15 -1.91
C LEU A 44 -6.96 5.55 -0.77
N ASP A 45 -8.02 6.32 -1.00
CA ASP A 45 -9.05 6.58 0.02
C ASP A 45 -9.70 5.25 0.43
N ALA A 46 -10.07 4.47 -0.59
CA ALA A 46 -10.65 3.15 -0.40
C ALA A 46 -9.69 2.28 0.44
N MET A 47 -8.44 2.12 0.00
CA MET A 47 -7.43 1.37 0.74
C MET A 47 -7.10 2.02 2.08
N ILE A 48 -7.20 3.35 2.20
CA ILE A 48 -6.92 4.08 3.43
C ILE A 48 -7.73 3.48 4.56
N ARG A 49 -9.02 3.22 4.30
CA ARG A 49 -9.93 2.70 5.32
C ARG A 49 -9.49 1.32 5.80
N GLU A 50 -8.91 0.51 4.91
CA GLU A 50 -8.35 -0.78 5.26
C GLU A 50 -6.99 -0.60 5.96
N ALA A 51 -6.22 0.40 5.54
CA ALA A 51 -5.00 0.83 6.20
C ALA A 51 -5.32 1.60 7.48
N ASP A 52 -6.04 0.94 8.40
CA ASP A 52 -6.14 1.36 9.79
C ASP A 52 -5.71 0.19 10.68
N VAL A 53 -4.46 -0.24 10.53
CA VAL A 53 -3.89 -1.29 11.35
C VAL A 53 -3.92 -0.87 12.83
N ASP A 54 -3.54 0.38 13.09
CA ASP A 54 -3.50 0.97 14.43
C ASP A 54 -4.89 1.53 14.77
N GLN A 55 -5.04 2.86 14.71
CA GLN A 55 -6.29 3.58 14.88
C GLN A 55 -6.08 5.05 14.48
N ASP A 56 -5.84 5.29 13.19
CA ASP A 56 -5.68 6.61 12.59
C ASP A 56 -5.60 6.44 11.08
N GLY A 57 -4.57 5.71 10.66
CA GLY A 57 -4.13 5.60 9.28
C GLY A 57 -2.73 4.98 9.28
N ARG A 58 -2.65 3.65 9.34
CA ARG A 58 -1.41 2.90 9.37
C ARG A 58 -1.68 1.53 8.74
N VAL A 59 -0.66 0.85 8.23
CA VAL A 59 -0.80 -0.52 7.79
C VAL A 59 0.58 -1.22 7.84
N ASN A 60 0.62 -2.50 8.22
CA ASN A 60 1.84 -3.31 8.18
C ASN A 60 2.13 -3.66 6.72
N TYR A 61 3.41 -3.59 6.34
CA TYR A 61 3.81 -3.59 4.96
C TYR A 61 3.47 -4.92 4.27
N GLU A 62 3.97 -6.06 4.76
CA GLU A 62 3.72 -7.34 4.10
C GLU A 62 2.22 -7.65 4.12
N GLU A 63 1.62 -7.63 5.31
CA GLU A 63 0.19 -7.83 5.49
C GLU A 63 -0.59 -7.04 4.45
N PHE A 64 -0.32 -5.74 4.29
CA PHE A 64 -1.09 -4.95 3.35
C PHE A 64 -0.99 -5.45 1.92
N ALA A 65 0.18 -5.96 1.53
CA ALA A 65 0.33 -6.59 0.24
C ALA A 65 -0.59 -7.80 0.12
N ARG A 66 -0.82 -8.50 1.22
CA ARG A 66 -1.92 -9.47 1.29
C ARG A 66 -3.25 -8.76 1.06
N MET A 67 -3.62 -7.80 1.93
CA MET A 67 -4.96 -7.23 1.91
C MET A 67 -5.36 -6.57 0.59
N LEU A 68 -4.44 -6.03 -0.24
CA LEU A 68 -4.83 -5.63 -1.59
C LEU A 68 -5.53 -6.82 -2.26
N ALA A 69 -4.93 -8.01 -2.24
CA ALA A 69 -5.61 -9.21 -2.67
C ALA A 69 -6.49 -9.74 -1.54
N GLN A 70 -7.54 -8.98 -1.31
CA GLN A 70 -8.65 -9.31 -0.43
C GLN A 70 -9.55 -10.34 -1.14
N GLU A 71 -8.97 -11.49 -1.51
CA GLU A 71 -9.61 -12.55 -2.28
C GLU A 71 -8.98 -13.88 -1.84
N ALA A 1 -2.09 -15.03 -10.80
CA ALA A 1 -1.36 -13.80 -10.42
C ALA A 1 -2.09 -12.61 -11.02
N ARG A 2 -1.81 -11.41 -10.51
CA ARG A 2 -2.41 -10.15 -10.93
C ARG A 2 -1.53 -9.08 -10.32
N ALA A 3 -1.48 -7.95 -11.00
CA ALA A 3 -1.33 -6.67 -10.35
C ALA A 3 -2.58 -6.33 -9.55
N GLY A 4 -2.73 -7.12 -8.50
CA GLY A 4 -2.82 -6.58 -7.19
C GLY A 4 -1.42 -6.84 -6.67
N LEU A 5 -1.30 -7.83 -5.79
CA LEU A 5 -0.16 -8.04 -4.92
C LEU A 5 1.23 -7.81 -5.50
N GLU A 6 1.56 -8.41 -6.65
CA GLU A 6 2.87 -8.20 -7.28
C GLU A 6 3.16 -6.70 -7.43
N ASP A 7 2.21 -5.98 -8.00
CA ASP A 7 2.28 -4.54 -8.22
C ASP A 7 2.52 -3.84 -6.90
N LEU A 8 1.90 -4.35 -5.84
CA LEU A 8 1.98 -3.80 -4.50
C LEU A 8 3.34 -4.04 -3.88
N GLN A 9 3.91 -5.24 -3.97
CA GLN A 9 5.26 -5.48 -3.46
C GLN A 9 6.24 -4.55 -4.17
N VAL A 10 6.09 -4.39 -5.49
CA VAL A 10 6.86 -3.44 -6.24
C VAL A 10 6.58 -2.01 -5.74
N ALA A 11 5.33 -1.67 -5.42
CA ALA A 11 4.95 -0.40 -4.79
C ALA A 11 5.78 -0.19 -3.52
N PHE A 12 5.57 -1.07 -2.53
CA PHE A 12 6.26 -1.14 -1.26
C PHE A 12 7.76 -0.94 -1.44
N ARG A 13 8.37 -1.65 -2.39
CA ARG A 13 9.79 -1.56 -2.69
C ARG A 13 10.31 -0.11 -2.71
N ALA A 14 9.50 0.84 -3.20
CA ALA A 14 9.90 2.25 -3.18
C ALA A 14 10.13 2.75 -1.74
N PHE A 15 9.14 2.63 -0.86
CA PHE A 15 9.22 3.07 0.54
C PHE A 15 9.17 1.88 1.50
N ASP A 16 10.00 0.88 1.24
CA ASP A 16 10.00 -0.35 2.02
C ASP A 16 10.48 -0.15 3.46
N GLN A 17 11.20 0.96 3.63
CA GLN A 17 11.89 1.39 4.84
C GLN A 17 10.97 1.64 6.03
N ASP A 18 9.71 2.00 5.80
CA ASP A 18 8.76 2.12 6.90
C ASP A 18 8.12 0.74 7.11
N GLY A 19 7.74 0.10 5.99
CA GLY A 19 7.38 -1.31 5.92
C GLY A 19 8.27 -2.25 6.72
N ASP A 20 9.56 -1.92 6.95
CA ASP A 20 10.39 -2.52 8.00
C ASP A 20 9.56 -2.98 9.21
N GLY A 21 8.56 -2.19 9.60
CA GLY A 21 7.48 -2.67 10.46
C GLY A 21 6.08 -2.17 10.11
N HIS A 22 5.91 -0.92 9.66
CA HIS A 22 4.59 -0.34 9.39
C HIS A 22 4.69 0.66 8.25
N ILE A 23 3.80 0.58 7.27
CA ILE A 23 3.77 1.55 6.16
C ILE A 23 3.13 2.86 6.59
N THR A 24 3.39 3.89 5.78
CA THR A 24 2.58 5.09 5.69
C THR A 24 1.74 4.95 4.42
N VAL A 25 0.41 5.08 4.57
CA VAL A 25 -0.51 5.16 3.45
C VAL A 25 -0.02 6.18 2.41
N ASP A 26 0.64 7.25 2.87
CA ASP A 26 1.11 8.33 2.01
C ASP A 26 2.27 7.90 1.13
N GLU A 27 3.32 7.32 1.73
CA GLU A 27 4.41 6.67 1.02
C GLU A 27 3.86 5.64 0.03
N LEU A 28 2.86 4.88 0.45
CA LEU A 28 2.11 4.01 -0.46
C LEU A 28 1.61 4.79 -1.70
N ARG A 29 0.89 5.89 -1.46
CA ARG A 29 0.38 6.78 -2.51
C ARG A 29 1.51 7.35 -3.37
N ARG A 30 2.66 7.59 -2.77
CA ARG A 30 3.83 8.14 -3.42
C ARG A 30 4.39 7.07 -4.38
N ALA A 31 4.54 5.83 -3.88
CA ALA A 31 4.95 4.68 -4.67
C ALA A 31 4.13 4.52 -5.95
N MET A 32 2.81 4.68 -5.85
CA MET A 32 1.91 4.61 -6.99
C MET A 32 2.39 5.42 -8.22
N ALA A 33 3.05 6.56 -7.98
CA ALA A 33 3.62 7.36 -9.06
C ALA A 33 4.59 6.54 -9.92
N GLY A 34 5.35 5.64 -9.29
CA GLY A 34 6.23 4.71 -9.98
C GLY A 34 5.45 3.66 -10.76
N LEU A 35 4.25 3.28 -10.29
CA LEU A 35 3.50 2.18 -10.87
C LEU A 35 2.86 2.57 -12.20
N GLY A 36 2.03 3.61 -12.20
CA GLY A 36 1.26 3.96 -13.37
C GLY A 36 0.04 4.82 -13.08
N GLN A 37 -0.50 4.76 -11.85
CA GLN A 37 -1.64 5.55 -11.43
C GLN A 37 -1.14 6.65 -10.48
N PRO A 38 -0.59 7.77 -10.97
CA PRO A 38 0.09 8.71 -10.09
C PRO A 38 -0.87 9.43 -9.16
N LEU A 39 -0.74 9.22 -7.84
CA LEU A 39 -1.56 9.87 -6.84
C LEU A 39 -3.04 9.47 -7.05
N PRO A 40 -3.36 8.18 -6.93
CA PRO A 40 -4.66 7.67 -7.30
C PRO A 40 -5.59 7.82 -6.10
N GLN A 41 -6.00 9.06 -5.84
CA GLN A 41 -6.76 9.42 -4.65
C GLN A 41 -7.86 8.40 -4.32
N GLU A 42 -8.61 7.94 -5.33
CA GLU A 42 -9.67 6.94 -5.18
C GLU A 42 -9.13 5.59 -4.73
N GLU A 43 -8.09 5.09 -5.40
CA GLU A 43 -7.59 3.73 -5.17
C GLU A 43 -6.93 3.74 -3.79
N LEU A 44 -6.12 4.76 -3.54
CA LEU A 44 -5.49 4.93 -2.26
C LEU A 44 -6.49 5.32 -1.16
N ASP A 45 -7.57 6.06 -1.41
CA ASP A 45 -8.63 6.32 -0.43
C ASP A 45 -9.23 4.98 0.00
N ALA A 46 -9.63 4.21 -1.00
CA ALA A 46 -10.18 2.88 -0.82
C ALA A 46 -9.25 2.07 0.11
N MET A 47 -7.96 2.01 -0.21
CA MET A 47 -6.98 1.39 0.65
C MET A 47 -6.75 2.13 1.98
N ILE A 48 -6.80 3.47 2.01
CA ILE A 48 -6.58 4.28 3.19
C ILE A 48 -7.60 3.83 4.25
N ARG A 49 -8.86 3.69 3.82
CA ARG A 49 -9.95 3.27 4.68
C ARG A 49 -9.66 1.89 5.30
N GLU A 50 -9.22 0.95 4.45
CA GLU A 50 -8.88 -0.40 4.87
C GLU A 50 -7.60 -0.42 5.73
N ALA A 51 -6.69 0.53 5.49
CA ALA A 51 -5.37 0.64 6.10
C ALA A 51 -5.43 1.11 7.55
N ASP A 52 -6.27 0.49 8.38
CA ASP A 52 -6.30 0.76 9.81
C ASP A 52 -6.12 -0.54 10.59
N VAL A 53 -4.88 -0.98 10.72
CA VAL A 53 -4.50 -2.14 11.52
C VAL A 53 -4.35 -1.72 12.98
N ASP A 54 -3.74 -0.55 13.20
CA ASP A 54 -3.44 -0.05 14.55
C ASP A 54 -4.70 0.59 15.16
N GLN A 55 -4.89 1.90 14.94
CA GLN A 55 -6.08 2.63 15.31
C GLN A 55 -5.99 4.05 14.73
N ASP A 56 -5.56 4.16 13.46
CA ASP A 56 -5.07 5.39 12.86
C ASP A 56 -4.94 5.21 11.34
N GLY A 57 -3.77 4.78 10.88
CA GLY A 57 -3.46 4.64 9.47
C GLY A 57 -2.19 3.81 9.25
N ARG A 58 -1.91 2.89 10.18
CA ARG A 58 -0.79 1.96 10.08
C ARG A 58 -1.31 0.64 9.53
N VAL A 59 -0.45 -0.06 8.78
CA VAL A 59 -0.72 -1.34 8.17
C VAL A 59 0.57 -2.14 8.19
N ASN A 60 0.51 -3.41 8.61
CA ASN A 60 1.62 -4.33 8.46
C ASN A 60 1.94 -4.39 6.97
N TYR A 61 3.12 -3.89 6.60
CA TYR A 61 3.55 -3.72 5.21
C TYR A 61 3.24 -4.94 4.34
N GLU A 62 3.62 -6.14 4.79
CA GLU A 62 3.35 -7.34 4.04
C GLU A 62 1.85 -7.68 4.08
N GLU A 63 1.29 -7.81 5.29
CA GLU A 63 -0.11 -8.19 5.50
C GLU A 63 -1.06 -7.35 4.62
N PHE A 64 -0.82 -6.04 4.54
CA PHE A 64 -1.47 -5.10 3.63
C PHE A 64 -1.77 -5.73 2.27
N ALA A 65 -0.74 -6.32 1.68
CA ALA A 65 -0.80 -6.88 0.34
C ALA A 65 -1.85 -7.98 0.27
N ARG A 66 -2.03 -8.71 1.37
CA ARG A 66 -3.06 -9.72 1.52
C ARG A 66 -4.43 -9.03 1.45
N MET A 67 -4.62 -7.93 2.18
CA MET A 67 -5.88 -7.20 2.09
C MET A 67 -6.13 -6.71 0.67
N LEU A 68 -5.23 -5.93 0.05
CA LEU A 68 -5.46 -5.45 -1.29
C LEU A 68 -5.68 -6.62 -2.27
N ALA A 69 -4.84 -7.67 -2.22
CA ALA A 69 -5.11 -8.91 -2.96
C ALA A 69 -6.54 -9.43 -2.74
N GLN A 70 -7.08 -9.24 -1.54
CA GLN A 70 -8.36 -9.73 -1.05
C GLN A 70 -8.58 -11.19 -1.46
N GLU A 71 -7.51 -11.98 -1.34
CA GLU A 71 -7.42 -13.38 -1.71
C GLU A 71 -7.11 -14.14 -0.41
N ALA A 1 -1.11 -14.72 -10.47
CA ALA A 1 -0.26 -13.72 -9.81
C ALA A 1 -0.95 -12.36 -9.83
N ARG A 2 -0.97 -11.69 -10.99
CA ARG A 2 -1.42 -10.31 -11.18
C ARG A 2 -0.33 -9.33 -10.79
N ALA A 3 -0.61 -8.10 -11.23
CA ALA A 3 -0.19 -6.85 -10.64
C ALA A 3 -0.61 -6.95 -9.18
N GLY A 4 -1.83 -6.51 -8.86
CA GLY A 4 -2.41 -6.48 -7.53
C GLY A 4 -1.32 -6.58 -6.46
N LEU A 5 -1.15 -7.77 -5.92
CA LEU A 5 -0.18 -8.03 -4.88
C LEU A 5 1.26 -7.67 -5.24
N GLU A 6 1.72 -8.11 -6.40
CA GLU A 6 3.06 -7.83 -6.91
C GLU A 6 3.24 -6.31 -7.08
N ASP A 7 2.30 -5.68 -7.78
CA ASP A 7 2.33 -4.25 -8.07
C ASP A 7 2.41 -3.50 -6.76
N LEU A 8 1.49 -3.79 -5.86
CA LEU A 8 1.42 -3.18 -4.57
C LEU A 8 2.70 -3.45 -3.76
N GLN A 9 3.25 -4.66 -3.76
CA GLN A 9 4.52 -4.91 -3.08
C GLN A 9 5.64 -4.06 -3.68
N VAL A 10 5.69 -3.90 -5.01
CA VAL A 10 6.57 -2.97 -5.66
C VAL A 10 6.28 -1.54 -5.19
N ALA A 11 5.00 -1.18 -5.02
CA ALA A 11 4.56 0.09 -4.44
C ALA A 11 5.27 0.30 -3.10
N PHE A 12 5.02 -0.64 -2.18
CA PHE A 12 5.63 -0.67 -0.86
C PHE A 12 7.14 -0.50 -0.94
N ARG A 13 7.81 -1.29 -1.78
CA ARG A 13 9.27 -1.34 -1.88
C ARG A 13 9.90 0.06 -1.98
N ALA A 14 9.21 1.04 -2.57
CA ALA A 14 9.70 2.42 -2.58
C ALA A 14 9.97 2.94 -1.16
N PHE A 15 9.01 2.77 -0.25
CA PHE A 15 9.05 3.30 1.12
C PHE A 15 9.23 2.19 2.18
N ASP A 16 9.40 0.93 1.76
CA ASP A 16 9.74 -0.17 2.65
C ASP A 16 11.24 -0.39 2.72
N GLN A 17 11.64 -1.16 3.72
CA GLN A 17 12.91 -1.83 3.82
C GLN A 17 12.72 -3.33 3.69
N ASP A 18 11.77 -3.91 4.44
CA ASP A 18 11.36 -5.31 4.42
C ASP A 18 10.33 -5.52 5.54
N GLY A 19 9.19 -4.85 5.47
CA GLY A 19 8.22 -4.95 6.56
C GLY A 19 8.77 -4.31 7.83
N ASP A 20 9.27 -3.08 7.71
CA ASP A 20 9.94 -2.36 8.80
C ASP A 20 9.07 -2.33 10.07
N GLY A 21 7.84 -1.85 9.94
CA GLY A 21 6.92 -1.80 11.07
C GLY A 21 5.60 -1.10 10.72
N HIS A 22 5.63 -0.10 9.84
CA HIS A 22 4.48 0.73 9.54
C HIS A 22 4.76 1.52 8.26
N ILE A 23 3.84 1.52 7.30
CA ILE A 23 3.99 2.42 6.14
C ILE A 23 3.53 3.82 6.48
N THR A 24 3.89 4.72 5.58
CA THR A 24 3.35 6.04 5.45
C THR A 24 2.42 6.02 4.23
N VAL A 25 1.13 6.22 4.47
CA VAL A 25 0.08 6.07 3.48
C VAL A 25 0.29 7.03 2.32
N ASP A 26 0.85 8.19 2.65
CA ASP A 26 1.19 9.17 1.61
C ASP A 26 2.40 8.71 0.75
N GLU A 27 3.30 7.92 1.34
CA GLU A 27 4.39 7.24 0.65
C GLU A 27 3.81 6.20 -0.28
N LEU A 28 2.88 5.40 0.22
CA LEU A 28 2.05 4.50 -0.59
C LEU A 28 1.53 5.23 -1.82
N ARG A 29 0.89 6.38 -1.61
CA ARG A 29 0.34 7.21 -2.68
C ARG A 29 1.44 7.69 -3.65
N ARG A 30 2.54 8.19 -3.11
CA ARG A 30 3.73 8.58 -3.86
C ARG A 30 4.17 7.43 -4.77
N ALA A 31 4.25 6.21 -4.22
CA ALA A 31 4.75 5.04 -4.90
C ALA A 31 3.97 4.78 -6.18
N MET A 32 2.65 4.91 -6.12
CA MET A 32 1.80 4.78 -7.29
C MET A 32 2.21 5.63 -8.49
N ALA A 33 2.94 6.73 -8.28
CA ALA A 33 3.55 7.47 -9.38
C ALA A 33 4.38 6.54 -10.27
N GLY A 34 5.09 5.60 -9.66
CA GLY A 34 5.86 4.56 -10.33
C GLY A 34 4.94 3.57 -11.07
N LEU A 35 3.81 3.21 -10.46
CA LEU A 35 2.96 2.14 -10.97
C LEU A 35 2.36 2.46 -12.33
N GLY A 36 1.85 3.68 -12.51
CA GLY A 36 1.18 4.08 -13.73
C GLY A 36 -0.19 4.72 -13.47
N GLN A 37 -0.69 4.62 -12.24
CA GLN A 37 -1.85 5.36 -11.77
C GLN A 37 -1.38 6.40 -10.75
N PRO A 38 -0.84 7.55 -11.21
CA PRO A 38 -0.18 8.52 -10.32
C PRO A 38 -1.20 9.28 -9.48
N LEU A 39 -0.99 9.30 -8.16
CA LEU A 39 -1.85 10.00 -7.21
C LEU A 39 -3.32 9.63 -7.39
N PRO A 40 -3.66 8.34 -7.28
CA PRO A 40 -4.98 7.86 -7.61
C PRO A 40 -5.87 8.09 -6.40
N GLN A 41 -6.34 9.31 -6.20
CA GLN A 41 -6.95 9.72 -4.94
C GLN A 41 -8.06 8.76 -4.48
N GLU A 42 -8.86 8.23 -5.42
CA GLU A 42 -9.94 7.26 -5.16
C GLU A 42 -9.40 5.90 -4.78
N GLU A 43 -8.51 5.34 -5.60
CA GLU A 43 -7.96 4.02 -5.35
C GLU A 43 -7.22 4.07 -4.01
N LEU A 44 -6.45 5.13 -3.78
CA LEU A 44 -5.77 5.35 -2.53
C LEU A 44 -6.74 5.68 -1.40
N ASP A 45 -7.84 6.43 -1.60
CA ASP A 45 -8.87 6.64 -0.57
C ASP A 45 -9.42 5.30 -0.09
N ALA A 46 -9.75 4.46 -1.08
CA ALA A 46 -10.24 3.12 -0.88
C ALA A 46 -9.22 2.35 -0.03
N MET A 47 -7.99 2.19 -0.52
CA MET A 47 -6.92 1.60 0.26
C MET A 47 -6.72 2.29 1.62
N ILE A 48 -6.87 3.62 1.71
CA ILE A 48 -6.73 4.39 2.94
C ILE A 48 -7.73 3.84 3.96
N ARG A 49 -8.98 3.61 3.54
CA ARG A 49 -9.99 3.04 4.41
C ARG A 49 -9.62 1.62 4.82
N GLU A 50 -9.29 0.77 3.85
CA GLU A 50 -8.84 -0.60 4.17
C GLU A 50 -7.53 -0.59 4.96
N ALA A 51 -6.79 0.53 4.99
CA ALA A 51 -5.52 0.63 5.68
C ALA A 51 -5.66 0.86 7.18
N ASP A 52 -6.36 -0.04 7.89
CA ASP A 52 -6.56 0.05 9.33
C ASP A 52 -6.07 -1.22 10.04
N VAL A 53 -4.75 -1.46 10.03
CA VAL A 53 -4.22 -2.57 10.82
C VAL A 53 -4.45 -2.30 12.31
N ASP A 54 -4.04 -1.10 12.76
CA ASP A 54 -4.14 -0.70 14.16
C ASP A 54 -5.57 -0.26 14.46
N GLN A 55 -5.80 1.06 14.53
CA GLN A 55 -7.10 1.66 14.86
C GLN A 55 -7.03 3.18 14.64
N ASP A 56 -6.55 3.58 13.45
CA ASP A 56 -6.34 4.97 13.08
C ASP A 56 -6.18 5.04 11.56
N GLY A 57 -4.97 4.76 11.07
CA GLY A 57 -4.69 4.65 9.65
C GLY A 57 -3.27 4.10 9.44
N ARG A 58 -2.92 3.07 10.20
CA ARG A 58 -1.61 2.44 10.17
C ARG A 58 -1.77 1.05 9.59
N VAL A 59 -0.92 0.66 8.65
CA VAL A 59 -0.75 -0.69 8.19
C VAL A 59 0.73 -1.06 8.23
N ASN A 60 1.02 -2.34 8.47
CA ASN A 60 2.35 -2.90 8.30
C ASN A 60 2.52 -3.28 6.84
N TYR A 61 3.74 -3.23 6.28
CA TYR A 61 3.92 -3.46 4.86
C TYR A 61 3.40 -4.82 4.41
N GLU A 62 4.03 -5.88 4.91
CA GLU A 62 3.79 -7.23 4.41
C GLU A 62 2.34 -7.62 4.71
N GLU A 63 1.91 -7.31 5.94
CA GLU A 63 0.54 -7.49 6.40
C GLU A 63 -0.44 -6.76 5.47
N PHE A 64 -0.14 -5.51 5.09
CA PHE A 64 -0.94 -4.80 4.10
C PHE A 64 -0.99 -5.58 2.79
N ALA A 65 0.19 -5.92 2.30
CA ALA A 65 0.37 -6.61 1.05
C ALA A 65 -0.46 -7.91 1.03
N ARG A 66 -0.67 -8.52 2.20
CA ARG A 66 -1.68 -9.55 2.41
C ARG A 66 -3.09 -8.98 2.18
N MET A 67 -3.60 -8.13 3.09
CA MET A 67 -5.01 -7.74 3.09
C MET A 67 -5.47 -6.94 1.87
N LEU A 68 -4.54 -6.31 1.12
CA LEU A 68 -4.77 -5.79 -0.21
C LEU A 68 -5.65 -6.79 -0.97
N ALA A 69 -5.21 -8.06 -1.03
CA ALA A 69 -5.86 -9.09 -1.83
C ALA A 69 -7.05 -9.73 -1.11
N GLN A 70 -7.88 -8.84 -0.61
CA GLN A 70 -9.06 -9.00 0.20
C GLN A 70 -9.01 -10.15 1.21
N GLU A 71 -7.87 -10.28 1.91
CA GLU A 71 -7.58 -11.24 2.96
C GLU A 71 -7.37 -12.66 2.41
N ALA A 1 2.91 -11.85 -11.68
CA ALA A 1 2.44 -10.73 -12.51
C ALA A 1 0.93 -10.50 -12.36
N ARG A 2 0.43 -10.42 -11.12
CA ARG A 2 -0.77 -9.66 -10.83
C ARG A 2 -0.35 -8.27 -10.44
N ALA A 3 -1.34 -7.39 -10.42
CA ALA A 3 -1.27 -6.21 -9.62
C ALA A 3 -1.55 -6.62 -8.19
N GLY A 4 -2.31 -5.82 -7.46
CA GLY A 4 -2.63 -6.11 -6.09
C GLY A 4 -1.33 -6.26 -5.33
N LEU A 5 -1.03 -7.47 -4.86
CA LEU A 5 0.11 -7.70 -4.00
C LEU A 5 1.45 -7.42 -4.67
N GLU A 6 1.73 -8.07 -5.80
CA GLU A 6 2.98 -7.86 -6.52
C GLU A 6 3.18 -6.37 -6.80
N ASP A 7 2.16 -5.73 -7.39
CA ASP A 7 2.21 -4.29 -7.67
C ASP A 7 2.52 -3.54 -6.40
N LEU A 8 1.84 -3.89 -5.32
CA LEU A 8 2.06 -3.21 -4.07
C LEU A 8 3.45 -3.44 -3.50
N GLN A 9 4.04 -4.62 -3.59
CA GLN A 9 5.41 -4.78 -3.13
C GLN A 9 6.33 -3.87 -3.96
N VAL A 10 6.13 -3.85 -5.28
CA VAL A 10 6.82 -3.00 -6.21
C VAL A 10 6.52 -1.51 -5.93
N ALA A 11 5.33 -1.18 -5.41
CA ALA A 11 4.96 0.15 -4.94
C ALA A 11 5.78 0.47 -3.68
N PHE A 12 5.49 -0.27 -2.63
CA PHE A 12 6.08 -0.20 -1.30
C PHE A 12 7.57 0.03 -1.34
N ARG A 13 8.30 -0.68 -2.21
CA ARG A 13 9.74 -0.51 -2.37
C ARG A 13 10.18 0.96 -2.27
N ALA A 14 9.33 1.87 -2.77
CA ALA A 14 9.51 3.31 -2.66
C ALA A 14 9.84 3.74 -1.22
N PHE A 15 9.02 3.33 -0.24
CA PHE A 15 9.19 3.64 1.18
C PHE A 15 8.96 2.38 2.03
N ASP A 16 9.66 1.30 1.71
CA ASP A 16 9.52 0.01 2.37
C ASP A 16 10.32 -0.03 3.68
N GLN A 17 9.97 -0.98 4.53
CA GLN A 17 10.70 -1.40 5.71
C GLN A 17 11.08 -2.86 5.48
N ASP A 18 10.40 -3.79 6.16
CA ASP A 18 10.68 -5.22 6.10
C ASP A 18 9.62 -6.00 6.90
N GLY A 19 8.33 -5.68 6.74
CA GLY A 19 7.28 -6.45 7.40
C GLY A 19 7.11 -5.95 8.83
N ASP A 20 8.12 -6.20 9.68
CA ASP A 20 8.22 -5.63 11.01
C ASP A 20 8.62 -4.16 10.87
N GLY A 21 7.68 -3.38 10.32
CA GLY A 21 7.87 -2.01 9.92
C GLY A 21 6.53 -1.30 9.99
N HIS A 22 6.35 -0.28 9.16
CA HIS A 22 5.10 0.43 8.99
C HIS A 22 5.21 1.35 7.78
N ILE A 23 4.20 1.37 6.92
CA ILE A 23 4.03 2.37 5.87
C ILE A 23 3.24 3.57 6.35
N THR A 24 3.32 4.66 5.59
CA THR A 24 2.28 5.68 5.50
C THR A 24 1.52 5.48 4.19
N VAL A 25 0.19 5.54 4.29
CA VAL A 25 -0.71 5.64 3.15
C VAL A 25 -0.24 6.70 2.14
N ASP A 26 0.40 7.78 2.63
CA ASP A 26 0.84 8.86 1.75
C ASP A 26 2.02 8.42 0.89
N GLU A 27 3.04 7.82 1.52
CA GLU A 27 4.14 7.19 0.80
C GLU A 27 3.62 6.18 -0.22
N LEU A 28 2.58 5.43 0.12
CA LEU A 28 1.88 4.56 -0.80
C LEU A 28 1.38 5.35 -2.03
N ARG A 29 0.65 6.44 -1.80
CA ARG A 29 0.20 7.35 -2.87
C ARG A 29 1.37 7.72 -3.77
N ARG A 30 2.46 8.15 -3.14
CA ARG A 30 3.66 8.61 -3.83
C ARG A 30 4.24 7.47 -4.68
N ALA A 31 4.39 6.28 -4.08
CA ALA A 31 4.81 5.08 -4.77
C ALA A 31 3.99 4.84 -6.02
N MET A 32 2.67 4.94 -5.90
CA MET A 32 1.74 4.63 -6.98
C MET A 32 1.84 5.63 -8.14
N ALA A 33 2.50 6.78 -7.95
CA ALA A 33 3.00 7.59 -9.06
C ALA A 33 3.78 6.75 -10.07
N GLY A 34 4.53 5.76 -9.55
CA GLY A 34 5.32 4.83 -10.30
C GLY A 34 4.52 3.94 -11.25
N LEU A 35 3.27 3.59 -10.92
CA LEU A 35 2.58 2.50 -11.59
C LEU A 35 1.98 2.92 -12.93
N GLY A 36 1.06 3.88 -12.92
CA GLY A 36 0.21 4.17 -14.05
C GLY A 36 -0.96 5.07 -13.67
N GLN A 37 -1.45 4.89 -12.44
CA GLN A 37 -2.51 5.67 -11.81
C GLN A 37 -1.90 6.57 -10.72
N PRO A 38 -1.26 7.71 -11.10
CA PRO A 38 -0.53 8.57 -10.18
C PRO A 38 -1.48 9.46 -9.38
N LEU A 39 -1.21 9.65 -8.08
CA LEU A 39 -2.13 10.30 -7.15
C LEU A 39 -3.57 9.87 -7.40
N PRO A 40 -3.82 8.56 -7.29
CA PRO A 40 -5.13 8.03 -7.55
C PRO A 40 -5.94 8.27 -6.31
N GLN A 41 -6.41 9.51 -6.10
CA GLN A 41 -7.01 9.88 -4.83
C GLN A 41 -8.10 8.88 -4.44
N GLU A 42 -8.93 8.45 -5.39
CA GLU A 42 -9.98 7.45 -5.19
C GLU A 42 -9.43 6.09 -4.82
N GLU A 43 -8.45 5.61 -5.58
CA GLU A 43 -7.96 4.26 -5.42
C GLU A 43 -7.20 4.21 -4.09
N LEU A 44 -6.32 5.18 -3.85
CA LEU A 44 -5.67 5.32 -2.57
C LEU A 44 -6.65 5.62 -1.44
N ASP A 45 -7.75 6.38 -1.64
CA ASP A 45 -8.78 6.61 -0.63
C ASP A 45 -9.38 5.27 -0.23
N ALA A 46 -9.74 4.50 -1.24
CA ALA A 46 -10.27 3.16 -1.10
C ALA A 46 -9.31 2.30 -0.27
N MET A 47 -8.03 2.23 -0.66
CA MET A 47 -6.99 1.58 0.15
C MET A 47 -6.89 2.20 1.55
N ILE A 48 -6.90 3.54 1.65
CA ILE A 48 -6.68 4.30 2.88
C ILE A 48 -7.64 3.75 3.93
N ARG A 49 -8.91 3.65 3.57
CA ARG A 49 -9.95 3.18 4.47
C ARG A 49 -9.79 1.70 4.86
N GLU A 50 -8.95 0.94 4.14
CA GLU A 50 -8.58 -0.44 4.45
C GLU A 50 -7.17 -0.53 5.05
N ALA A 51 -6.43 0.58 5.15
CA ALA A 51 -5.11 0.67 5.78
C ALA A 51 -5.28 1.00 7.28
N ASP A 52 -6.25 0.39 7.94
CA ASP A 52 -6.67 0.74 9.29
C ASP A 52 -6.24 -0.34 10.29
N VAL A 53 -4.94 -0.64 10.32
CA VAL A 53 -4.38 -1.69 11.18
C VAL A 53 -4.21 -1.18 12.61
N ASP A 54 -3.53 -0.05 12.83
CA ASP A 54 -3.47 0.52 14.18
C ASP A 54 -4.83 1.14 14.51
N GLN A 55 -4.99 2.44 14.28
CA GLN A 55 -6.22 3.17 14.56
C GLN A 55 -6.15 4.56 13.90
N ASP A 56 -5.51 4.64 12.74
CA ASP A 56 -5.19 5.90 12.06
C ASP A 56 -4.97 5.59 10.57
N GLY A 57 -3.72 5.31 10.17
CA GLY A 57 -3.38 4.90 8.81
C GLY A 57 -2.01 4.24 8.77
N ARG A 58 -1.66 3.48 9.82
CA ARG A 58 -0.47 2.65 9.87
C ARG A 58 -0.85 1.23 9.48
N VAL A 59 0.03 0.54 8.74
CA VAL A 59 -0.21 -0.77 8.17
C VAL A 59 1.08 -1.59 8.18
N ASN A 60 1.04 -2.82 8.72
CA ASN A 60 2.12 -3.79 8.58
C ASN A 60 2.31 -4.03 7.08
N TYR A 61 3.41 -3.55 6.51
CA TYR A 61 3.54 -3.41 5.06
C TYR A 61 3.33 -4.75 4.32
N GLU A 62 3.91 -5.83 4.84
CA GLU A 62 3.83 -7.15 4.24
C GLU A 62 2.42 -7.72 4.44
N GLU A 63 1.94 -7.68 5.68
CA GLU A 63 0.63 -8.20 6.04
C GLU A 63 -0.45 -7.52 5.18
N PHE A 64 -0.29 -6.22 4.92
CA PHE A 64 -1.17 -5.49 4.02
C PHE A 64 -1.22 -6.11 2.65
N ALA A 65 -0.04 -6.42 2.11
CA ALA A 65 0.06 -7.03 0.82
C ALA A 65 -0.76 -8.32 0.77
N ARG A 66 -0.78 -9.10 1.86
CA ARG A 66 -1.66 -10.27 1.94
C ARG A 66 -3.11 -9.89 1.62
N MET A 67 -3.61 -8.77 2.17
CA MET A 67 -4.96 -8.32 1.86
C MET A 67 -5.07 -7.99 0.37
N LEU A 68 -4.13 -7.22 -0.20
CA LEU A 68 -4.11 -6.93 -1.63
C LEU A 68 -3.66 -8.09 -2.53
N ALA A 69 -3.34 -9.23 -1.93
CA ALA A 69 -3.37 -10.52 -2.59
C ALA A 69 -4.80 -11.07 -2.57
N GLN A 70 -5.46 -10.97 -1.41
CA GLN A 70 -6.74 -11.56 -1.09
C GLN A 70 -6.66 -13.06 -1.37
N GLU A 71 -5.80 -13.73 -0.62
CA GLU A 71 -5.57 -15.17 -0.70
C GLU A 71 -6.85 -15.91 -0.27
N ALA A 1 1.97 -14.76 -12.64
CA ALA A 1 2.53 -13.49 -12.16
C ALA A 1 1.57 -12.37 -12.58
N ARG A 2 1.48 -11.29 -11.80
CA ARG A 2 0.60 -10.15 -12.01
C ARG A 2 0.84 -9.13 -10.91
N ALA A 3 0.70 -7.87 -11.30
CA ALA A 3 0.18 -6.87 -10.41
C ALA A 3 -1.30 -7.14 -10.13
N GLY A 4 -1.47 -8.16 -9.33
CA GLY A 4 -2.24 -8.02 -8.13
C GLY A 4 -1.17 -7.92 -7.07
N LEU A 5 -0.72 -9.07 -6.57
CA LEU A 5 0.11 -9.24 -5.40
C LEU A 5 1.58 -8.83 -5.54
N GLU A 6 2.27 -9.40 -6.53
CA GLU A 6 3.71 -9.21 -6.66
C GLU A 6 4.04 -7.73 -6.79
N ASP A 7 3.34 -7.08 -7.72
CA ASP A 7 3.70 -5.72 -8.10
C ASP A 7 3.20 -4.72 -7.09
N LEU A 8 2.15 -5.09 -6.35
CA LEU A 8 1.77 -4.45 -5.12
C LEU A 8 2.98 -4.38 -4.19
N GLN A 9 3.63 -5.52 -3.94
CA GLN A 9 4.73 -5.52 -2.99
C GLN A 9 5.85 -4.62 -3.49
N VAL A 10 6.26 -4.77 -4.75
CA VAL A 10 7.26 -3.94 -5.38
C VAL A 10 6.86 -2.46 -5.29
N ALA A 11 5.61 -2.13 -5.64
CA ALA A 11 5.02 -0.80 -5.52
C ALA A 11 5.32 -0.25 -4.14
N PHE A 12 4.86 -0.99 -3.14
CA PHE A 12 4.89 -0.60 -1.75
C PHE A 12 6.34 -0.38 -1.31
N ARG A 13 7.22 -1.25 -1.80
CA ARG A 13 8.65 -1.18 -1.57
C ARG A 13 9.33 0.02 -2.26
N ALA A 14 8.58 0.94 -2.90
CA ALA A 14 9.13 2.20 -3.35
C ALA A 14 9.55 3.06 -2.16
N PHE A 15 8.63 3.30 -1.22
CA PHE A 15 8.87 4.11 -0.03
C PHE A 15 9.03 3.24 1.20
N ASP A 16 9.82 2.17 1.07
CA ASP A 16 9.98 1.19 2.12
C ASP A 16 11.14 0.29 1.74
N GLN A 17 11.75 -0.34 2.75
CA GLN A 17 12.74 -1.38 2.55
C GLN A 17 12.07 -2.75 2.54
N ASP A 18 11.17 -3.02 3.48
CA ASP A 18 10.57 -4.34 3.73
C ASP A 18 9.68 -4.24 4.98
N GLY A 19 8.84 -3.21 5.05
CA GLY A 19 8.23 -2.69 6.25
C GLY A 19 9.25 -2.12 7.23
N ASP A 20 10.03 -3.04 7.81
CA ASP A 20 10.50 -2.97 9.19
C ASP A 20 9.36 -2.43 10.08
N GLY A 21 8.13 -2.90 9.79
CA GLY A 21 6.91 -2.41 10.40
C GLY A 21 5.81 -1.93 9.43
N HIS A 22 5.84 -0.63 9.10
CA HIS A 22 4.64 0.12 8.75
C HIS A 22 4.95 1.19 7.71
N ILE A 23 4.01 1.39 6.77
CA ILE A 23 4.06 2.42 5.73
C ILE A 23 3.30 3.65 6.18
N THR A 24 3.76 4.84 5.78
CA THR A 24 2.86 5.99 5.75
C THR A 24 2.00 5.88 4.49
N VAL A 25 0.70 5.84 4.72
CA VAL A 25 -0.32 5.73 3.69
C VAL A 25 -0.10 6.78 2.59
N ASP A 26 0.49 7.93 2.97
CA ASP A 26 0.79 8.98 2.01
C ASP A 26 1.95 8.62 1.07
N GLU A 27 3.02 8.06 1.61
CA GLU A 27 4.10 7.47 0.82
C GLU A 27 3.51 6.39 -0.10
N LEU A 28 2.59 5.60 0.43
CA LEU A 28 1.82 4.66 -0.37
C LEU A 28 1.21 5.35 -1.59
N ARG A 29 0.57 6.51 -1.41
CA ARG A 29 0.05 7.28 -2.53
C ARG A 29 1.15 7.62 -3.55
N ARG A 30 2.34 7.99 -3.08
CA ARG A 30 3.48 8.20 -3.98
C ARG A 30 3.95 6.90 -4.66
N ALA A 31 3.91 5.74 -4.00
CA ALA A 31 4.36 4.46 -4.57
C ALA A 31 3.86 4.27 -6.00
N MET A 32 2.56 4.55 -6.18
CA MET A 32 1.89 4.38 -7.45
C MET A 32 2.40 5.38 -8.50
N ALA A 33 2.87 6.55 -8.07
CA ALA A 33 3.59 7.46 -8.96
C ALA A 33 4.87 6.79 -9.45
N GLY A 34 5.58 6.11 -8.54
CA GLY A 34 6.74 5.30 -8.87
C GLY A 34 6.42 4.29 -9.98
N LEU A 35 5.31 3.55 -9.82
CA LEU A 35 4.82 2.66 -10.88
C LEU A 35 4.56 3.42 -12.17
N GLY A 36 3.83 4.54 -12.09
CA GLY A 36 3.59 5.41 -13.22
C GLY A 36 2.21 6.06 -13.14
N GLN A 37 1.20 5.27 -12.76
CA GLN A 37 -0.16 5.74 -12.56
C GLN A 37 -0.41 5.99 -11.06
N PRO A 38 -0.20 7.20 -10.53
CA PRO A 38 -0.50 7.49 -9.14
C PRO A 38 -1.99 7.28 -8.87
N LEU A 39 -2.32 6.41 -7.91
CA LEU A 39 -3.71 6.20 -7.50
C LEU A 39 -4.28 7.54 -7.05
N PRO A 40 -5.34 8.06 -7.70
CA PRO A 40 -5.93 9.34 -7.32
C PRO A 40 -6.56 9.22 -5.94
N GLN A 41 -6.85 10.37 -5.31
CA GLN A 41 -7.16 10.40 -3.89
C GLN A 41 -8.25 9.40 -3.55
N GLU A 42 -9.44 9.46 -4.15
CA GLU A 42 -10.54 8.50 -3.95
C GLU A 42 -10.03 7.05 -3.87
N GLU A 43 -9.19 6.66 -4.82
CA GLU A 43 -8.67 5.31 -4.92
C GLU A 43 -7.84 5.03 -3.65
N LEU A 44 -6.90 5.93 -3.37
CA LEU A 44 -6.05 5.73 -2.20
C LEU A 44 -6.86 5.83 -0.91
N ASP A 45 -7.70 6.84 -0.68
CA ASP A 45 -8.68 6.98 0.40
C ASP A 45 -9.40 5.66 0.68
N ALA A 46 -9.93 5.08 -0.39
CA ALA A 46 -10.59 3.79 -0.32
C ALA A 46 -9.67 2.73 0.33
N MET A 47 -8.36 2.73 0.00
CA MET A 47 -7.35 1.91 0.63
C MET A 47 -6.89 2.48 1.98
N ILE A 48 -6.97 3.79 2.22
CA ILE A 48 -6.57 4.43 3.47
C ILE A 48 -7.42 3.79 4.57
N ARG A 49 -8.74 3.78 4.36
CA ARG A 49 -9.66 3.20 5.31
C ARG A 49 -9.39 1.70 5.56
N GLU A 50 -8.78 1.01 4.59
CA GLU A 50 -8.34 -0.37 4.77
C GLU A 50 -7.01 -0.41 5.53
N ALA A 51 -6.12 0.57 5.29
CA ALA A 51 -4.85 0.76 5.99
C ALA A 51 -5.04 1.27 7.43
N ASP A 52 -6.06 0.77 8.13
CA ASP A 52 -6.30 1.05 9.53
C ASP A 52 -6.07 -0.27 10.26
N VAL A 53 -4.82 -0.74 10.35
CA VAL A 53 -4.48 -1.90 11.16
C VAL A 53 -4.77 -1.56 12.63
N ASP A 54 -4.16 -0.47 13.12
CA ASP A 54 -4.36 0.02 14.48
C ASP A 54 -5.59 0.93 14.46
N GLN A 55 -5.94 1.47 15.63
CA GLN A 55 -6.93 2.54 15.77
C GLN A 55 -6.34 3.87 15.28
N ASP A 56 -5.86 3.93 14.03
CA ASP A 56 -5.52 5.17 13.33
C ASP A 56 -5.25 4.78 11.86
N GLY A 57 -4.69 5.70 11.06
CA GLY A 57 -4.35 5.46 9.68
C GLY A 57 -2.99 4.78 9.56
N ARG A 58 -2.86 3.60 10.16
CA ARG A 58 -1.61 2.85 10.26
C ARG A 58 -1.85 1.45 9.74
N VAL A 59 -1.26 1.04 8.61
CA VAL A 59 -1.31 -0.36 8.19
C VAL A 59 -0.10 -1.13 8.76
N ASN A 60 -0.08 -2.45 8.59
CA ASN A 60 1.13 -3.26 8.67
C ASN A 60 1.57 -3.54 7.23
N TYR A 61 2.75 -3.05 6.84
CA TYR A 61 3.27 -3.10 5.47
C TYR A 61 2.95 -4.45 4.81
N GLU A 62 3.32 -5.56 5.46
CA GLU A 62 3.22 -6.89 4.88
C GLU A 62 1.75 -7.34 4.84
N GLU A 63 1.07 -7.30 5.99
CA GLU A 63 -0.31 -7.74 6.12
C GLU A 63 -1.21 -7.02 5.08
N PHE A 64 -0.89 -5.75 4.76
CA PHE A 64 -1.55 -5.08 3.64
C PHE A 64 -1.58 -5.95 2.40
N ALA A 65 -0.42 -6.44 1.97
CA ALA A 65 -0.28 -7.10 0.69
C ALA A 65 -1.23 -8.29 0.61
N ARG A 66 -1.37 -9.00 1.73
CA ARG A 66 -2.35 -10.05 1.90
C ARG A 66 -3.76 -9.55 1.58
N MET A 67 -4.12 -8.34 2.04
CA MET A 67 -5.42 -7.77 1.78
C MET A 67 -5.61 -7.46 0.30
N LEU A 68 -4.66 -6.77 -0.39
CA LEU A 68 -4.86 -6.55 -1.81
C LEU A 68 -4.95 -7.89 -2.55
N ALA A 69 -4.06 -8.84 -2.23
CA ALA A 69 -4.16 -10.20 -2.73
C ALA A 69 -5.56 -10.78 -2.52
N GLN A 70 -6.12 -10.59 -1.32
CA GLN A 70 -7.46 -11.00 -0.92
C GLN A 70 -7.62 -12.52 -1.11
N GLU A 71 -6.97 -13.32 -0.26
CA GLU A 71 -7.16 -14.76 -0.26
C GLU A 71 -8.57 -15.13 0.20
N ALA A 1 -1.40 -10.29 -15.65
CA ALA A 1 -0.91 -11.36 -14.77
C ALA A 1 -1.31 -11.07 -13.32
N ARG A 2 -0.47 -10.38 -12.53
CA ARG A 2 -0.72 -10.21 -11.10
C ARG A 2 -0.21 -8.88 -10.58
N ALA A 3 -0.55 -7.88 -11.37
CA ALA A 3 -0.96 -6.63 -10.77
C ALA A 3 -2.12 -6.87 -9.81
N GLY A 4 -2.53 -5.81 -9.14
CA GLY A 4 -2.96 -6.02 -7.78
C GLY A 4 -1.67 -6.45 -7.06
N LEU A 5 -1.61 -7.67 -6.57
CA LEU A 5 -0.70 -7.98 -5.48
C LEU A 5 0.77 -7.65 -5.75
N GLU A 6 1.26 -8.02 -6.92
CA GLU A 6 2.65 -7.81 -7.29
C GLU A 6 2.88 -6.32 -7.52
N ASP A 7 1.97 -5.66 -8.23
CA ASP A 7 2.01 -4.22 -8.46
C ASP A 7 2.16 -3.51 -7.12
N LEU A 8 1.31 -3.85 -6.16
CA LEU A 8 1.34 -3.25 -4.85
C LEU A 8 2.69 -3.51 -4.17
N GLN A 9 3.18 -4.75 -4.08
CA GLN A 9 4.45 -4.99 -3.40
C GLN A 9 5.62 -4.27 -4.09
N VAL A 10 5.67 -4.30 -5.42
CA VAL A 10 6.66 -3.60 -6.20
C VAL A 10 6.54 -2.10 -5.94
N ALA A 11 5.31 -1.58 -5.82
CA ALA A 11 5.06 -0.22 -5.37
C ALA A 11 5.77 0.01 -4.04
N PHE A 12 5.38 -0.76 -3.03
CA PHE A 12 5.85 -0.66 -1.65
C PHE A 12 7.35 -0.51 -1.59
N ARG A 13 8.08 -1.33 -2.35
CA ARG A 13 9.54 -1.27 -2.42
C ARG A 13 10.09 0.17 -2.40
N ALA A 14 9.42 1.11 -3.10
CA ALA A 14 9.81 2.51 -3.13
C ALA A 14 9.98 3.10 -1.72
N PHE A 15 8.98 2.96 -0.84
CA PHE A 15 9.00 3.51 0.51
C PHE A 15 9.10 2.41 1.55
N ASP A 16 9.70 1.26 1.20
CA ASP A 16 9.79 0.11 2.08
C ASP A 16 11.20 -0.04 2.64
N GLN A 17 11.27 -0.09 3.96
CA GLN A 17 12.48 -0.40 4.72
C GLN A 17 12.68 -1.93 4.85
N ASP A 18 11.82 -2.70 4.16
CA ASP A 18 11.70 -4.14 4.10
C ASP A 18 10.87 -4.62 5.30
N GLY A 19 9.61 -4.19 5.36
CA GLY A 19 8.70 -4.67 6.40
C GLY A 19 9.03 -4.09 7.78
N ASP A 20 9.41 -2.81 7.83
CA ASP A 20 9.78 -2.09 9.06
C ASP A 20 8.78 -2.34 10.20
N GLY A 21 7.50 -2.11 9.93
CA GLY A 21 6.50 -1.98 10.98
C GLY A 21 5.35 -1.11 10.50
N HIS A 22 5.62 -0.04 9.73
CA HIS A 22 4.60 0.89 9.29
C HIS A 22 4.89 1.47 7.90
N ILE A 23 3.93 1.38 6.97
CA ILE A 23 3.93 2.29 5.83
C ILE A 23 3.46 3.67 6.28
N THR A 24 4.07 4.66 5.67
CA THR A 24 3.54 5.97 5.48
C THR A 24 2.54 5.87 4.32
N VAL A 25 1.26 6.04 4.65
CA VAL A 25 0.13 6.03 3.72
C VAL A 25 0.38 6.93 2.50
N ASP A 26 1.04 8.06 2.71
CA ASP A 26 1.23 9.04 1.63
C ASP A 26 2.28 8.57 0.61
N GLU A 27 3.43 8.15 1.12
CA GLU A 27 4.46 7.37 0.46
C GLU A 27 3.86 6.21 -0.31
N LEU A 28 2.96 5.45 0.33
CA LEU A 28 2.16 4.45 -0.35
C LEU A 28 1.57 5.03 -1.66
N ARG A 29 0.83 6.13 -1.58
CA ARG A 29 0.25 6.79 -2.74
C ARG A 29 1.34 7.13 -3.77
N ARG A 30 2.38 7.83 -3.33
CA ARG A 30 3.55 8.20 -4.12
C ARG A 30 4.16 6.99 -4.85
N ALA A 31 4.22 5.82 -4.21
CA ALA A 31 4.78 4.62 -4.80
C ALA A 31 4.21 4.34 -6.18
N MET A 32 2.90 4.53 -6.33
CA MET A 32 2.21 4.23 -7.58
C MET A 32 2.65 5.20 -8.68
N ALA A 33 3.16 6.39 -8.33
CA ALA A 33 3.80 7.28 -9.29
C ALA A 33 5.04 6.60 -9.87
N GLY A 34 5.81 5.91 -9.03
CA GLY A 34 6.96 5.12 -9.45
C GLY A 34 6.51 4.03 -10.42
N LEU A 35 5.42 3.33 -10.07
CA LEU A 35 4.85 2.30 -10.94
C LEU A 35 4.45 2.87 -12.30
N GLY A 36 3.74 4.01 -12.29
CA GLY A 36 3.39 4.75 -13.49
C GLY A 36 2.04 5.46 -13.34
N GLN A 37 1.04 4.74 -12.83
CA GLN A 37 -0.31 5.26 -12.58
C GLN A 37 -0.46 5.58 -11.09
N PRO A 38 -0.17 6.81 -10.63
CA PRO A 38 -0.33 7.16 -9.23
C PRO A 38 -1.81 7.09 -8.85
N LEU A 39 -2.20 6.03 -8.11
CA LEU A 39 -3.57 5.84 -7.65
C LEU A 39 -4.05 7.14 -6.97
N PRO A 40 -5.06 7.83 -7.53
CA PRO A 40 -5.51 9.10 -7.01
C PRO A 40 -6.21 8.91 -5.66
N GLN A 41 -6.60 10.04 -5.05
CA GLN A 41 -7.03 10.07 -3.66
C GLN A 41 -8.03 8.96 -3.38
N GLU A 42 -9.21 8.93 -4.01
CA GLU A 42 -10.15 7.80 -4.01
C GLU A 42 -9.53 6.39 -3.98
N GLU A 43 -8.65 6.06 -4.92
CA GLU A 43 -8.20 4.69 -5.11
C GLU A 43 -7.32 4.31 -3.93
N LEU A 44 -6.45 5.25 -3.53
CA LEU A 44 -5.73 5.03 -2.31
C LEU A 44 -6.73 5.02 -1.15
N ASP A 45 -7.52 6.08 -0.96
CA ASP A 45 -8.52 6.35 0.07
C ASP A 45 -9.26 5.09 0.50
N ALA A 46 -9.80 4.40 -0.49
CA ALA A 46 -10.39 3.09 -0.35
C ALA A 46 -9.48 2.18 0.49
N MET A 47 -8.27 1.90 0.00
CA MET A 47 -7.23 1.27 0.81
C MET A 47 -6.91 2.06 2.08
N ILE A 48 -6.82 3.40 2.12
CA ILE A 48 -6.45 4.14 3.33
C ILE A 48 -7.34 3.69 4.48
N ARG A 49 -8.65 3.62 4.24
CA ARG A 49 -9.57 3.21 5.28
C ARG A 49 -9.57 1.68 5.48
N GLU A 50 -9.70 0.91 4.41
CA GLU A 50 -9.80 -0.55 4.51
C GLU A 50 -8.53 -1.12 5.17
N ALA A 51 -7.38 -0.58 4.80
CA ALA A 51 -6.06 -0.91 5.31
C ALA A 51 -5.85 -0.33 6.71
N ASP A 52 -6.66 -0.74 7.68
CA ASP A 52 -6.49 -0.32 9.07
C ASP A 52 -6.02 -1.50 9.91
N VAL A 53 -4.72 -1.56 10.21
CA VAL A 53 -4.15 -2.60 11.05
C VAL A 53 -4.35 -2.24 12.52
N ASP A 54 -4.03 -1.00 12.90
CA ASP A 54 -4.12 -0.54 14.28
C ASP A 54 -5.58 -0.19 14.62
N GLN A 55 -5.97 1.08 14.44
CA GLN A 55 -7.33 1.60 14.65
C GLN A 55 -7.39 3.06 14.18
N ASP A 56 -6.97 3.34 12.94
CA ASP A 56 -7.01 4.66 12.33
C ASP A 56 -6.95 4.48 10.81
N GLY A 57 -5.74 4.16 10.37
CA GLY A 57 -5.34 3.92 9.00
C GLY A 57 -3.83 3.71 9.00
N ARG A 58 -3.33 3.02 10.02
CA ARG A 58 -1.94 2.63 10.12
C ARG A 58 -1.85 1.24 9.55
N VAL A 59 -0.83 0.99 8.74
CA VAL A 59 -0.62 -0.29 8.09
C VAL A 59 0.86 -0.64 8.16
N ASN A 60 1.20 -1.93 8.20
CA ASN A 60 2.57 -2.41 8.01
C ASN A 60 2.69 -2.95 6.60
N TYR A 61 3.85 -2.88 5.95
CA TYR A 61 4.04 -3.34 4.57
C TYR A 61 3.42 -4.71 4.33
N GLU A 62 3.95 -5.71 5.05
CA GLU A 62 3.68 -7.10 4.78
C GLU A 62 2.22 -7.42 5.11
N GLU A 63 1.77 -7.06 6.31
CA GLU A 63 0.41 -7.30 6.74
C GLU A 63 -0.56 -6.55 5.81
N PHE A 64 -0.28 -5.27 5.53
CA PHE A 64 -1.03 -4.51 4.54
C PHE A 64 -1.16 -5.30 3.26
N ALA A 65 -0.04 -5.81 2.77
CA ALA A 65 -0.04 -6.52 1.51
C ALA A 65 -0.96 -7.76 1.56
N ARG A 66 -1.27 -8.28 2.75
CA ARG A 66 -2.37 -9.22 2.94
C ARG A 66 -3.72 -8.54 2.64
N MET A 67 -4.02 -7.42 3.29
CA MET A 67 -5.28 -6.69 3.10
C MET A 67 -5.43 -6.14 1.67
N LEU A 68 -4.35 -5.76 0.99
CA LEU A 68 -4.35 -5.27 -0.38
C LEU A 68 -5.29 -6.10 -1.24
N ALA A 69 -5.15 -7.42 -1.12
CA ALA A 69 -5.95 -8.40 -1.84
C ALA A 69 -7.42 -8.32 -1.41
N GLN A 70 -7.68 -8.46 -0.11
CA GLN A 70 -9.00 -8.51 0.50
C GLN A 70 -9.87 -9.62 -0.11
N GLU A 71 -9.80 -10.82 0.48
CA GLU A 71 -10.67 -11.93 0.16
C GLU A 71 -12.13 -11.52 0.43
N ALA A 1 4.23 -11.08 -11.58
CA ALA A 1 3.15 -12.03 -11.88
C ALA A 1 1.86 -11.28 -12.19
N ARG A 2 0.98 -11.04 -11.21
CA ARG A 2 -0.26 -10.29 -11.40
C ARG A 2 -0.17 -8.97 -10.66
N ALA A 3 -0.69 -7.94 -11.30
CA ALA A 3 -0.94 -6.65 -10.71
C ALA A 3 -1.96 -6.77 -9.60
N GLY A 4 -2.25 -5.65 -8.95
CA GLY A 4 -2.54 -5.72 -7.55
C GLY A 4 -1.23 -6.10 -6.89
N LEU A 5 -0.96 -7.39 -6.68
CA LEU A 5 0.06 -7.79 -5.72
C LEU A 5 1.48 -7.43 -6.16
N GLU A 6 1.90 -7.83 -7.36
CA GLU A 6 3.26 -7.52 -7.80
C GLU A 6 3.44 -5.99 -7.78
N ASP A 7 2.47 -5.31 -8.39
CA ASP A 7 2.40 -3.86 -8.48
C ASP A 7 2.62 -3.27 -7.10
N LEU A 8 1.83 -3.72 -6.14
CA LEU A 8 1.81 -3.17 -4.82
C LEU A 8 3.06 -3.51 -4.01
N GLN A 9 3.61 -4.71 -4.08
CA GLN A 9 4.89 -4.94 -3.41
C GLN A 9 5.97 -4.02 -4.01
N VAL A 10 6.00 -3.86 -5.34
CA VAL A 10 6.89 -2.95 -6.02
C VAL A 10 6.61 -1.49 -5.61
N ALA A 11 5.34 -1.10 -5.47
CA ALA A 11 4.94 0.19 -4.95
C ALA A 11 5.62 0.41 -3.60
N PHE A 12 5.34 -0.52 -2.69
CA PHE A 12 5.67 -0.42 -1.29
C PHE A 12 7.19 -0.35 -1.12
N ARG A 13 7.92 -1.07 -1.98
CA ARG A 13 9.38 -1.03 -2.05
C ARG A 13 9.93 0.41 -2.02
N ALA A 14 9.21 1.40 -2.57
CA ALA A 14 9.66 2.78 -2.56
C ALA A 14 9.86 3.29 -1.12
N PHE A 15 8.80 3.23 -0.31
CA PHE A 15 8.79 3.75 1.07
C PHE A 15 8.61 2.58 2.03
N ASP A 16 9.55 1.63 1.93
CA ASP A 16 9.52 0.34 2.59
C ASP A 16 10.26 0.36 3.92
N GLN A 17 10.15 -0.75 4.64
CA GLN A 17 10.99 -1.12 5.74
C GLN A 17 11.27 -2.62 5.59
N ASP A 18 10.59 -3.48 6.38
CA ASP A 18 10.83 -4.92 6.41
C ASP A 18 9.75 -5.68 7.22
N GLY A 19 8.48 -5.26 7.15
CA GLY A 19 7.38 -6.08 7.65
C GLY A 19 7.15 -5.85 9.14
N ASP A 20 8.19 -6.02 9.97
CA ASP A 20 8.24 -5.49 11.32
C ASP A 20 7.98 -3.98 11.30
N GLY A 21 8.41 -3.35 10.20
CA GLY A 21 8.30 -1.98 9.84
C GLY A 21 6.86 -1.48 9.75
N HIS A 22 6.66 -0.65 8.74
CA HIS A 22 5.42 0.05 8.49
C HIS A 22 5.57 0.89 7.22
N ILE A 23 4.48 1.05 6.47
CA ILE A 23 4.37 2.16 5.53
C ILE A 23 3.75 3.37 6.23
N THR A 24 3.93 4.55 5.61
CA THR A 24 3.03 5.67 5.73
C THR A 24 2.13 5.64 4.49
N VAL A 25 0.81 5.63 4.73
CA VAL A 25 -0.22 5.58 3.71
C VAL A 25 0.03 6.65 2.63
N ASP A 26 0.58 7.79 3.04
CA ASP A 26 0.78 8.89 2.10
C ASP A 26 1.89 8.58 1.09
N GLU A 27 3.01 8.06 1.59
CA GLU A 27 4.07 7.48 0.79
C GLU A 27 3.55 6.36 -0.11
N LEU A 28 2.64 5.52 0.41
CA LEU A 28 1.95 4.54 -0.39
C LEU A 28 1.31 5.23 -1.62
N ARG A 29 0.64 6.37 -1.40
CA ARG A 29 0.03 7.15 -2.47
C ARG A 29 1.08 7.70 -3.43
N ARG A 30 2.20 8.22 -2.92
CA ARG A 30 3.34 8.60 -3.77
C ARG A 30 3.74 7.43 -4.68
N ALA A 31 3.95 6.25 -4.09
CA ALA A 31 4.46 5.07 -4.77
C ALA A 31 3.71 4.76 -6.06
N MET A 32 2.38 4.91 -6.04
CA MET A 32 1.53 4.70 -7.21
C MET A 32 2.00 5.47 -8.45
N ALA A 33 2.66 6.61 -8.27
CA ALA A 33 3.26 7.35 -9.37
C ALA A 33 4.28 6.50 -10.13
N GLY A 34 5.03 5.67 -9.42
CA GLY A 34 5.97 4.72 -10.02
C GLY A 34 5.24 3.67 -10.85
N LEU A 35 4.01 3.31 -10.45
CA LEU A 35 3.24 2.29 -11.12
C LEU A 35 2.65 2.81 -12.43
N GLY A 36 1.99 3.97 -12.38
CA GLY A 36 1.35 4.55 -13.54
C GLY A 36 -0.03 5.13 -13.26
N GLN A 37 -0.54 4.97 -12.04
CA GLN A 37 -1.75 5.65 -11.59
C GLN A 37 -1.36 6.73 -10.59
N PRO A 38 -0.73 7.84 -11.01
CA PRO A 38 -0.19 8.79 -10.05
C PRO A 38 -1.31 9.45 -9.25
N LEU A 39 -1.27 9.33 -7.93
CA LEU A 39 -2.25 9.91 -7.01
C LEU A 39 -3.65 9.36 -7.33
N PRO A 40 -3.86 8.05 -7.24
CA PRO A 40 -5.10 7.42 -7.68
C PRO A 40 -6.08 7.51 -6.54
N GLN A 41 -6.65 8.70 -6.34
CA GLN A 41 -7.38 9.03 -5.13
C GLN A 41 -8.38 7.94 -4.71
N GLU A 42 -9.13 7.33 -5.64
CA GLU A 42 -10.09 6.29 -5.29
C GLU A 42 -9.42 5.02 -4.85
N GLU A 43 -8.35 4.65 -5.54
CA GLU A 43 -7.67 3.40 -5.27
C GLU A 43 -7.05 3.56 -3.89
N LEU A 44 -6.30 4.64 -3.69
CA LEU A 44 -5.71 4.89 -2.40
C LEU A 44 -6.76 5.20 -1.32
N ASP A 45 -7.92 5.80 -1.62
CA ASP A 45 -9.01 5.97 -0.66
C ASP A 45 -9.50 4.61 -0.19
N ALA A 46 -9.79 3.74 -1.16
CA ALA A 46 -10.24 2.39 -0.93
C ALA A 46 -9.23 1.68 -0.02
N MET A 47 -7.95 1.70 -0.40
CA MET A 47 -6.88 1.15 0.39
C MET A 47 -6.74 1.86 1.74
N ILE A 48 -6.89 3.19 1.80
CA ILE A 48 -6.82 4.01 3.01
C ILE A 48 -7.79 3.42 4.02
N ARG A 49 -9.04 3.22 3.59
CA ARG A 49 -10.11 2.71 4.42
C ARG A 49 -9.71 1.36 5.04
N GLU A 50 -9.17 0.47 4.21
CA GLU A 50 -8.73 -0.85 4.63
C GLU A 50 -7.50 -0.73 5.56
N ALA A 51 -6.61 0.21 5.23
CA ALA A 51 -5.26 0.35 5.80
C ALA A 51 -5.27 0.99 7.19
N ASP A 52 -6.16 0.55 8.07
CA ASP A 52 -6.15 0.95 9.47
C ASP A 52 -5.79 -0.25 10.33
N VAL A 53 -4.51 -0.63 10.28
CA VAL A 53 -4.02 -1.77 11.05
C VAL A 53 -3.83 -1.36 12.50
N ASP A 54 -3.28 -0.17 12.74
CA ASP A 54 -3.15 0.37 14.09
C ASP A 54 -4.53 0.87 14.57
N GLN A 55 -4.83 2.15 14.31
CA GLN A 55 -6.03 2.86 14.77
C GLN A 55 -5.98 4.33 14.31
N ASP A 56 -5.56 4.58 13.07
CA ASP A 56 -5.34 5.91 12.49
C ASP A 56 -5.27 5.79 10.98
N GLY A 57 -4.15 5.27 10.49
CA GLY A 57 -3.78 5.21 9.09
C GLY A 57 -2.33 4.75 9.01
N ARG A 58 -2.05 3.65 9.69
CA ARG A 58 -0.73 3.06 9.85
C ARG A 58 -0.92 1.57 9.52
N VAL A 59 -0.08 1.09 8.61
CA VAL A 59 -0.20 -0.20 7.93
C VAL A 59 1.14 -0.92 7.94
N ASN A 60 1.16 -2.15 8.47
CA ASN A 60 2.29 -3.07 8.32
C ASN A 60 2.43 -3.38 6.83
N TYR A 61 3.55 -2.97 6.24
CA TYR A 61 3.85 -3.11 4.82
C TYR A 61 3.42 -4.47 4.25
N GLU A 62 4.00 -5.57 4.74
CA GLU A 62 3.85 -6.86 4.09
C GLU A 62 2.50 -7.51 4.47
N GLU A 63 2.04 -7.35 5.71
CA GLU A 63 0.69 -7.79 6.08
C GLU A 63 -0.33 -7.12 5.16
N PHE A 64 -0.19 -5.82 4.92
CA PHE A 64 -1.08 -5.11 4.02
C PHE A 64 -1.19 -5.76 2.65
N ALA A 65 -0.08 -6.22 2.08
CA ALA A 65 -0.11 -6.92 0.80
C ALA A 65 -1.18 -8.03 0.78
N ARG A 66 -1.42 -8.65 1.93
CA ARG A 66 -2.51 -9.61 2.13
C ARG A 66 -3.87 -8.91 2.00
N MET A 67 -4.05 -7.77 2.67
CA MET A 67 -5.31 -7.02 2.63
C MET A 67 -5.58 -6.40 1.27
N LEU A 68 -4.54 -6.05 0.48
CA LEU A 68 -4.70 -5.74 -0.91
C LEU A 68 -5.53 -6.88 -1.51
N ALA A 69 -5.00 -8.11 -1.48
CA ALA A 69 -5.75 -9.27 -1.97
C ALA A 69 -6.66 -9.83 -0.88
N GLN A 70 -7.65 -9.02 -0.56
CA GLN A 70 -8.71 -9.31 0.40
C GLN A 70 -9.68 -10.39 -0.16
N GLU A 71 -9.15 -11.54 -0.58
CA GLU A 71 -9.93 -12.68 -1.08
C GLU A 71 -10.10 -13.67 0.08
N ALA A 1 2.82 -13.42 -15.23
CA ALA A 1 2.99 -12.49 -14.10
C ALA A 1 1.62 -11.88 -13.81
N ARG A 2 1.43 -11.31 -12.64
CA ARG A 2 0.33 -10.41 -12.34
C ARG A 2 0.91 -9.01 -12.15
N ALA A 3 0.00 -8.07 -12.18
CA ALA A 3 0.11 -6.87 -11.39
C ALA A 3 -0.21 -7.31 -9.98
N GLY A 4 -1.41 -7.00 -9.49
CA GLY A 4 -1.91 -7.37 -8.18
C GLY A 4 -0.78 -7.30 -7.17
N LEU A 5 -0.40 -8.46 -6.62
CA LEU A 5 0.57 -8.50 -5.58
C LEU A 5 1.95 -8.01 -6.03
N GLU A 6 2.36 -8.23 -7.28
CA GLU A 6 3.66 -7.77 -7.74
C GLU A 6 3.64 -6.23 -7.77
N ASP A 7 2.62 -5.68 -8.42
CA ASP A 7 2.41 -4.23 -8.51
C ASP A 7 2.44 -3.63 -7.11
N LEU A 8 1.53 -4.12 -6.28
CA LEU A 8 1.31 -3.56 -4.97
C LEU A 8 2.52 -3.79 -4.05
N GLN A 9 3.18 -4.94 -4.12
CA GLN A 9 4.42 -5.17 -3.40
C GLN A 9 5.48 -4.16 -3.84
N VAL A 10 5.61 -3.85 -5.13
CA VAL A 10 6.51 -2.83 -5.58
C VAL A 10 6.06 -1.47 -5.01
N ALA A 11 4.76 -1.19 -4.99
CA ALA A 11 4.21 0.02 -4.35
C ALA A 11 4.77 0.14 -2.93
N PHE A 12 4.62 -0.91 -2.13
CA PHE A 12 5.20 -1.00 -0.81
C PHE A 12 6.70 -0.74 -0.83
N ARG A 13 7.43 -1.54 -1.61
CA ARG A 13 8.89 -1.61 -1.68
C ARG A 13 9.54 -0.22 -1.78
N ALA A 14 8.91 0.74 -2.44
CA ALA A 14 9.43 2.10 -2.51
C ALA A 14 9.72 2.70 -1.12
N PHE A 15 8.72 2.73 -0.24
CA PHE A 15 8.81 3.31 1.10
C PHE A 15 9.05 2.25 2.18
N ASP A 16 9.06 0.96 1.81
CA ASP A 16 9.37 -0.13 2.72
C ASP A 16 10.81 -0.07 3.23
N GLN A 17 11.06 -0.81 4.30
CA GLN A 17 12.38 -1.28 4.67
C GLN A 17 12.36 -2.77 4.29
N ASP A 18 11.80 -3.64 5.12
CA ASP A 18 11.36 -4.97 4.70
C ASP A 18 10.23 -5.45 5.61
N GLY A 19 9.03 -4.84 5.56
CA GLY A 19 7.92 -5.25 6.41
C GLY A 19 8.01 -4.66 7.83
N ASP A 20 9.23 -4.55 8.37
CA ASP A 20 9.57 -4.05 9.71
C ASP A 20 9.36 -2.54 9.82
N GLY A 21 8.20 -2.03 9.39
CA GLY A 21 7.90 -0.63 9.41
C GLY A 21 6.41 -0.49 9.14
N HIS A 22 5.81 0.52 9.75
CA HIS A 22 4.50 1.00 9.38
C HIS A 22 4.61 1.76 8.07
N ILE A 23 3.72 1.47 7.11
CA ILE A 23 3.55 2.33 5.97
C ILE A 23 3.04 3.70 6.41
N THR A 24 3.05 4.54 5.38
CA THR A 24 2.71 5.91 5.31
C THR A 24 1.87 5.95 4.04
N VAL A 25 0.54 6.04 4.27
CA VAL A 25 -0.48 5.96 3.24
C VAL A 25 -0.20 6.92 2.07
N ASP A 26 0.45 8.05 2.36
CA ASP A 26 0.82 9.00 1.32
C ASP A 26 1.97 8.52 0.44
N GLU A 27 3.05 8.07 1.07
CA GLU A 27 4.15 7.35 0.46
C GLU A 27 3.62 6.23 -0.44
N LEU A 28 2.64 5.47 0.06
CA LEU A 28 1.88 4.52 -0.75
C LEU A 28 1.43 5.14 -2.09
N ARG A 29 0.76 6.29 -2.01
CA ARG A 29 0.23 7.03 -3.15
C ARG A 29 1.37 7.49 -4.07
N ARG A 30 2.44 8.05 -3.48
CA ARG A 30 3.67 8.37 -4.20
C ARG A 30 4.17 7.14 -4.98
N ALA A 31 4.23 5.97 -4.34
CA ALA A 31 4.82 4.78 -4.95
C ALA A 31 4.12 4.43 -6.26
N MET A 32 2.79 4.50 -6.25
CA MET A 32 1.99 4.29 -7.44
C MET A 32 2.39 5.25 -8.58
N ALA A 33 2.83 6.47 -8.26
CA ALA A 33 3.39 7.37 -9.26
C ALA A 33 4.65 6.77 -9.88
N GLY A 34 5.52 6.20 -9.04
CA GLY A 34 6.72 5.50 -9.47
C GLY A 34 6.38 4.34 -10.41
N LEU A 35 5.39 3.53 -10.04
CA LEU A 35 4.87 2.48 -10.91
C LEU A 35 4.39 3.06 -12.25
N GLY A 36 3.72 4.21 -12.21
CA GLY A 36 3.38 4.97 -13.40
C GLY A 36 1.94 5.49 -13.34
N GLN A 37 1.07 4.75 -12.64
CA GLN A 37 -0.33 5.04 -12.46
C GLN A 37 -0.57 5.58 -11.04
N PRO A 38 -0.33 6.87 -10.76
CA PRO A 38 -0.54 7.43 -9.43
C PRO A 38 -2.00 7.30 -9.05
N LEU A 39 -2.34 6.29 -8.23
CA LEU A 39 -3.70 6.06 -7.79
C LEU A 39 -4.30 7.36 -7.24
N PRO A 40 -5.40 7.85 -7.82
CA PRO A 40 -5.97 9.12 -7.45
C PRO A 40 -6.53 9.05 -6.04
N GLN A 41 -6.91 10.23 -5.52
CA GLN A 41 -7.21 10.40 -4.11
C GLN A 41 -8.29 9.42 -3.67
N GLU A 42 -9.40 9.31 -4.40
CA GLU A 42 -10.49 8.39 -4.09
C GLU A 42 -10.02 6.94 -3.98
N GLU A 43 -9.15 6.49 -4.90
CA GLU A 43 -8.70 5.11 -4.88
C GLU A 43 -7.88 4.88 -3.61
N LEU A 44 -6.90 5.76 -3.39
CA LEU A 44 -6.03 5.62 -2.23
C LEU A 44 -6.78 5.94 -0.93
N ASP A 45 -7.86 6.74 -0.97
CA ASP A 45 -8.72 7.07 0.17
C ASP A 45 -9.52 5.84 0.59
N ALA A 46 -10.18 5.25 -0.40
CA ALA A 46 -10.87 3.98 -0.25
C ALA A 46 -9.93 2.95 0.37
N MET A 47 -8.72 2.81 -0.15
CA MET A 47 -7.70 2.01 0.50
C MET A 47 -7.36 2.53 1.89
N ILE A 48 -7.05 3.81 2.08
CA ILE A 48 -6.65 4.44 3.34
C ILE A 48 -7.53 3.91 4.49
N ARG A 49 -8.85 3.89 4.29
CA ARG A 49 -9.79 3.39 5.28
C ARG A 49 -9.52 1.91 5.60
N GLU A 50 -9.49 1.06 4.57
CA GLU A 50 -9.30 -0.39 4.70
C GLU A 50 -7.98 -0.69 5.38
N ALA A 51 -6.95 0.00 4.88
CA ALA A 51 -5.57 0.00 5.29
C ALA A 51 -5.42 0.59 6.67
N ASP A 52 -5.97 -0.07 7.68
CA ASP A 52 -5.77 0.29 9.07
C ASP A 52 -5.72 -0.95 9.95
N VAL A 53 -4.49 -1.39 10.24
CA VAL A 53 -4.20 -2.45 11.20
C VAL A 53 -4.37 -1.90 12.61
N ASP A 54 -3.83 -0.71 12.87
CA ASP A 54 -3.65 -0.20 14.22
C ASP A 54 -4.96 0.35 14.82
N GLN A 55 -5.59 1.31 14.12
CA GLN A 55 -6.73 2.15 14.49
C GLN A 55 -6.37 3.63 14.34
N ASP A 56 -6.16 4.06 13.09
CA ASP A 56 -5.99 5.43 12.63
C ASP A 56 -5.89 5.41 11.11
N GLY A 57 -5.00 4.55 10.62
CA GLY A 57 -4.60 4.39 9.23
C GLY A 57 -3.15 3.93 9.20
N ARG A 58 -2.84 2.90 9.98
CA ARG A 58 -1.47 2.41 10.19
C ARG A 58 -1.43 0.91 9.92
N VAL A 59 -0.47 0.49 9.08
CA VAL A 59 -0.54 -0.71 8.27
C VAL A 59 0.91 -1.20 8.09
N ASN A 60 1.26 -2.44 8.44
CA ASN A 60 2.59 -3.00 8.16
C ASN A 60 2.70 -3.22 6.64
N TYR A 61 3.86 -3.03 6.01
CA TYR A 61 3.98 -3.19 4.55
C TYR A 61 3.49 -4.56 4.09
N GLU A 62 4.06 -5.62 4.64
CA GLU A 62 3.78 -6.96 4.18
C GLU A 62 2.33 -7.30 4.53
N GLU A 63 1.91 -6.96 5.75
CA GLU A 63 0.56 -7.22 6.21
C GLU A 63 -0.46 -6.47 5.34
N PHE A 64 -0.16 -5.23 4.93
CA PHE A 64 -0.95 -4.56 3.91
C PHE A 64 -1.08 -5.48 2.71
N ALA A 65 0.06 -5.91 2.19
CA ALA A 65 0.10 -6.68 0.97
C ALA A 65 -0.66 -8.02 1.13
N ARG A 66 -0.77 -8.54 2.36
CA ARG A 66 -1.73 -9.59 2.69
C ARG A 66 -3.16 -9.08 2.51
N MET A 67 -3.55 -8.01 3.23
CA MET A 67 -4.91 -7.47 3.21
C MET A 67 -5.40 -7.16 1.79
N LEU A 68 -4.56 -6.56 0.95
CA LEU A 68 -4.77 -6.34 -0.47
C LEU A 68 -5.60 -7.48 -1.09
N ALA A 69 -5.13 -8.71 -0.87
CA ALA A 69 -5.76 -9.89 -1.46
C ALA A 69 -7.19 -10.10 -0.95
N GLN A 70 -7.43 -9.78 0.33
CA GLN A 70 -8.71 -9.92 1.02
C GLN A 70 -9.33 -11.31 0.74
N GLU A 71 -8.51 -12.34 0.94
CA GLU A 71 -8.82 -13.75 0.70
C GLU A 71 -7.77 -14.51 1.50
N ALA A 1 -0.70 -15.23 -11.96
CA ALA A 1 -0.32 -14.11 -11.08
C ALA A 1 -1.14 -12.88 -11.49
N ARG A 2 -0.84 -11.72 -10.91
CA ARG A 2 -1.49 -10.43 -11.15
C ARG A 2 -0.49 -9.41 -10.65
N ALA A 3 -0.65 -8.19 -11.15
CA ALA A 3 -0.23 -6.94 -10.56
C ALA A 3 -0.56 -6.99 -9.09
N GLY A 4 -1.76 -6.50 -8.71
CA GLY A 4 -2.30 -6.47 -7.36
C GLY A 4 -1.17 -6.56 -6.34
N LEU A 5 -1.06 -7.69 -5.68
CA LEU A 5 -0.04 -7.92 -4.68
C LEU A 5 1.38 -7.54 -5.11
N GLU A 6 1.82 -8.01 -6.28
CA GLU A 6 3.14 -7.71 -6.80
C GLU A 6 3.29 -6.19 -7.00
N ASP A 7 2.30 -5.59 -7.66
CA ASP A 7 2.22 -4.15 -7.92
C ASP A 7 2.39 -3.40 -6.61
N LEU A 8 1.69 -3.86 -5.57
CA LEU A 8 1.77 -3.31 -4.24
C LEU A 8 3.15 -3.50 -3.61
N GLN A 9 3.73 -4.69 -3.66
CA GLN A 9 5.07 -4.91 -3.13
C GLN A 9 6.04 -3.90 -3.78
N VAL A 10 5.94 -3.74 -5.10
CA VAL A 10 6.68 -2.76 -5.86
C VAL A 10 6.32 -1.32 -5.40
N ALA A 11 5.05 -1.05 -5.10
CA ALA A 11 4.59 0.21 -4.48
C ALA A 11 5.39 0.44 -3.20
N PHE A 12 5.09 -0.37 -2.20
CA PHE A 12 5.69 -0.41 -0.88
C PHE A 12 7.20 -0.21 -0.91
N ARG A 13 7.90 -0.94 -1.79
CA ARG A 13 9.35 -0.85 -1.97
C ARG A 13 9.86 0.61 -1.93
N ALA A 14 9.06 1.57 -2.43
CA ALA A 14 9.38 2.99 -2.32
C ALA A 14 9.63 3.42 -0.86
N PHE A 15 8.69 3.11 0.04
CA PHE A 15 8.72 3.46 1.46
C PHE A 15 8.42 2.22 2.31
N ASP A 16 9.34 1.25 2.34
CA ASP A 16 9.25 0.03 3.14
C ASP A 16 10.64 -0.34 3.66
N GLN A 17 10.70 -1.26 4.63
CA GLN A 17 11.90 -2.00 4.98
C GLN A 17 11.71 -3.46 4.61
N ASP A 18 11.07 -4.22 5.49
CA ASP A 18 10.78 -5.64 5.33
C ASP A 18 9.77 -6.02 6.41
N GLY A 19 8.57 -5.45 6.35
CA GLY A 19 7.52 -5.80 7.31
C GLY A 19 7.68 -5.00 8.58
N ASP A 20 8.80 -5.19 9.29
CA ASP A 20 9.24 -4.26 10.32
C ASP A 20 9.71 -2.98 9.62
N GLY A 21 8.73 -2.27 9.07
CA GLY A 21 8.85 -1.15 8.15
C GLY A 21 7.65 -0.26 8.40
N HIS A 22 6.46 -0.82 8.13
CA HIS A 22 5.17 -0.33 8.56
C HIS A 22 4.86 1.05 7.94
N ILE A 23 4.15 1.07 6.81
CA ILE A 23 4.09 2.26 5.97
C ILE A 23 3.08 3.27 6.51
N THR A 24 3.24 4.54 6.12
CA THR A 24 2.12 5.48 6.07
C THR A 24 1.40 5.32 4.73
N VAL A 25 0.07 5.28 4.80
CA VAL A 25 -0.77 5.27 3.63
C VAL A 25 -0.42 6.42 2.67
N ASP A 26 0.09 7.52 3.22
CA ASP A 26 0.50 8.68 2.42
C ASP A 26 1.68 8.33 1.50
N GLU A 27 2.72 7.72 2.07
CA GLU A 27 3.83 7.14 1.32
C GLU A 27 3.33 6.17 0.26
N LEU A 28 2.36 5.34 0.60
CA LEU A 28 1.69 4.47 -0.37
C LEU A 28 1.23 5.30 -1.58
N ARG A 29 0.52 6.41 -1.33
CA ARG A 29 0.05 7.28 -2.39
C ARG A 29 1.20 7.83 -3.22
N ARG A 30 2.28 8.27 -2.57
CA ARG A 30 3.47 8.68 -3.31
C ARG A 30 3.99 7.53 -4.17
N ALA A 31 4.09 6.32 -3.61
CA ALA A 31 4.58 5.15 -4.32
C ALA A 31 3.81 4.93 -5.62
N MET A 32 2.48 5.04 -5.57
CA MET A 32 1.65 4.88 -6.76
C MET A 32 2.09 5.80 -7.92
N ALA A 33 2.69 6.96 -7.62
CA ALA A 33 3.26 7.82 -8.64
C ALA A 33 4.26 7.05 -9.52
N GLY A 34 5.02 6.15 -8.90
CA GLY A 34 5.99 5.31 -9.57
C GLY A 34 5.33 4.26 -10.47
N LEU A 35 4.16 3.75 -10.07
CA LEU A 35 3.58 2.57 -10.69
C LEU A 35 3.06 2.85 -12.11
N GLY A 36 2.32 3.94 -12.30
CA GLY A 36 1.72 4.26 -13.58
C GLY A 36 0.32 4.84 -13.43
N GLN A 37 -0.34 4.54 -12.31
CA GLN A 37 -1.61 5.11 -11.89
C GLN A 37 -1.36 6.14 -10.77
N PRO A 38 -0.85 7.36 -11.07
CA PRO A 38 -0.37 8.30 -10.07
C PRO A 38 -1.53 8.99 -9.34
N LEU A 39 -1.41 9.17 -8.02
CA LEU A 39 -2.42 9.81 -7.17
C LEU A 39 -3.83 9.37 -7.57
N PRO A 40 -4.09 8.06 -7.53
CA PRO A 40 -5.37 7.52 -7.94
C PRO A 40 -6.31 7.71 -6.76
N GLN A 41 -6.93 8.88 -6.63
CA GLN A 41 -7.70 9.23 -5.44
C GLN A 41 -8.63 8.08 -5.02
N GLU A 42 -9.33 7.46 -5.97
CA GLU A 42 -10.17 6.27 -5.76
C GLU A 42 -9.37 5.07 -5.30
N GLU A 43 -8.33 4.73 -6.04
CA GLU A 43 -7.67 3.46 -5.84
C GLU A 43 -6.95 3.51 -4.50
N LEU A 44 -6.31 4.66 -4.20
CA LEU A 44 -5.81 4.91 -2.87
C LEU A 44 -6.94 5.00 -1.84
N ASP A 45 -8.03 5.75 -2.06
CA ASP A 45 -9.13 5.84 -1.09
C ASP A 45 -9.55 4.44 -0.63
N ALA A 46 -9.74 3.57 -1.62
CA ALA A 46 -10.07 2.18 -1.43
C ALA A 46 -9.10 1.49 -0.44
N MET A 47 -7.81 1.85 -0.45
CA MET A 47 -6.83 1.40 0.51
C MET A 47 -6.94 2.18 1.84
N ILE A 48 -7.01 3.52 1.78
CA ILE A 48 -7.14 4.42 2.90
C ILE A 48 -8.19 3.87 3.88
N ARG A 49 -9.31 3.43 3.31
CA ARG A 49 -10.47 2.94 4.02
C ARG A 49 -10.21 1.64 4.80
N GLU A 50 -9.12 0.92 4.50
CA GLU A 50 -8.74 -0.32 5.18
C GLU A 50 -7.36 -0.23 5.84
N ALA A 51 -6.50 0.74 5.48
CA ALA A 51 -5.15 0.84 6.04
C ALA A 51 -5.14 1.35 7.50
N ASP A 52 -6.06 0.91 8.34
CA ASP A 52 -6.20 1.34 9.72
C ASP A 52 -5.60 0.24 10.62
N VAL A 53 -4.39 -0.24 10.30
CA VAL A 53 -3.89 -1.42 11.01
C VAL A 53 -3.57 -1.06 12.45
N ASP A 54 -2.77 -0.01 12.65
CA ASP A 54 -2.34 0.38 13.99
C ASP A 54 -3.54 0.93 14.77
N GLN A 55 -3.93 2.18 14.50
CA GLN A 55 -5.14 2.81 15.01
C GLN A 55 -5.35 4.17 14.31
N ASP A 56 -5.02 4.27 13.01
CA ASP A 56 -4.95 5.56 12.32
C ASP A 56 -4.81 5.36 10.79
N GLY A 57 -3.57 5.29 10.28
CA GLY A 57 -3.27 5.21 8.85
C GLY A 57 -1.87 4.63 8.63
N ARG A 58 -1.43 3.85 9.62
CA ARG A 58 -0.19 3.11 9.66
C ARG A 58 -0.53 1.67 9.31
N VAL A 59 0.21 1.08 8.38
CA VAL A 59 -0.13 -0.20 7.77
C VAL A 59 1.07 -1.13 7.76
N ASN A 60 0.91 -2.33 8.32
CA ASN A 60 1.85 -3.43 8.14
C ASN A 60 2.00 -3.67 6.64
N TYR A 61 3.21 -3.50 6.12
CA TYR A 61 3.55 -3.68 4.71
C TYR A 61 2.98 -4.99 4.14
N GLU A 62 3.51 -6.12 4.61
CA GLU A 62 3.16 -7.45 4.07
C GLU A 62 1.67 -7.70 4.27
N GLU A 63 1.22 -7.61 5.51
CA GLU A 63 -0.18 -7.82 5.89
C GLU A 63 -1.09 -7.03 4.96
N PHE A 64 -0.81 -5.73 4.78
CA PHE A 64 -1.58 -4.90 3.88
C PHE A 64 -1.60 -5.44 2.46
N ALA A 65 -0.43 -5.79 1.92
CA ALA A 65 -0.37 -6.39 0.59
C ALA A 65 -1.33 -7.57 0.50
N ARG A 66 -1.30 -8.43 1.51
CA ARG A 66 -2.16 -9.59 1.66
C ARG A 66 -3.64 -9.17 1.67
N MET A 67 -4.00 -8.16 2.47
CA MET A 67 -5.36 -7.64 2.49
C MET A 67 -5.77 -7.10 1.13
N LEU A 68 -4.99 -6.23 0.49
CA LEU A 68 -5.41 -5.66 -0.77
C LEU A 68 -5.55 -6.76 -1.83
N ALA A 69 -4.63 -7.73 -1.84
CA ALA A 69 -4.80 -8.94 -2.63
C ALA A 69 -6.15 -9.60 -2.34
N GLN A 70 -6.49 -9.67 -1.05
CA GLN A 70 -7.69 -10.31 -0.51
C GLN A 70 -7.71 -11.78 -0.96
N GLU A 71 -6.77 -12.55 -0.42
CA GLU A 71 -6.70 -14.01 -0.60
C GLU A 71 -8.04 -14.63 -0.19
N ALA A 1 0.13 -13.01 -15.11
CA ALA A 1 0.10 -13.02 -13.65
C ALA A 1 -0.85 -11.91 -13.20
N ARG A 2 -1.38 -11.96 -11.98
CA ARG A 2 -1.91 -10.76 -11.34
C ARG A 2 -0.75 -9.99 -10.77
N ALA A 3 -0.97 -8.68 -10.70
CA ALA A 3 -0.20 -7.80 -9.88
C ALA A 3 -0.70 -8.05 -8.46
N GLY A 4 -1.68 -7.27 -8.01
CA GLY A 4 -2.21 -7.32 -6.67
C GLY A 4 -1.07 -7.26 -5.66
N LEU A 5 -0.72 -8.41 -5.08
CA LEU A 5 0.44 -8.56 -4.23
C LEU A 5 1.68 -8.01 -4.92
N GLU A 6 1.91 -8.30 -6.19
CA GLU A 6 3.08 -7.78 -6.89
C GLU A 6 2.96 -6.28 -7.11
N ASP A 7 1.78 -5.79 -7.50
CA ASP A 7 1.49 -4.36 -7.69
C ASP A 7 2.06 -3.63 -6.48
N LEU A 8 1.59 -4.12 -5.34
CA LEU A 8 1.85 -3.61 -4.03
C LEU A 8 3.27 -3.83 -3.55
N GLN A 9 3.83 -5.03 -3.64
CA GLN A 9 5.14 -5.27 -3.10
C GLN A 9 6.15 -4.41 -3.85
N VAL A 10 5.99 -4.25 -5.17
CA VAL A 10 6.72 -3.31 -5.95
C VAL A 10 6.37 -1.87 -5.50
N ALA A 11 5.08 -1.54 -5.31
CA ALA A 11 4.61 -0.27 -4.75
C ALA A 11 5.47 0.10 -3.54
N PHE A 12 5.24 -0.64 -2.47
CA PHE A 12 5.98 -0.63 -1.23
C PHE A 12 7.47 -0.48 -1.47
N ARG A 13 8.12 -1.37 -2.24
CA ARG A 13 9.55 -1.28 -2.53
C ARG A 13 10.03 0.09 -3.03
N ALA A 14 9.15 0.94 -3.56
CA ALA A 14 9.52 2.31 -3.89
C ALA A 14 9.84 3.14 -2.64
N PHE A 15 9.02 3.06 -1.59
CA PHE A 15 9.23 3.81 -0.36
C PHE A 15 9.80 2.93 0.74
N ASP A 16 9.07 1.85 1.03
CA ASP A 16 9.39 0.82 2.01
C ASP A 16 9.75 1.47 3.35
N GLN A 17 8.90 2.40 3.80
CA GLN A 17 9.26 3.32 4.88
C GLN A 17 9.64 2.60 6.16
N ASP A 18 8.76 1.71 6.64
CA ASP A 18 9.08 0.85 7.76
C ASP A 18 9.60 -0.45 7.18
N GLY A 19 8.79 -1.11 6.35
CA GLY A 19 9.22 -2.27 5.58
C GLY A 19 9.26 -3.53 6.44
N ASP A 20 9.94 -3.47 7.59
CA ASP A 20 9.95 -4.51 8.61
C ASP A 20 8.53 -5.05 8.83
N GLY A 21 7.57 -4.13 8.96
CA GLY A 21 6.17 -4.47 8.79
C GLY A 21 5.26 -3.24 8.85
N HIS A 22 5.50 -2.21 8.04
CA HIS A 22 4.64 -1.02 7.96
C HIS A 22 5.00 -0.15 6.75
N ILE A 23 3.99 0.52 6.16
CA ILE A 23 4.15 1.60 5.19
C ILE A 23 3.50 2.88 5.73
N THR A 24 3.72 4.02 5.05
CA THR A 24 2.78 5.13 5.15
C THR A 24 1.80 5.08 3.98
N VAL A 25 0.52 5.31 4.28
CA VAL A 25 -0.48 5.56 3.25
C VAL A 25 -0.03 6.67 2.29
N ASP A 26 0.70 7.64 2.82
CA ASP A 26 1.23 8.77 2.07
C ASP A 26 2.38 8.35 1.16
N GLU A 27 3.27 7.52 1.69
CA GLU A 27 4.23 6.75 0.89
C GLU A 27 3.49 6.17 -0.32
N LEU A 28 2.47 5.38 -0.03
CA LEU A 28 1.78 4.52 -0.96
C LEU A 28 1.28 5.32 -2.16
N ARG A 29 0.66 6.46 -1.86
CA ARG A 29 0.21 7.42 -2.85
C ARG A 29 1.34 7.78 -3.83
N ARG A 30 2.57 7.96 -3.34
CA ARG A 30 3.74 8.25 -4.18
C ARG A 30 4.36 6.99 -4.79
N ALA A 31 4.43 5.88 -4.06
CA ALA A 31 4.89 4.60 -4.56
C ALA A 31 4.21 4.28 -5.89
N MET A 32 2.90 4.49 -5.93
CA MET A 32 2.13 4.27 -7.15
C MET A 32 2.60 5.17 -8.31
N ALA A 33 3.04 6.39 -8.01
CA ALA A 33 3.68 7.25 -9.00
C ALA A 33 4.95 6.58 -9.50
N GLY A 34 5.76 6.06 -8.57
CA GLY A 34 6.94 5.26 -8.88
C GLY A 34 6.61 4.13 -9.85
N LEU A 35 5.55 3.38 -9.55
CA LEU A 35 5.03 2.34 -10.45
C LEU A 35 4.73 2.90 -11.83
N GLY A 36 3.98 4.01 -11.88
CA GLY A 36 3.67 4.73 -13.10
C GLY A 36 2.28 5.33 -13.05
N GLN A 37 1.32 4.59 -12.48
CA GLN A 37 -0.06 5.03 -12.31
C GLN A 37 -0.30 5.44 -10.86
N PRO A 38 -0.10 6.73 -10.48
CA PRO A 38 -0.38 7.17 -9.11
C PRO A 38 -1.87 7.04 -8.83
N LEU A 39 -2.26 6.04 -8.04
CA LEU A 39 -3.62 5.91 -7.53
C LEU A 39 -4.02 7.25 -6.91
N PRO A 40 -5.02 7.96 -7.46
CA PRO A 40 -5.44 9.24 -6.94
C PRO A 40 -6.14 9.05 -5.61
N GLN A 41 -6.51 10.17 -4.98
CA GLN A 41 -7.15 10.22 -3.68
C GLN A 41 -8.22 9.13 -3.58
N GLU A 42 -9.34 9.21 -4.28
CA GLU A 42 -10.44 8.23 -4.16
C GLU A 42 -10.00 6.77 -4.19
N GLU A 43 -8.92 6.40 -4.88
CA GLU A 43 -8.41 5.04 -4.79
C GLU A 43 -7.59 4.87 -3.52
N LEU A 44 -6.61 5.74 -3.28
CA LEU A 44 -5.78 5.58 -2.08
C LEU A 44 -6.59 5.77 -0.80
N ASP A 45 -7.53 6.72 -0.72
CA ASP A 45 -8.57 6.90 0.30
C ASP A 45 -9.25 5.57 0.63
N ALA A 46 -9.76 4.92 -0.40
CA ALA A 46 -10.40 3.63 -0.27
C ALA A 46 -9.43 2.66 0.42
N MET A 47 -8.18 2.60 -0.08
CA MET A 47 -7.13 1.83 0.54
C MET A 47 -6.71 2.37 1.93
N ILE A 48 -6.84 3.67 2.23
CA ILE A 48 -6.45 4.30 3.48
C ILE A 48 -7.38 3.74 4.56
N ARG A 49 -8.68 3.74 4.27
CA ARG A 49 -9.68 3.30 5.22
C ARG A 49 -9.52 1.80 5.50
N GLU A 50 -9.13 1.03 4.48
CA GLU A 50 -8.68 -0.35 4.69
C GLU A 50 -7.40 -0.35 5.55
N ALA A 51 -6.45 0.53 5.19
CA ALA A 51 -5.09 0.50 5.70
C ALA A 51 -4.95 1.12 7.10
N ASP A 52 -5.78 0.68 8.05
CA ASP A 52 -5.56 0.92 9.47
C ASP A 52 -5.60 -0.41 10.20
N VAL A 53 -4.49 -1.15 10.14
CA VAL A 53 -4.30 -2.34 10.95
C VAL A 53 -4.32 -1.97 12.43
N ASP A 54 -3.68 -0.85 12.76
CA ASP A 54 -3.47 -0.37 14.13
C ASP A 54 -4.66 0.51 14.55
N GLN A 55 -4.46 1.80 14.89
CA GLN A 55 -5.55 2.71 15.16
C GLN A 55 -5.13 4.16 14.89
N ASP A 56 -4.98 4.51 13.61
CA ASP A 56 -4.49 5.82 13.16
C ASP A 56 -4.61 5.90 11.63
N GLY A 57 -4.18 4.82 10.97
CA GLY A 57 -3.89 4.71 9.55
C GLY A 57 -2.50 4.08 9.36
N ARG A 58 -2.15 3.06 10.16
CA ARG A 58 -0.93 2.28 9.98
C ARG A 58 -1.37 0.92 9.49
N VAL A 59 -0.74 0.43 8.42
CA VAL A 59 -0.98 -0.91 7.93
C VAL A 59 0.28 -1.75 8.16
N ASN A 60 0.14 -3.06 8.19
CA ASN A 60 1.26 -3.97 8.13
C ASN A 60 1.61 -4.17 6.66
N TYR A 61 2.76 -3.62 6.22
CA TYR A 61 3.26 -3.61 4.84
C TYR A 61 2.93 -4.93 4.12
N GLU A 62 3.44 -6.06 4.64
CA GLU A 62 3.31 -7.36 4.02
C GLU A 62 1.83 -7.77 4.01
N GLU A 63 1.25 -7.85 5.20
CA GLU A 63 -0.12 -8.31 5.41
C GLU A 63 -1.08 -7.59 4.47
N PHE A 64 -0.91 -6.28 4.33
CA PHE A 64 -1.74 -5.46 3.45
C PHE A 64 -1.71 -5.91 1.99
N ALA A 65 -0.55 -6.39 1.53
CA ALA A 65 -0.46 -7.01 0.22
C ALA A 65 -1.45 -8.17 0.12
N ARG A 66 -1.55 -8.96 1.19
CA ARG A 66 -2.55 -10.00 1.32
C ARG A 66 -3.94 -9.36 1.24
N MET A 67 -4.23 -8.38 2.09
CA MET A 67 -5.56 -7.76 2.10
C MET A 67 -5.96 -7.19 0.73
N LEU A 68 -5.04 -6.65 -0.08
CA LEU A 68 -5.40 -6.22 -1.41
C LEU A 68 -6.01 -7.38 -2.19
N ALA A 69 -5.34 -8.55 -2.22
CA ALA A 69 -5.98 -9.75 -2.74
C ALA A 69 -6.85 -10.40 -1.67
N GLN A 70 -7.96 -9.73 -1.43
CA GLN A 70 -8.94 -10.08 -0.41
C GLN A 70 -9.77 -11.27 -0.90
N GLU A 71 -9.11 -12.42 -1.11
CA GLU A 71 -9.56 -13.50 -1.97
C GLU A 71 -9.70 -12.98 -3.41
N ALA A 1 3.93 -12.30 -12.20
CA ALA A 1 3.69 -11.07 -12.99
C ALA A 1 2.20 -10.77 -13.02
N ARG A 2 1.69 -9.98 -12.07
CA ARG A 2 0.31 -9.50 -12.10
C ARG A 2 0.15 -8.34 -11.13
N ALA A 3 -0.40 -7.26 -11.67
CA ALA A 3 -0.75 -6.06 -10.95
C ALA A 3 -1.90 -6.32 -10.01
N GLY A 4 -2.24 -5.30 -9.23
CA GLY A 4 -2.51 -5.59 -7.84
C GLY A 4 -1.20 -6.13 -7.30
N LEU A 5 -1.07 -7.43 -7.09
CA LEU A 5 -0.14 -7.92 -6.09
C LEU A 5 1.34 -7.67 -6.38
N GLU A 6 1.84 -7.98 -7.57
CA GLU A 6 3.22 -7.71 -7.96
C GLU A 6 3.46 -6.19 -7.83
N ASP A 7 2.57 -5.42 -8.45
CA ASP A 7 2.56 -3.97 -8.43
C ASP A 7 2.66 -3.45 -7.01
N LEU A 8 1.87 -4.03 -6.11
CA LEU A 8 1.76 -3.57 -4.75
C LEU A 8 3.01 -3.95 -3.95
N GLN A 9 3.52 -5.17 -4.09
CA GLN A 9 4.78 -5.55 -3.45
C GLN A 9 5.91 -4.62 -3.90
N VAL A 10 5.97 -4.30 -5.20
CA VAL A 10 6.90 -3.35 -5.73
C VAL A 10 6.61 -1.95 -5.17
N ALA A 11 5.33 -1.56 -5.09
CA ALA A 11 4.88 -0.28 -4.54
C ALA A 11 5.47 -0.11 -3.15
N PHE A 12 5.11 -1.05 -2.27
CA PHE A 12 5.65 -1.21 -0.94
C PHE A 12 7.16 -1.00 -0.93
N ARG A 13 7.88 -1.77 -1.73
CA ARG A 13 9.33 -1.74 -1.76
C ARG A 13 9.90 -0.35 -2.08
N ALA A 14 9.12 0.57 -2.68
CA ALA A 14 9.59 1.92 -2.92
C ALA A 14 9.82 2.68 -1.60
N PHE A 15 8.79 2.79 -0.75
CA PHE A 15 8.86 3.44 0.56
C PHE A 15 8.56 2.42 1.64
N ASP A 16 9.32 1.33 1.64
CA ASP A 16 9.39 0.52 2.83
C ASP A 16 10.07 1.42 3.88
N GLN A 17 9.34 1.73 4.96
CA GLN A 17 9.88 2.58 6.01
C GLN A 17 10.78 1.76 6.95
N ASP A 18 10.89 0.44 6.69
CA ASP A 18 11.53 -0.56 7.53
C ASP A 18 11.24 -1.94 6.92
N GLY A 19 10.05 -2.15 6.32
CA GLY A 19 9.75 -3.44 5.74
C GLY A 19 9.29 -4.34 6.87
N ASP A 20 10.19 -4.74 7.77
CA ASP A 20 9.83 -5.47 8.98
C ASP A 20 9.13 -4.50 9.94
N GLY A 21 7.92 -4.09 9.56
CA GLY A 21 7.17 -3.04 10.20
C GLY A 21 6.04 -2.52 9.31
N HIS A 22 6.10 -1.22 8.97
CA HIS A 22 4.92 -0.41 8.69
C HIS A 22 5.21 0.56 7.54
N ILE A 23 4.25 0.75 6.63
CA ILE A 23 4.37 1.78 5.60
C ILE A 23 3.96 3.15 6.11
N THR A 24 4.31 4.16 5.32
CA THR A 24 3.75 5.49 5.36
C THR A 24 2.72 5.54 4.23
N VAL A 25 1.43 5.58 4.61
CA VAL A 25 0.26 5.56 3.72
C VAL A 25 0.46 6.55 2.56
N ASP A 26 1.03 7.71 2.88
CA ASP A 26 1.19 8.77 1.89
C ASP A 26 2.28 8.41 0.87
N GLU A 27 3.31 7.73 1.35
CA GLU A 27 4.39 7.18 0.58
C GLU A 27 3.93 5.99 -0.24
N LEU A 28 2.97 5.22 0.29
CA LEU A 28 2.24 4.27 -0.52
C LEU A 28 1.61 4.96 -1.74
N ARG A 29 0.92 6.09 -1.49
CA ARG A 29 0.34 6.91 -2.55
C ARG A 29 1.38 7.31 -3.58
N ARG A 30 2.53 7.78 -3.10
CA ARG A 30 3.67 8.12 -3.96
C ARG A 30 4.14 6.89 -4.75
N ALA A 31 4.22 5.71 -4.12
CA ALA A 31 4.62 4.48 -4.78
C ALA A 31 3.80 4.23 -6.02
N MET A 32 2.48 4.37 -5.90
CA MET A 32 1.58 4.16 -7.02
C MET A 32 1.82 5.11 -8.22
N ALA A 33 2.62 6.17 -8.06
CA ALA A 33 3.16 6.93 -9.19
C ALA A 33 4.12 6.09 -10.02
N GLY A 34 4.93 5.25 -9.38
CA GLY A 34 5.83 4.32 -10.06
C GLY A 34 5.05 3.36 -10.96
N LEU A 35 3.85 2.96 -10.52
CA LEU A 35 3.04 1.95 -11.20
C LEU A 35 2.49 2.47 -12.52
N GLY A 36 1.77 3.60 -12.48
CA GLY A 36 1.11 4.13 -13.65
C GLY A 36 -0.01 5.12 -13.31
N GLN A 37 -0.66 4.93 -12.17
CA GLN A 37 -1.73 5.80 -11.69
C GLN A 37 -1.19 6.69 -10.56
N PRO A 38 -0.51 7.81 -10.84
CA PRO A 38 0.04 8.65 -9.78
C PRO A 38 -1.07 9.33 -8.98
N LEU A 39 -0.94 9.33 -7.66
CA LEU A 39 -1.90 9.95 -6.75
C LEU A 39 -3.33 9.49 -7.06
N PRO A 40 -3.59 8.17 -7.04
CA PRO A 40 -4.90 7.64 -7.33
C PRO A 40 -5.73 7.80 -6.07
N GLN A 41 -6.20 9.03 -5.82
CA GLN A 41 -6.77 9.40 -4.54
C GLN A 41 -7.77 8.36 -4.06
N GLU A 42 -8.65 7.89 -4.95
CA GLU A 42 -9.63 6.81 -4.80
C GLU A 42 -9.04 5.45 -4.44
N GLU A 43 -7.99 5.01 -5.16
CA GLU A 43 -7.47 3.67 -4.97
C GLU A 43 -6.71 3.69 -3.65
N LEU A 44 -5.88 4.72 -3.46
CA LEU A 44 -5.30 4.94 -2.15
C LEU A 44 -6.37 5.24 -1.10
N ASP A 45 -7.53 5.83 -1.41
CA ASP A 45 -8.59 6.11 -0.44
C ASP A 45 -9.13 4.78 0.09
N ALA A 46 -9.51 3.94 -0.85
CA ALA A 46 -9.99 2.60 -0.63
C ALA A 46 -8.99 1.86 0.28
N MET A 47 -7.70 1.88 -0.09
CA MET A 47 -6.65 1.30 0.72
C MET A 47 -6.46 2.05 2.06
N ILE A 48 -6.59 3.37 2.09
CA ILE A 48 -6.46 4.22 3.28
C ILE A 48 -7.43 3.70 4.32
N ARG A 49 -8.70 3.53 3.93
CA ARG A 49 -9.74 3.06 4.82
C ARG A 49 -9.34 1.71 5.43
N GLU A 50 -8.86 0.79 4.60
CA GLU A 50 -8.53 -0.57 5.03
C GLU A 50 -7.11 -0.66 5.64
N ALA A 51 -6.32 0.42 5.55
CA ALA A 51 -5.09 0.59 6.29
C ALA A 51 -5.41 1.06 7.70
N ASP A 52 -6.25 0.35 8.44
CA ASP A 52 -6.62 0.68 9.80
C ASP A 52 -6.03 -0.35 10.76
N VAL A 53 -4.78 -0.74 10.53
CA VAL A 53 -4.15 -1.82 11.28
C VAL A 53 -4.17 -1.51 12.78
N ASP A 54 -3.74 -0.29 13.15
CA ASP A 54 -3.81 0.17 14.52
C ASP A 54 -5.21 0.68 14.82
N GLN A 55 -5.47 1.95 14.45
CA GLN A 55 -6.70 2.69 14.67
C GLN A 55 -6.46 4.15 14.24
N ASP A 56 -6.43 4.39 12.92
CA ASP A 56 -6.35 5.71 12.29
C ASP A 56 -6.14 5.50 10.79
N GLY A 57 -4.91 5.14 10.44
CA GLY A 57 -4.42 5.10 9.08
C GLY A 57 -2.98 4.56 9.10
N ARG A 58 -2.83 3.29 9.50
CA ARG A 58 -1.55 2.62 9.64
C ARG A 58 -1.71 1.20 9.13
N VAL A 59 -0.66 0.61 8.56
CA VAL A 59 -0.72 -0.74 8.02
C VAL A 59 0.66 -1.38 8.03
N ASN A 60 0.71 -2.63 8.48
CA ASN A 60 1.90 -3.44 8.43
C ASN A 60 2.27 -3.65 6.96
N TYR A 61 3.54 -3.38 6.63
CA TYR A 61 4.08 -3.41 5.27
C TYR A 61 3.58 -4.64 4.49
N GLU A 62 3.85 -5.85 4.99
CA GLU A 62 3.62 -7.09 4.26
C GLU A 62 2.15 -7.49 4.33
N GLU A 63 1.61 -7.56 5.56
CA GLU A 63 0.23 -7.92 5.81
C GLU A 63 -0.71 -7.18 4.86
N PHE A 64 -0.40 -5.92 4.55
CA PHE A 64 -1.07 -5.16 3.49
C PHE A 64 -1.53 -6.03 2.34
N ALA A 65 -0.60 -6.77 1.73
CA ALA A 65 -0.85 -7.54 0.52
C ALA A 65 -2.08 -8.44 0.67
N ARG A 66 -2.29 -9.00 1.88
CA ARG A 66 -3.45 -9.79 2.22
C ARG A 66 -4.74 -8.98 2.03
N MET A 67 -4.73 -7.71 2.44
CA MET A 67 -5.86 -6.81 2.37
C MET A 67 -5.97 -6.10 1.01
N LEU A 68 -4.89 -5.99 0.24
CA LEU A 68 -5.02 -5.79 -1.19
C LEU A 68 -5.94 -6.88 -1.72
N ALA A 69 -5.53 -8.14 -1.52
CA ALA A 69 -6.25 -9.25 -2.11
C ALA A 69 -7.67 -9.38 -1.53
N GLN A 70 -7.81 -9.18 -0.21
CA GLN A 70 -9.05 -9.17 0.55
C GLN A 70 -9.97 -10.34 0.17
N GLU A 71 -9.63 -11.53 0.67
CA GLU A 71 -10.31 -12.81 0.47
C GLU A 71 -9.72 -13.48 -0.78
N ALA A 1 4.57 -9.19 -13.94
CA ALA A 1 3.95 -10.53 -13.96
C ALA A 1 2.44 -10.38 -13.91
N ARG A 2 1.90 -10.08 -12.73
CA ARG A 2 0.55 -9.55 -12.56
C ARG A 2 0.67 -8.18 -11.93
N ALA A 3 -0.46 -7.49 -11.90
CA ALA A 3 -0.63 -6.27 -11.15
C ALA A 3 -1.46 -6.59 -9.92
N GLY A 4 -2.01 -5.56 -9.30
CA GLY A 4 -2.53 -5.69 -7.96
C GLY A 4 -1.35 -6.02 -7.08
N LEU A 5 -1.08 -7.30 -6.83
CA LEU A 5 -0.19 -7.66 -5.75
C LEU A 5 1.28 -7.34 -5.99
N GLU A 6 1.85 -7.75 -7.11
CA GLU A 6 3.25 -7.48 -7.39
C GLU A 6 3.45 -5.96 -7.45
N ASP A 7 2.56 -5.30 -8.22
CA ASP A 7 2.49 -3.85 -8.35
C ASP A 7 2.55 -3.23 -6.96
N LEU A 8 1.66 -3.67 -6.08
CA LEU A 8 1.57 -3.13 -4.75
C LEU A 8 2.86 -3.43 -3.98
N GLN A 9 3.33 -4.67 -3.87
CA GLN A 9 4.57 -4.93 -3.14
C GLN A 9 5.74 -4.05 -3.65
N VAL A 10 5.82 -3.84 -4.97
CA VAL A 10 6.78 -2.97 -5.60
C VAL A 10 6.54 -1.50 -5.20
N ALA A 11 5.28 -1.03 -5.22
CA ALA A 11 4.90 0.28 -4.71
C ALA A 11 5.46 0.45 -3.30
N PHE A 12 5.09 -0.50 -2.45
CA PHE A 12 5.20 -0.45 -1.00
C PHE A 12 6.64 -0.16 -0.61
N ARG A 13 7.58 -0.80 -1.31
CA ARG A 13 9.01 -0.60 -1.19
C ARG A 13 9.42 0.86 -1.00
N ALA A 14 8.77 1.79 -1.72
CA ALA A 14 9.13 3.21 -1.70
C ALA A 14 9.38 3.72 -0.27
N PHE A 15 8.42 3.52 0.64
CA PHE A 15 8.49 3.96 2.03
C PHE A 15 8.35 2.79 3.00
N ASP A 16 9.13 1.72 2.81
CA ASP A 16 9.06 0.49 3.59
C ASP A 16 10.20 0.29 4.59
N GLN A 17 10.22 -0.90 5.20
CA GLN A 17 11.24 -1.36 6.13
C GLN A 17 11.64 -2.83 5.89
N ASP A 18 11.27 -3.41 4.73
CA ASP A 18 11.76 -4.70 4.27
C ASP A 18 11.21 -5.87 5.11
N GLY A 19 9.91 -5.89 5.41
CA GLY A 19 9.36 -6.99 6.19
C GLY A 19 9.47 -6.67 7.68
N ASP A 20 8.35 -6.82 8.39
CA ASP A 20 8.16 -6.39 9.77
C ASP A 20 8.55 -4.91 9.90
N GLY A 21 7.78 -4.08 9.21
CA GLY A 21 7.96 -2.67 9.06
C GLY A 21 6.55 -2.11 9.01
N HIS A 22 6.45 -0.80 8.91
CA HIS A 22 5.20 -0.10 8.71
C HIS A 22 5.38 0.96 7.65
N ILE A 23 4.36 1.11 6.80
CA ILE A 23 4.29 2.17 5.81
C ILE A 23 3.35 3.27 6.31
N THR A 24 3.48 4.38 5.61
CA THR A 24 2.86 5.67 5.71
C THR A 24 1.95 5.77 4.49
N VAL A 25 0.64 5.66 4.73
CA VAL A 25 -0.35 5.57 3.66
C VAL A 25 -0.19 6.72 2.65
N ASP A 26 0.25 7.88 3.11
CA ASP A 26 0.39 9.04 2.22
C ASP A 26 1.55 8.83 1.25
N GLU A 27 2.70 8.44 1.78
CA GLU A 27 3.84 7.91 1.03
C GLU A 27 3.43 6.78 0.09
N LEU A 28 2.55 5.88 0.54
CA LEU A 28 1.99 4.84 -0.30
C LEU A 28 1.36 5.45 -1.57
N ARG A 29 0.58 6.51 -1.39
CA ARG A 29 -0.01 7.26 -2.50
C ARG A 29 1.07 7.73 -3.47
N ARG A 30 2.15 8.33 -2.95
CA ARG A 30 3.27 8.72 -3.81
C ARG A 30 3.80 7.50 -4.56
N ALA A 31 4.04 6.40 -3.85
CA ALA A 31 4.63 5.19 -4.40
C ALA A 31 3.99 4.79 -5.72
N MET A 32 2.66 4.90 -5.77
CA MET A 32 1.85 4.41 -6.88
C MET A 32 2.06 5.24 -8.15
N ALA A 33 2.65 6.45 -8.04
CA ALA A 33 3.19 7.17 -9.19
C ALA A 33 4.26 6.35 -9.92
N GLY A 34 4.97 5.49 -9.19
CA GLY A 34 5.92 4.56 -9.77
C GLY A 34 5.24 3.54 -10.71
N LEU A 35 3.96 3.23 -10.49
CA LEU A 35 3.28 2.17 -11.21
C LEU A 35 2.77 2.65 -12.57
N GLY A 36 1.74 3.50 -12.57
CA GLY A 36 0.95 3.73 -13.75
C GLY A 36 -0.15 4.76 -13.51
N GLN A 37 -0.86 4.63 -12.38
CA GLN A 37 -1.92 5.54 -11.97
C GLN A 37 -1.38 6.46 -10.85
N PRO A 38 -0.73 7.59 -11.16
CA PRO A 38 -0.16 8.46 -10.15
C PRO A 38 -1.25 9.14 -9.35
N LEU A 39 -1.12 9.15 -8.02
CA LEU A 39 -2.09 9.76 -7.12
C LEU A 39 -3.51 9.28 -7.45
N PRO A 40 -3.74 7.96 -7.40
CA PRO A 40 -4.99 7.37 -7.81
C PRO A 40 -5.95 7.49 -6.63
N GLN A 41 -6.41 8.73 -6.40
CA GLN A 41 -6.99 9.10 -5.13
C GLN A 41 -8.12 8.17 -4.72
N GLU A 42 -8.87 7.62 -5.67
CA GLU A 42 -9.96 6.68 -5.44
C GLU A 42 -9.44 5.32 -4.97
N GLU A 43 -8.47 4.75 -5.68
CA GLU A 43 -7.85 3.50 -5.25
C GLU A 43 -7.24 3.72 -3.88
N LEU A 44 -6.59 4.86 -3.66
CA LEU A 44 -5.96 5.11 -2.39
C LEU A 44 -6.96 5.45 -1.29
N ASP A 45 -8.05 6.16 -1.58
CA ASP A 45 -9.16 6.39 -0.64
C ASP A 45 -9.71 5.04 -0.21
N ALA A 46 -9.87 4.15 -1.18
CA ALA A 46 -10.31 2.80 -0.95
C ALA A 46 -9.31 2.06 -0.04
N MET A 47 -8.04 1.95 -0.45
CA MET A 47 -6.98 1.35 0.35
C MET A 47 -6.86 2.03 1.71
N ILE A 48 -7.10 3.34 1.82
CA ILE A 48 -7.05 4.12 3.05
C ILE A 48 -7.85 3.39 4.14
N ARG A 49 -9.01 2.84 3.78
CA ARG A 49 -9.92 2.24 4.74
C ARG A 49 -9.53 0.80 5.09
N GLU A 50 -9.02 0.03 4.13
CA GLU A 50 -8.38 -1.24 4.44
C GLU A 50 -7.15 -1.01 5.34
N ALA A 51 -6.43 0.08 5.08
CA ALA A 51 -5.17 0.46 5.69
C ALA A 51 -5.33 0.98 7.13
N ASP A 52 -6.17 0.33 7.94
CA ASP A 52 -6.45 0.75 9.32
C ASP A 52 -5.99 -0.35 10.27
N VAL A 53 -4.68 -0.67 10.27
CA VAL A 53 -4.11 -1.64 11.19
C VAL A 53 -3.96 -1.02 12.57
N ASP A 54 -3.31 0.17 12.69
CA ASP A 54 -3.36 0.87 13.96
C ASP A 54 -4.78 1.40 14.19
N GLN A 55 -5.07 2.60 13.68
CA GLN A 55 -6.34 3.33 13.70
C GLN A 55 -6.02 4.75 13.22
N ASP A 56 -5.93 4.95 11.89
CA ASP A 56 -5.51 6.19 11.22
C ASP A 56 -5.23 5.86 9.75
N GLY A 57 -3.99 5.51 9.43
CA GLY A 57 -3.51 5.18 8.10
C GLY A 57 -2.08 4.67 8.24
N ARG A 58 -1.89 3.75 9.19
CA ARG A 58 -0.60 3.23 9.60
C ARG A 58 -0.67 1.72 9.57
N VAL A 59 0.11 1.12 8.67
CA VAL A 59 -0.06 -0.27 8.25
C VAL A 59 1.26 -1.02 8.18
N ASN A 60 1.26 -2.27 8.65
CA ASN A 60 2.43 -3.12 8.59
C ASN A 60 2.76 -3.48 7.13
N TYR A 61 4.02 -3.29 6.72
CA TYR A 61 4.45 -3.41 5.34
C TYR A 61 4.01 -4.73 4.69
N GLU A 62 4.39 -5.86 5.29
CA GLU A 62 4.08 -7.15 4.69
C GLU A 62 2.60 -7.43 4.87
N GLU A 63 2.09 -7.26 6.10
CA GLU A 63 0.73 -7.65 6.43
C GLU A 63 -0.28 -6.94 5.53
N PHE A 64 -0.05 -5.66 5.18
CA PHE A 64 -0.86 -4.97 4.18
C PHE A 64 -1.15 -5.87 3.00
N ALA A 65 -0.11 -6.51 2.48
CA ALA A 65 -0.22 -7.19 1.21
C ALA A 65 -1.13 -8.42 1.30
N ARG A 66 -1.40 -8.92 2.51
CA ARG A 66 -2.52 -9.81 2.75
C ARG A 66 -3.80 -9.06 2.32
N MET A 67 -4.11 -7.96 3.00
CA MET A 67 -5.37 -7.24 2.82
C MET A 67 -5.52 -6.58 1.45
N LEU A 68 -4.42 -6.22 0.77
CA LEU A 68 -4.47 -5.79 -0.63
C LEU A 68 -5.39 -6.74 -1.40
N ALA A 69 -5.17 -8.04 -1.20
CA ALA A 69 -6.10 -9.08 -1.64
C ALA A 69 -7.39 -9.07 -0.80
N GLN A 70 -7.41 -9.77 0.36
CA GLN A 70 -8.63 -10.12 1.06
C GLN A 70 -8.35 -10.59 2.48
N GLU A 71 -8.05 -9.63 3.38
CA GLU A 71 -7.58 -9.87 4.73
C GLU A 71 -6.24 -10.64 4.75
N ALA A 1 2.98 -13.14 -9.60
CA ALA A 1 2.35 -13.05 -10.92
C ALA A 1 1.32 -11.93 -10.85
N ARG A 2 0.96 -11.32 -11.99
CA ARG A 2 0.18 -10.10 -12.04
C ARG A 2 1.02 -8.92 -11.58
N ALA A 3 0.53 -7.75 -11.94
CA ALA A 3 0.58 -6.56 -11.13
C ALA A 3 -0.17 -6.88 -9.83
N GLY A 4 -1.38 -6.30 -9.66
CA GLY A 4 -2.15 -6.30 -8.43
C GLY A 4 -1.25 -6.43 -7.22
N LEU A 5 -1.20 -7.65 -6.70
CA LEU A 5 -0.50 -7.96 -5.48
C LEU A 5 1.00 -7.73 -5.57
N GLU A 6 1.61 -8.23 -6.64
CA GLU A 6 3.04 -8.11 -6.84
C GLU A 6 3.37 -6.62 -7.06
N ASP A 7 2.57 -5.97 -7.91
CA ASP A 7 2.64 -4.53 -8.14
C ASP A 7 2.69 -3.84 -6.79
N LEU A 8 1.74 -4.16 -5.92
CA LEU A 8 1.59 -3.50 -4.64
C LEU A 8 2.79 -3.78 -3.73
N GLN A 9 3.19 -5.03 -3.50
CA GLN A 9 4.36 -5.29 -2.66
C GLN A 9 5.58 -4.49 -3.15
N VAL A 10 5.81 -4.45 -4.47
CA VAL A 10 6.86 -3.67 -5.08
C VAL A 10 6.61 -2.16 -4.86
N ALA A 11 5.37 -1.71 -5.08
CA ALA A 11 4.89 -0.35 -4.87
C ALA A 11 5.38 0.12 -3.49
N PHE A 12 5.01 -0.69 -2.50
CA PHE A 12 5.25 -0.47 -1.09
C PHE A 12 6.75 -0.31 -0.90
N ARG A 13 7.51 -1.31 -1.33
CA ARG A 13 8.95 -1.36 -1.15
C ARG A 13 9.66 -0.09 -1.67
N ALA A 14 9.11 0.60 -2.67
CA ALA A 14 9.70 1.85 -3.13
C ALA A 14 9.81 2.90 -2.01
N PHE A 15 8.87 2.92 -1.05
CA PHE A 15 8.87 3.82 0.10
C PHE A 15 8.72 3.02 1.40
N ASP A 16 9.47 1.93 1.53
CA ASP A 16 9.45 1.07 2.69
C ASP A 16 10.80 0.38 2.68
N GLN A 17 11.49 0.28 3.83
CA GLN A 17 12.87 -0.17 3.79
C GLN A 17 12.89 -1.66 3.44
N ASP A 18 12.15 -2.45 4.24
CA ASP A 18 11.67 -3.79 3.90
C ASP A 18 10.73 -4.26 5.00
N GLY A 19 9.60 -3.59 5.22
CA GLY A 19 8.73 -3.89 6.34
C GLY A 19 9.43 -3.80 7.69
N ASP A 20 10.06 -2.65 7.98
CA ASP A 20 10.37 -2.23 9.34
C ASP A 20 9.10 -2.39 10.18
N GLY A 21 7.97 -2.04 9.57
CA GLY A 21 6.72 -2.75 9.80
C GLY A 21 5.49 -1.88 9.59
N HIS A 22 5.61 -0.72 8.94
CA HIS A 22 4.46 0.13 8.62
C HIS A 22 4.82 1.12 7.53
N ILE A 23 3.93 1.26 6.54
CA ILE A 23 4.09 2.26 5.50
C ILE A 23 3.77 3.65 6.05
N THR A 24 4.38 4.64 5.41
CA THR A 24 3.89 5.99 5.26
C THR A 24 2.73 6.01 4.25
N VAL A 25 1.49 6.22 4.73
CA VAL A 25 0.31 6.47 3.90
C VAL A 25 0.50 7.41 2.69
N ASP A 26 1.37 8.41 2.81
CA ASP A 26 1.65 9.38 1.74
C ASP A 26 2.50 8.75 0.62
N GLU A 27 3.68 8.30 1.00
CA GLU A 27 4.61 7.49 0.24
C GLU A 27 3.88 6.37 -0.49
N LEU A 28 2.93 5.72 0.16
CA LEU A 28 2.11 4.73 -0.51
C LEU A 28 1.44 5.30 -1.76
N ARG A 29 0.88 6.51 -1.65
CA ARG A 29 0.26 7.22 -2.77
C ARG A 29 1.30 7.48 -3.86
N ARG A 30 2.46 7.99 -3.44
CA ARG A 30 3.59 8.22 -4.34
C ARG A 30 3.96 6.94 -5.09
N ALA A 31 3.94 5.78 -4.42
CA ALA A 31 4.27 4.50 -5.03
C ALA A 31 3.57 4.25 -6.35
N MET A 32 2.28 4.57 -6.40
CA MET A 32 1.52 4.28 -7.59
C MET A 32 1.99 5.10 -8.80
N ALA A 33 2.81 6.14 -8.59
CA ALA A 33 3.50 6.81 -9.69
C ALA A 33 4.46 5.85 -10.39
N GLY A 34 5.15 5.00 -9.62
CA GLY A 34 6.00 3.96 -10.18
C GLY A 34 5.19 3.02 -11.05
N LEU A 35 4.00 2.65 -10.55
CA LEU A 35 3.08 1.74 -11.23
C LEU A 35 2.52 2.38 -12.50
N GLY A 36 2.19 3.68 -12.44
CA GLY A 36 1.62 4.44 -13.54
C GLY A 36 0.23 5.01 -13.22
N GLN A 37 -0.20 4.95 -11.95
CA GLN A 37 -1.38 5.63 -11.46
C GLN A 37 -0.92 6.65 -10.41
N PRO A 38 -0.23 7.74 -10.78
CA PRO A 38 0.40 8.60 -9.79
C PRO A 38 -0.65 9.31 -8.94
N LEU A 39 -0.62 9.12 -7.61
CA LEU A 39 -1.51 9.81 -6.68
C LEU A 39 -2.98 9.53 -7.04
N PRO A 40 -3.41 8.27 -7.06
CA PRO A 40 -4.77 7.90 -7.41
C PRO A 40 -5.58 8.05 -6.13
N GLN A 41 -5.91 9.30 -5.81
CA GLN A 41 -6.41 9.68 -4.51
C GLN A 41 -7.52 8.76 -4.03
N GLU A 42 -8.42 8.31 -4.91
CA GLU A 42 -9.51 7.37 -4.63
C GLU A 42 -9.02 6.00 -4.24
N GLU A 43 -8.09 5.48 -5.04
CA GLU A 43 -7.68 4.11 -4.89
C GLU A 43 -6.95 4.05 -3.55
N LEU A 44 -6.04 5.00 -3.37
CA LEU A 44 -5.37 5.11 -2.12
C LEU A 44 -6.32 5.51 -0.99
N ASP A 45 -7.31 6.37 -1.19
CA ASP A 45 -8.30 6.75 -0.17
C ASP A 45 -8.95 5.48 0.37
N ALA A 46 -9.53 4.71 -0.55
CA ALA A 46 -10.16 3.44 -0.29
C ALA A 46 -9.21 2.55 0.52
N MET A 47 -7.97 2.36 0.03
CA MET A 47 -6.95 1.63 0.75
C MET A 47 -6.60 2.25 2.12
N ILE A 48 -6.56 3.57 2.25
CA ILE A 48 -6.22 4.28 3.46
C ILE A 48 -7.28 3.97 4.51
N ARG A 49 -8.55 4.06 4.08
CA ARG A 49 -9.70 3.85 4.92
C ARG A 49 -9.72 2.37 5.28
N GLU A 50 -10.00 1.49 4.32
CA GLU A 50 -9.93 0.05 4.51
C GLU A 50 -8.48 -0.42 4.44
N ALA A 51 -7.61 0.11 5.31
CA ALA A 51 -6.38 -0.58 5.69
C ALA A 51 -6.57 -1.30 7.02
N ASP A 52 -7.25 -0.65 7.97
CA ASP A 52 -7.59 -1.19 9.28
C ASP A 52 -6.42 -1.92 9.96
N VAL A 53 -5.19 -1.36 9.93
CA VAL A 53 -4.09 -2.06 10.59
C VAL A 53 -4.06 -1.78 12.10
N ASP A 54 -3.12 -0.94 12.55
CA ASP A 54 -2.71 -0.91 13.95
C ASP A 54 -3.80 -0.30 14.84
N GLN A 55 -4.33 0.84 14.41
CA GLN A 55 -5.39 1.59 15.07
C GLN A 55 -6.19 2.33 14.00
N ASP A 56 -6.97 1.57 13.22
CA ASP A 56 -7.76 2.07 12.09
C ASP A 56 -6.82 2.70 11.04
N GLY A 57 -6.46 3.98 11.22
CA GLY A 57 -5.66 4.75 10.29
C GLY A 57 -4.17 4.43 10.39
N ARG A 58 -3.80 3.15 10.25
CA ARG A 58 -2.44 2.66 10.20
C ARG A 58 -2.45 1.40 9.31
N VAL A 59 -1.26 0.96 8.91
CA VAL A 59 -1.03 0.21 7.69
C VAL A 59 0.34 -0.48 7.79
N ASN A 60 0.38 -1.70 8.31
CA ASN A 60 1.58 -2.53 8.30
C ASN A 60 1.90 -2.88 6.85
N TYR A 61 3.16 -2.66 6.43
CA TYR A 61 3.70 -3.06 5.14
C TYR A 61 3.18 -4.45 4.71
N GLU A 62 3.39 -5.45 5.55
CA GLU A 62 3.08 -6.85 5.25
C GLU A 62 1.57 -7.09 5.35
N GLU A 63 1.00 -6.73 6.50
CA GLU A 63 -0.41 -7.01 6.78
C GLU A 63 -1.29 -6.35 5.72
N PHE A 64 -1.01 -5.09 5.36
CA PHE A 64 -1.59 -4.48 4.18
C PHE A 64 -1.54 -5.44 3.01
N ALA A 65 -0.34 -5.86 2.62
CA ALA A 65 -0.17 -6.63 1.42
C ALA A 65 -1.00 -7.91 1.44
N ARG A 66 -1.15 -8.52 2.62
CA ARG A 66 -2.10 -9.61 2.84
C ARG A 66 -3.51 -9.19 2.40
N MET A 67 -4.06 -8.13 2.98
CA MET A 67 -5.46 -7.79 2.76
C MET A 67 -5.72 -7.06 1.44
N LEU A 68 -4.69 -6.48 0.80
CA LEU A 68 -4.73 -5.96 -0.58
C LEU A 68 -5.56 -6.92 -1.44
N ALA A 69 -5.22 -8.20 -1.31
CA ALA A 69 -5.84 -9.31 -2.01
C ALA A 69 -7.32 -9.42 -1.66
N GLN A 70 -7.58 -9.71 -0.38
CA GLN A 70 -8.90 -9.97 0.16
C GLN A 70 -8.75 -10.15 1.68
N GLU A 71 -9.13 -9.11 2.43
CA GLU A 71 -9.63 -9.29 3.78
C GLU A 71 -10.59 -10.50 3.81
N ALA A 1 -2.72 -12.92 -13.73
CA ALA A 1 -3.46 -11.77 -13.16
C ALA A 1 -3.29 -11.75 -11.64
N ARG A 2 -2.30 -10.98 -11.14
CA ARG A 2 -2.18 -10.67 -9.72
C ARG A 2 -1.17 -9.55 -9.54
N ALA A 3 -1.62 -8.43 -10.06
CA ALA A 3 -1.45 -7.21 -9.30
C ALA A 3 -2.21 -7.34 -8.00
N GLY A 4 -2.15 -6.29 -7.20
CA GLY A 4 -2.55 -6.32 -5.83
C GLY A 4 -1.25 -6.54 -5.08
N LEU A 5 -0.99 -7.75 -4.59
CA LEU A 5 0.18 -7.98 -3.78
C LEU A 5 1.49 -7.63 -4.47
N GLU A 6 1.73 -8.20 -5.65
CA GLU A 6 3.02 -8.02 -6.31
C GLU A 6 3.23 -6.54 -6.63
N ASP A 7 2.17 -5.90 -7.16
CA ASP A 7 2.19 -4.48 -7.45
C ASP A 7 2.53 -3.71 -6.20
N LEU A 8 1.85 -4.03 -5.11
CA LEU A 8 2.02 -3.32 -3.86
C LEU A 8 3.38 -3.54 -3.22
N GLN A 9 3.91 -4.75 -3.20
CA GLN A 9 5.23 -4.95 -2.62
C GLN A 9 6.24 -4.10 -3.39
N VAL A 10 6.16 -4.11 -4.74
CA VAL A 10 6.93 -3.25 -5.60
C VAL A 10 6.64 -1.77 -5.27
N ALA A 11 5.37 -1.41 -5.06
CA ALA A 11 4.93 -0.07 -4.68
C ALA A 11 5.67 0.37 -3.40
N PHE A 12 5.31 -0.28 -2.30
CA PHE A 12 5.85 -0.15 -0.97
C PHE A 12 7.36 0.03 -0.96
N ARG A 13 8.06 -0.81 -1.73
CA ARG A 13 9.51 -0.76 -1.88
C ARG A 13 10.06 0.66 -2.07
N ALA A 14 9.24 1.57 -2.63
CA ALA A 14 9.57 2.98 -2.72
C ALA A 14 9.97 3.58 -1.36
N PHE A 15 9.20 3.34 -0.29
CA PHE A 15 9.50 3.93 1.01
C PHE A 15 9.80 2.89 2.11
N ASP A 16 9.67 1.60 1.79
CA ASP A 16 9.98 0.50 2.70
C ASP A 16 11.31 -0.17 2.34
N GLN A 17 11.54 -1.34 2.92
CA GLN A 17 12.34 -2.41 2.37
C GLN A 17 11.39 -3.58 2.09
N ASP A 18 11.29 -4.49 3.05
CA ASP A 18 10.58 -5.75 2.95
C ASP A 18 9.84 -5.96 4.27
N GLY A 19 8.86 -5.10 4.59
CA GLY A 19 8.33 -5.07 5.92
C GLY A 19 9.38 -4.48 6.87
N ASP A 20 9.86 -3.27 6.55
CA ASP A 20 10.40 -2.38 7.59
C ASP A 20 9.37 -2.33 8.71
N GLY A 21 8.10 -2.17 8.32
CA GLY A 21 7.01 -2.82 9.02
C GLY A 21 5.69 -2.12 8.76
N HIS A 22 5.66 -0.81 8.99
CA HIS A 22 4.46 0.01 8.90
C HIS A 22 4.73 1.18 7.98
N ILE A 23 3.82 1.40 7.02
CA ILE A 23 3.93 2.45 6.03
C ILE A 23 3.22 3.73 6.47
N THR A 24 3.46 4.80 5.72
CA THR A 24 2.57 5.95 5.66
C THR A 24 1.69 5.78 4.42
N VAL A 25 0.37 5.79 4.59
CA VAL A 25 -0.57 5.80 3.47
C VAL A 25 -0.17 6.87 2.43
N ASP A 26 0.46 7.95 2.89
CA ASP A 26 0.96 9.03 2.05
C ASP A 26 2.17 8.59 1.21
N GLU A 27 3.12 7.89 1.83
CA GLU A 27 4.21 7.21 1.13
C GLU A 27 3.62 6.39 0.00
N LEU A 28 2.55 5.65 0.31
CA LEU A 28 1.90 4.73 -0.58
C LEU A 28 1.36 5.51 -1.79
N ARG A 29 0.73 6.66 -1.50
CA ARG A 29 0.30 7.61 -2.50
C ARG A 29 1.48 8.01 -3.39
N ARG A 30 2.65 8.30 -2.81
CA ARG A 30 3.86 8.51 -3.61
C ARG A 30 4.19 7.28 -4.46
N ALA A 31 4.27 6.11 -3.84
CA ALA A 31 4.67 4.86 -4.48
C ALA A 31 3.86 4.60 -5.76
N MET A 32 2.54 4.76 -5.69
CA MET A 32 1.69 4.54 -6.86
C MET A 32 2.00 5.46 -8.05
N ALA A 33 2.71 6.58 -7.84
CA ALA A 33 3.28 7.35 -8.95
C ALA A 33 4.22 6.48 -9.78
N GLY A 34 4.97 5.58 -9.12
CA GLY A 34 5.80 4.60 -9.78
C GLY A 34 4.99 3.63 -10.63
N LEU A 35 3.88 3.12 -10.09
CA LEU A 35 3.07 2.08 -10.74
C LEU A 35 2.49 2.56 -12.08
N GLY A 36 1.89 3.75 -12.12
CA GLY A 36 1.31 4.28 -13.34
C GLY A 36 -0.02 5.00 -13.14
N GLN A 37 -0.63 4.88 -11.95
CA GLN A 37 -1.81 5.63 -11.57
C GLN A 37 -1.42 6.60 -10.45
N PRO A 38 -0.86 7.78 -10.79
CA PRO A 38 -0.21 8.66 -9.84
C PRO A 38 -1.22 9.45 -9.00
N LEU A 39 -1.02 9.43 -7.67
CA LEU A 39 -1.89 10.13 -6.72
C LEU A 39 -3.34 9.77 -7.00
N PRO A 40 -3.65 8.47 -6.88
CA PRO A 40 -4.93 7.97 -7.26
C PRO A 40 -5.87 8.18 -6.10
N GLN A 41 -6.22 9.42 -5.81
CA GLN A 41 -6.95 9.84 -4.65
C GLN A 41 -8.06 8.87 -4.21
N GLU A 42 -8.80 8.35 -5.18
CA GLU A 42 -9.85 7.33 -5.01
C GLU A 42 -9.29 5.97 -4.59
N GLU A 43 -8.26 5.50 -5.29
CA GLU A 43 -7.65 4.20 -5.03
C GLU A 43 -6.89 4.30 -3.70
N LEU A 44 -6.08 5.35 -3.52
CA LEU A 44 -5.49 5.60 -2.22
C LEU A 44 -6.53 5.87 -1.12
N ASP A 45 -7.66 6.54 -1.35
CA ASP A 45 -8.72 6.70 -0.34
C ASP A 45 -9.21 5.31 0.08
N ALA A 46 -9.55 4.52 -0.92
CA ALA A 46 -10.00 3.15 -0.74
C ALA A 46 -8.99 2.37 0.12
N MET A 47 -7.72 2.35 -0.27
CA MET A 47 -6.65 1.74 0.51
C MET A 47 -6.43 2.43 1.86
N ILE A 48 -6.59 3.75 1.94
CA ILE A 48 -6.46 4.52 3.18
C ILE A 48 -7.44 3.93 4.18
N ARG A 49 -8.67 3.70 3.72
CA ARG A 49 -9.74 3.17 4.54
C ARG A 49 -9.45 1.71 4.93
N GLU A 50 -8.94 0.90 4.00
CA GLU A 50 -8.44 -0.43 4.35
C GLU A 50 -7.21 -0.38 5.27
N ALA A 51 -6.43 0.71 5.23
CA ALA A 51 -5.27 0.87 6.09
C ALA A 51 -5.69 1.29 7.49
N ASP A 52 -6.46 0.42 8.16
CA ASP A 52 -6.97 0.67 9.49
C ASP A 52 -6.42 -0.33 10.50
N VAL A 53 -5.14 -0.69 10.38
CA VAL A 53 -4.52 -1.66 11.28
C VAL A 53 -4.68 -1.20 12.73
N ASP A 54 -4.36 0.07 13.00
CA ASP A 54 -4.54 0.72 14.30
C ASP A 54 -5.97 1.26 14.39
N GLN A 55 -6.13 2.58 14.15
CA GLN A 55 -7.37 3.31 14.33
C GLN A 55 -7.21 4.74 13.80
N ASP A 56 -6.63 4.87 12.59
CA ASP A 56 -6.33 6.17 11.98
C ASP A 56 -6.12 5.97 10.47
N GLY A 57 -4.92 5.49 10.10
CA GLY A 57 -4.49 5.34 8.73
C GLY A 57 -3.13 4.65 8.72
N ARG A 58 -3.07 3.48 9.34
CA ARG A 58 -1.86 2.70 9.58
C ARG A 58 -2.12 1.30 9.03
N VAL A 59 -1.09 0.64 8.50
CA VAL A 59 -1.20 -0.69 7.98
C VAL A 59 0.18 -1.35 8.08
N ASN A 60 0.20 -2.64 8.39
CA ASN A 60 1.40 -3.47 8.35
C ASN A 60 1.67 -3.78 6.88
N TYR A 61 2.85 -3.44 6.38
CA TYR A 61 3.30 -3.71 5.03
C TYR A 61 2.91 -5.12 4.55
N GLU A 62 3.38 -6.13 5.29
CA GLU A 62 3.32 -7.51 4.86
C GLU A 62 1.87 -7.98 4.88
N GLU A 63 1.21 -7.74 6.01
CA GLU A 63 -0.16 -8.16 6.22
C GLU A 63 -1.06 -7.45 5.20
N PHE A 64 -0.78 -6.17 4.89
CA PHE A 64 -1.55 -5.46 3.89
C PHE A 64 -1.40 -6.09 2.53
N ALA A 65 -0.15 -6.30 2.12
CA ALA A 65 0.14 -6.98 0.88
C ALA A 65 -0.62 -8.30 0.83
N ARG A 66 -0.64 -9.06 1.93
CA ARG A 66 -1.44 -10.27 2.04
C ARG A 66 -2.91 -10.00 1.67
N MET A 67 -3.54 -8.97 2.24
CA MET A 67 -4.92 -8.64 1.88
C MET A 67 -5.03 -8.41 0.37
N LEU A 68 -4.14 -7.59 -0.20
CA LEU A 68 -4.08 -7.31 -1.63
C LEU A 68 -3.56 -8.49 -2.47
N ALA A 69 -3.16 -9.59 -1.83
CA ALA A 69 -3.04 -10.89 -2.47
C ALA A 69 -4.42 -11.53 -2.56
N GLN A 70 -5.14 -11.48 -1.42
CA GLN A 70 -6.44 -12.07 -1.17
C GLN A 70 -6.35 -13.59 -1.44
N GLU A 71 -5.47 -14.28 -0.72
CA GLU A 71 -5.11 -15.67 -0.99
C GLU A 71 -4.64 -15.83 -2.45
N ALA A 1 -6.04 -12.68 -12.35
CA ALA A 1 -5.95 -11.23 -12.15
C ALA A 1 -5.78 -10.93 -10.66
N ARG A 2 -4.59 -10.50 -10.24
CA ARG A 2 -4.38 -9.80 -8.99
C ARG A 2 -3.39 -8.67 -9.27
N ALA A 3 -3.97 -7.52 -9.57
CA ALA A 3 -3.47 -6.31 -8.96
C ALA A 3 -3.73 -6.42 -7.46
N GLY A 4 -3.55 -5.31 -6.75
CA GLY A 4 -3.39 -5.44 -5.33
C GLY A 4 -2.02 -6.05 -5.17
N LEU A 5 -1.86 -7.25 -4.60
CA LEU A 5 -0.60 -7.58 -4.00
C LEU A 5 0.64 -7.36 -4.85
N GLU A 6 0.66 -7.91 -6.06
CA GLU A 6 1.85 -7.80 -6.90
C GLU A 6 2.19 -6.32 -7.12
N ASP A 7 1.18 -5.54 -7.51
CA ASP A 7 1.28 -4.09 -7.66
C ASP A 7 1.77 -3.45 -6.38
N LEU A 8 1.20 -3.88 -5.25
CA LEU A 8 1.40 -3.26 -3.98
C LEU A 8 2.82 -3.51 -3.48
N GLN A 9 3.32 -4.74 -3.57
CA GLN A 9 4.67 -5.07 -3.14
C GLN A 9 5.67 -4.24 -3.96
N VAL A 10 5.48 -4.21 -5.28
CA VAL A 10 6.25 -3.41 -6.19
C VAL A 10 6.13 -1.93 -5.84
N ALA A 11 4.92 -1.46 -5.48
CA ALA A 11 4.66 -0.10 -5.01
C ALA A 11 5.51 0.15 -3.76
N PHE A 12 5.09 -0.44 -2.64
CA PHE A 12 5.69 -0.38 -1.32
C PHE A 12 7.18 -0.15 -1.43
N ARG A 13 7.86 -1.08 -2.09
CA ARG A 13 9.30 -1.13 -2.26
C ARG A 13 9.96 0.24 -2.48
N ALA A 14 9.27 1.16 -3.20
CA ALA A 14 9.70 2.54 -3.34
C ALA A 14 10.16 3.16 -2.02
N PHE A 15 9.31 3.14 -0.99
CA PHE A 15 9.66 3.65 0.35
C PHE A 15 10.06 2.49 1.26
N ASP A 16 9.28 1.40 1.20
CA ASP A 16 9.48 0.21 1.99
C ASP A 16 10.65 -0.61 1.50
N GLN A 17 11.88 -0.22 1.86
CA GLN A 17 12.96 -1.18 1.71
C GLN A 17 12.65 -2.44 2.51
N ASP A 18 12.12 -2.23 3.71
CA ASP A 18 11.45 -3.23 4.52
C ASP A 18 10.63 -2.45 5.53
N GLY A 19 9.35 -2.16 5.27
CA GLY A 19 8.55 -1.51 6.28
C GLY A 19 7.98 -2.48 7.32
N ASP A 20 8.71 -3.55 7.71
CA ASP A 20 8.33 -4.55 8.73
C ASP A 20 7.32 -3.98 9.73
N GLY A 21 7.74 -2.89 10.36
CA GLY A 21 6.96 -2.09 11.26
C GLY A 21 5.69 -1.51 10.63
N HIS A 22 5.81 -0.39 9.90
CA HIS A 22 4.66 0.44 9.53
C HIS A 22 5.07 1.51 8.52
N ILE A 23 4.30 1.65 7.43
CA ILE A 23 4.46 2.69 6.41
C ILE A 23 3.92 4.05 6.87
N THR A 24 4.20 5.09 6.08
CA THR A 24 3.28 6.20 5.92
C THR A 24 2.44 5.96 4.67
N VAL A 25 1.11 6.01 4.82
CA VAL A 25 0.19 5.82 3.72
C VAL A 25 0.46 6.87 2.62
N ASP A 26 1.06 8.01 2.98
CA ASP A 26 1.41 9.03 2.00
C ASP A 26 2.57 8.56 1.10
N GLU A 27 3.56 7.88 1.69
CA GLU A 27 4.61 7.22 0.93
C GLU A 27 4.02 6.18 -0.01
N LEU A 28 3.02 5.43 0.43
CA LEU A 28 2.26 4.54 -0.47
C LEU A 28 1.71 5.33 -1.66
N ARG A 29 1.09 6.48 -1.39
CA ARG A 29 0.53 7.35 -2.41
C ARG A 29 1.60 7.83 -3.39
N ARG A 30 2.80 8.16 -2.89
CA ARG A 30 3.94 8.42 -3.75
C ARG A 30 4.35 7.17 -4.53
N ALA A 31 4.43 6.02 -3.87
CA ALA A 31 4.90 4.76 -4.44
C ALA A 31 4.13 4.42 -5.70
N MET A 32 2.80 4.56 -5.64
CA MET A 32 1.90 4.45 -6.78
C MET A 32 2.41 5.15 -8.05
N ALA A 33 3.16 6.25 -7.94
CA ALA A 33 3.80 6.88 -9.09
C ALA A 33 4.61 5.88 -9.91
N GLY A 34 5.27 4.95 -9.24
CA GLY A 34 6.01 3.86 -9.84
C GLY A 34 5.12 2.93 -10.68
N LEU A 35 3.84 2.78 -10.32
CA LEU A 35 2.95 1.81 -10.96
C LEU A 35 2.49 2.29 -12.33
N GLY A 36 2.05 3.54 -12.44
CA GLY A 36 1.57 4.09 -13.70
C GLY A 36 0.37 5.00 -13.52
N GLN A 37 -0.39 4.78 -12.44
CA GLN A 37 -1.49 5.62 -11.99
C GLN A 37 -0.98 6.48 -10.81
N PRO A 38 -0.29 7.61 -11.07
CA PRO A 38 0.32 8.41 -10.01
C PRO A 38 -0.74 9.13 -9.20
N LEU A 39 -0.56 9.19 -7.87
CA LEU A 39 -1.46 9.91 -6.97
C LEU A 39 -2.93 9.60 -7.27
N PRO A 40 -3.31 8.31 -7.27
CA PRO A 40 -4.65 7.90 -7.63
C PRO A 40 -5.53 8.15 -6.42
N GLN A 41 -5.92 9.40 -6.21
CA GLN A 41 -6.52 9.86 -4.96
C GLN A 41 -7.58 8.89 -4.41
N GLU A 42 -8.42 8.37 -5.31
CA GLU A 42 -9.44 7.33 -5.13
C GLU A 42 -8.91 5.93 -4.83
N GLU A 43 -7.89 5.45 -5.55
CA GLU A 43 -7.37 4.12 -5.34
C GLU A 43 -6.68 4.16 -3.98
N LEU A 44 -5.87 5.20 -3.75
CA LEU A 44 -5.32 5.44 -2.43
C LEU A 44 -6.41 5.75 -1.40
N ASP A 45 -7.53 6.40 -1.74
CA ASP A 45 -8.63 6.59 -0.79
C ASP A 45 -9.12 5.24 -0.29
N ALA A 46 -9.40 4.39 -1.27
CA ALA A 46 -9.85 3.03 -1.07
C ALA A 46 -8.84 2.27 -0.20
N MET A 47 -7.55 2.25 -0.60
CA MET A 47 -6.51 1.66 0.20
C MET A 47 -6.38 2.35 1.56
N ILE A 48 -6.57 3.65 1.66
CA ILE A 48 -6.52 4.42 2.91
C ILE A 48 -7.49 3.78 3.89
N ARG A 49 -8.75 3.60 3.46
CA ARG A 49 -9.75 3.04 4.36
C ARG A 49 -9.47 1.57 4.67
N GLU A 50 -9.12 0.77 3.66
CA GLU A 50 -8.77 -0.63 3.89
C GLU A 50 -7.54 -0.77 4.81
N ALA A 51 -6.60 0.15 4.69
CA ALA A 51 -5.33 0.13 5.41
C ALA A 51 -5.49 0.57 6.85
N ASP A 52 -6.37 -0.09 7.61
CA ASP A 52 -6.53 0.15 9.04
C ASP A 52 -6.42 -1.16 9.82
N VAL A 53 -5.17 -1.59 10.00
CA VAL A 53 -4.84 -2.74 10.83
C VAL A 53 -5.15 -2.42 12.30
N ASP A 54 -4.70 -1.25 12.78
CA ASP A 54 -4.81 -0.91 14.20
C ASP A 54 -6.22 -0.46 14.58
N GLN A 55 -6.59 0.77 14.17
CA GLN A 55 -7.77 1.57 14.53
C GLN A 55 -7.37 3.05 14.38
N ASP A 56 -7.12 3.48 13.15
CA ASP A 56 -6.63 4.82 12.81
C ASP A 56 -6.54 4.98 11.28
N GLY A 57 -6.00 3.97 10.60
CA GLY A 57 -5.45 4.05 9.26
C GLY A 57 -3.95 3.77 9.31
N ARG A 58 -3.57 2.63 9.91
CA ARG A 58 -2.19 2.21 10.10
C ARG A 58 -2.06 0.78 9.60
N VAL A 59 -0.94 0.43 8.99
CA VAL A 59 -0.74 -0.85 8.31
C VAL A 59 0.70 -1.33 8.49
N ASN A 60 0.87 -2.58 8.95
CA ASN A 60 2.10 -3.33 8.76
C ASN A 60 2.28 -3.49 7.25
N TYR A 61 3.43 -3.06 6.71
CA TYR A 61 3.64 -2.99 5.28
C TYR A 61 3.32 -4.32 4.57
N GLU A 62 3.94 -5.40 5.04
CA GLU A 62 3.86 -6.71 4.41
C GLU A 62 2.47 -7.32 4.62
N GLU A 63 1.97 -7.30 5.86
CA GLU A 63 0.66 -7.86 6.15
C GLU A 63 -0.41 -7.15 5.32
N PHE A 64 -0.26 -5.82 5.14
CA PHE A 64 -1.18 -5.10 4.29
C PHE A 64 -1.13 -5.57 2.85
N ALA A 65 0.08 -5.69 2.30
CA ALA A 65 0.26 -6.28 0.98
C ALA A 65 -0.49 -7.62 0.91
N ARG A 66 -0.36 -8.44 1.95
CA ARG A 66 -1.07 -9.70 2.08
C ARG A 66 -2.58 -9.51 1.95
N MET A 67 -3.18 -8.60 2.71
CA MET A 67 -4.61 -8.34 2.58
C MET A 67 -4.97 -7.77 1.20
N LEU A 68 -4.12 -6.95 0.58
CA LEU A 68 -4.30 -6.53 -0.80
C LEU A 68 -3.94 -7.63 -1.81
N ALA A 69 -3.52 -8.79 -1.34
CA ALA A 69 -3.63 -10.03 -2.08
C ALA A 69 -5.03 -10.60 -1.87
N GLN A 70 -5.43 -10.72 -0.60
CA GLN A 70 -6.67 -11.32 -0.15
C GLN A 70 -6.79 -12.74 -0.70
N GLU A 71 -5.99 -13.68 -0.16
CA GLU A 71 -6.07 -15.11 -0.43
C GLU A 71 -5.57 -15.75 0.87
N ALA A 1 -5.72 -9.85 -14.05
CA ALA A 1 -4.64 -10.64 -13.45
C ALA A 1 -4.63 -10.27 -11.96
N ARG A 2 -3.49 -10.26 -11.26
CA ARG A 2 -3.46 -9.90 -9.84
C ARG A 2 -2.36 -8.90 -9.51
N ALA A 3 -2.49 -7.80 -10.23
CA ALA A 3 -2.37 -6.54 -9.52
C ALA A 3 -3.43 -6.50 -8.42
N GLY A 4 -3.19 -5.66 -7.43
CA GLY A 4 -3.23 -6.22 -6.10
C GLY A 4 -1.78 -6.61 -5.84
N LEU A 5 -1.55 -7.58 -4.98
CA LEU A 5 -0.29 -7.74 -4.28
C LEU A 5 0.98 -7.51 -5.09
N GLU A 6 1.09 -8.10 -6.27
CA GLU A 6 2.32 -7.95 -7.06
C GLU A 6 2.64 -6.46 -7.23
N ASP A 7 1.66 -5.68 -7.70
CA ASP A 7 1.78 -4.25 -7.86
C ASP A 7 2.14 -3.62 -6.52
N LEU A 8 1.36 -3.91 -5.47
CA LEU A 8 1.56 -3.28 -4.18
C LEU A 8 2.96 -3.56 -3.60
N GLN A 9 3.48 -4.76 -3.73
CA GLN A 9 4.81 -5.11 -3.25
C GLN A 9 5.86 -4.24 -3.96
N VAL A 10 5.73 -4.12 -5.29
CA VAL A 10 6.60 -3.27 -6.08
C VAL A 10 6.41 -1.80 -5.68
N ALA A 11 5.17 -1.40 -5.37
CA ALA A 11 4.86 -0.07 -4.83
C ALA A 11 5.69 0.14 -3.57
N PHE A 12 5.41 -0.67 -2.55
CA PHE A 12 6.09 -0.70 -1.27
C PHE A 12 7.61 -0.60 -1.44
N ARG A 13 8.17 -1.41 -2.32
CA ARG A 13 9.61 -1.43 -2.58
C ARG A 13 10.20 -0.05 -2.89
N ALA A 14 9.40 0.92 -3.36
CA ALA A 14 9.85 2.31 -3.46
C ALA A 14 10.06 2.90 -2.06
N PHE A 15 8.97 3.15 -1.33
CA PHE A 15 9.02 3.74 0.00
C PHE A 15 8.96 2.62 1.02
N ASP A 16 9.95 1.74 0.97
CA ASP A 16 10.02 0.65 1.91
C ASP A 16 10.56 1.22 3.23
N GLN A 17 9.68 1.95 3.94
CA GLN A 17 9.97 2.71 5.15
C GLN A 17 10.82 1.90 6.13
N ASP A 18 10.49 0.60 6.23
CA ASP A 18 11.11 -0.37 7.11
C ASP A 18 10.72 -1.76 6.62
N GLY A 19 9.46 -1.95 6.22
CA GLY A 19 9.06 -3.19 5.59
C GLY A 19 8.71 -4.16 6.67
N ASP A 20 9.72 -4.75 7.32
CA ASP A 20 9.54 -5.75 8.36
C ASP A 20 8.44 -5.29 9.34
N GLY A 21 8.46 -4.01 9.67
CA GLY A 21 7.37 -3.26 10.25
C GLY A 21 6.31 -2.76 9.27
N HIS A 22 6.39 -1.47 8.90
CA HIS A 22 5.20 -0.67 8.61
C HIS A 22 5.48 0.50 7.68
N ILE A 23 4.44 0.90 6.92
CA ILE A 23 4.43 2.05 6.01
C ILE A 23 3.78 3.30 6.62
N THR A 24 3.94 4.44 5.91
CA THR A 24 2.93 5.48 5.85
C THR A 24 2.08 5.36 4.57
N VAL A 25 0.77 5.44 4.74
CA VAL A 25 -0.20 5.60 3.66
C VAL A 25 0.16 6.72 2.69
N ASP A 26 0.84 7.78 3.18
CA ASP A 26 1.28 8.85 2.29
C ASP A 26 2.22 8.30 1.24
N GLU A 27 3.28 7.64 1.72
CA GLU A 27 4.30 7.03 0.89
C GLU A 27 3.70 6.04 -0.10
N LEU A 28 2.67 5.32 0.30
CA LEU A 28 1.91 4.46 -0.61
C LEU A 28 1.37 5.27 -1.79
N ARG A 29 0.72 6.40 -1.50
CA ARG A 29 0.16 7.29 -2.52
C ARG A 29 1.22 7.71 -3.53
N ARG A 30 2.44 7.95 -3.04
CA ARG A 30 3.58 8.25 -3.86
C ARG A 30 4.02 7.00 -4.65
N ALA A 31 4.18 5.87 -3.96
CA ALA A 31 4.63 4.59 -4.49
C ALA A 31 3.87 4.19 -5.75
N MET A 32 2.55 4.42 -5.72
CA MET A 32 1.66 4.18 -6.85
C MET A 32 2.18 4.76 -8.18
N ALA A 33 2.96 5.84 -8.12
CA ALA A 33 3.63 6.40 -9.30
C ALA A 33 4.47 5.34 -10.05
N GLY A 34 5.07 4.41 -9.30
CA GLY A 34 5.81 3.29 -9.85
C GLY A 34 4.94 2.36 -10.69
N LEU A 35 3.64 2.27 -10.38
CA LEU A 35 2.74 1.27 -10.96
C LEU A 35 2.20 1.75 -12.30
N GLY A 36 1.47 2.87 -12.29
CA GLY A 36 0.77 3.33 -13.47
C GLY A 36 -0.15 4.51 -13.19
N GLN A 37 -0.83 4.50 -12.04
CA GLN A 37 -1.74 5.57 -11.62
C GLN A 37 -1.05 6.44 -10.56
N PRO A 38 -0.26 7.46 -10.93
CA PRO A 38 0.46 8.27 -9.96
C PRO A 38 -0.49 9.07 -9.09
N LEU A 39 -0.29 9.03 -7.77
CA LEU A 39 -1.05 9.82 -6.81
C LEU A 39 -2.57 9.57 -6.98
N PRO A 40 -3.02 8.33 -6.87
CA PRO A 40 -4.38 7.97 -7.24
C PRO A 40 -5.31 8.24 -6.09
N GLN A 41 -5.64 9.52 -5.87
CA GLN A 41 -6.39 9.94 -4.70
C GLN A 41 -7.58 9.03 -4.40
N GLU A 42 -8.42 8.69 -5.36
CA GLU A 42 -9.59 7.85 -5.08
C GLU A 42 -9.18 6.46 -4.59
N GLU A 43 -8.21 5.85 -5.26
CA GLU A 43 -7.80 4.49 -4.95
C GLU A 43 -7.09 4.51 -3.60
N LEU A 44 -6.26 5.52 -3.34
CA LEU A 44 -5.54 5.63 -2.09
C LEU A 44 -6.41 6.16 -0.96
N ASP A 45 -7.46 6.93 -1.22
CA ASP A 45 -8.42 7.40 -0.23
C ASP A 45 -9.27 6.19 0.19
N ALA A 46 -9.62 5.36 -0.79
CA ALA A 46 -10.23 4.07 -0.53
C ALA A 46 -9.29 3.20 0.33
N MET A 47 -8.06 2.95 -0.14
CA MET A 47 -7.06 2.22 0.62
C MET A 47 -6.75 2.90 1.95
N ILE A 48 -6.88 4.22 2.07
CA ILE A 48 -6.67 4.94 3.33
C ILE A 48 -7.62 4.36 4.40
N ARG A 49 -8.86 4.04 4.00
CA ARG A 49 -9.82 3.40 4.88
C ARG A 49 -9.50 1.91 5.03
N GLU A 50 -9.31 1.20 3.92
CA GLU A 50 -9.12 -0.25 3.97
C GLU A 50 -7.83 -0.64 4.72
N ALA A 51 -6.77 0.15 4.56
CA ALA A 51 -5.47 0.01 5.21
C ALA A 51 -5.55 0.46 6.67
N ASP A 52 -6.53 -0.05 7.42
CA ASP A 52 -6.69 0.24 8.81
C ASP A 52 -6.42 -1.04 9.61
N VAL A 53 -5.15 -1.44 9.64
CA VAL A 53 -4.73 -2.60 10.41
C VAL A 53 -4.68 -2.23 11.89
N ASP A 54 -4.12 -1.05 12.21
CA ASP A 54 -3.96 -0.63 13.59
C ASP A 54 -5.29 -0.25 14.24
N GLN A 55 -5.91 0.84 13.77
CA GLN A 55 -7.13 1.54 14.22
C GLN A 55 -6.94 3.05 14.02
N ASP A 56 -6.63 3.47 12.78
CA ASP A 56 -6.60 4.85 12.31
C ASP A 56 -6.23 4.87 10.83
N GLY A 57 -5.09 4.22 10.54
CA GLY A 57 -4.45 4.23 9.23
C GLY A 57 -2.97 3.79 9.28
N ARG A 58 -2.47 3.29 10.43
CA ARG A 58 -1.19 2.59 10.46
C ARG A 58 -1.39 1.19 9.88
N VAL A 59 -0.37 0.72 9.15
CA VAL A 59 -0.41 -0.53 8.41
C VAL A 59 0.94 -1.22 8.46
N ASN A 60 0.94 -2.48 8.92
CA ASN A 60 2.06 -3.39 8.73
C ASN A 60 2.22 -3.58 7.23
N TYR A 61 3.44 -3.36 6.72
CA TYR A 61 3.72 -3.31 5.30
C TYR A 61 3.23 -4.59 4.60
N GLU A 62 3.58 -5.75 5.17
CA GLU A 62 3.33 -7.05 4.55
C GLU A 62 1.87 -7.45 4.74
N GLU A 63 1.34 -7.25 5.95
CA GLU A 63 -0.05 -7.57 6.28
C GLU A 63 -0.99 -6.84 5.29
N PHE A 64 -0.65 -5.58 5.00
CA PHE A 64 -1.28 -4.85 3.91
C PHE A 64 -1.21 -5.64 2.61
N ALA A 65 0.01 -5.84 2.11
CA ALA A 65 0.25 -6.43 0.81
C ALA A 65 -0.55 -7.72 0.65
N ARG A 66 -0.51 -8.55 1.70
CA ARG A 66 -1.27 -9.77 1.84
C ARG A 66 -2.75 -9.55 1.51
N MET A 67 -3.45 -8.64 2.23
CA MET A 67 -4.88 -8.51 1.96
C MET A 67 -5.15 -7.91 0.57
N LEU A 68 -4.31 -7.00 0.09
CA LEU A 68 -4.33 -6.58 -1.31
C LEU A 68 -3.92 -7.68 -2.30
N ALA A 69 -3.60 -8.88 -1.82
CA ALA A 69 -3.50 -10.06 -2.66
C ALA A 69 -4.86 -10.69 -2.94
N GLN A 70 -5.90 -10.30 -2.18
CA GLN A 70 -7.31 -10.72 -2.27
C GLN A 70 -7.52 -12.01 -3.07
N GLU A 71 -7.29 -13.15 -2.44
CA GLU A 71 -7.73 -14.43 -2.97
C GLU A 71 -9.20 -14.64 -2.63
N ALA A 1 -0.99 -12.34 -14.56
CA ALA A 1 -2.04 -11.32 -14.39
C ALA A 1 -2.33 -11.10 -12.90
N ARG A 2 -1.45 -10.41 -12.18
CA ARG A 2 -1.66 -10.11 -10.78
C ARG A 2 -0.77 -8.96 -10.35
N ALA A 3 -1.27 -7.81 -10.75
CA ALA A 3 -1.15 -6.60 -9.98
C ALA A 3 -1.94 -6.76 -8.69
N GLY A 4 -2.25 -5.65 -8.02
CA GLY A 4 -2.47 -5.73 -6.59
C GLY A 4 -1.15 -6.25 -6.04
N LEU A 5 -1.18 -7.37 -5.35
CA LEU A 5 -0.11 -7.75 -4.44
C LEU A 5 1.30 -7.64 -5.01
N GLU A 6 1.57 -8.25 -6.15
CA GLU A 6 2.94 -8.35 -6.65
C GLU A 6 3.45 -6.97 -7.06
N ASP A 7 2.62 -6.23 -7.79
CA ASP A 7 2.96 -4.87 -8.21
C ASP A 7 3.18 -4.05 -6.95
N LEU A 8 2.26 -4.18 -6.00
CA LEU A 8 2.28 -3.39 -4.79
C LEU A 8 3.46 -3.75 -3.88
N GLN A 9 3.93 -4.99 -3.82
CA GLN A 9 5.14 -5.32 -3.06
C GLN A 9 6.33 -4.54 -3.63
N VAL A 10 6.43 -4.48 -4.95
CA VAL A 10 7.45 -3.72 -5.64
C VAL A 10 7.21 -2.21 -5.38
N ALA A 11 5.95 -1.76 -5.42
CA ALA A 11 5.54 -0.40 -5.08
C ALA A 11 6.12 0.00 -3.72
N PHE A 12 5.71 -0.78 -2.71
CA PHE A 12 6.05 -0.63 -1.32
C PHE A 12 7.52 -0.29 -1.15
N ARG A 13 8.40 -1.14 -1.69
CA ARG A 13 9.84 -1.04 -1.57
C ARG A 13 10.42 0.37 -1.80
N ALA A 14 9.70 1.26 -2.52
CA ALA A 14 10.09 2.65 -2.66
C ALA A 14 9.94 3.46 -1.36
N PHE A 15 8.85 3.29 -0.62
CA PHE A 15 8.52 4.02 0.61
C PHE A 15 8.07 3.03 1.69
N ASP A 16 9.00 2.14 2.07
CA ASP A 16 8.75 1.04 2.97
C ASP A 16 10.06 0.73 3.67
N GLN A 17 9.98 0.05 4.81
CA GLN A 17 11.10 -0.45 5.57
C GLN A 17 11.12 -1.98 5.63
N ASP A 18 10.12 -2.63 5.03
CA ASP A 18 9.94 -4.06 4.94
C ASP A 18 9.46 -4.61 6.28
N GLY A 19 8.34 -4.09 6.82
CA GLY A 19 7.74 -4.68 8.01
C GLY A 19 8.44 -4.24 9.29
N ASP A 20 9.78 -4.27 9.30
CA ASP A 20 10.63 -3.53 10.25
C ASP A 20 10.03 -2.15 10.51
N GLY A 21 9.52 -1.51 9.44
CA GLY A 21 8.67 -0.35 9.56
C GLY A 21 7.38 -0.48 8.77
N HIS A 22 6.28 -0.30 9.51
CA HIS A 22 4.97 0.12 9.05
C HIS A 22 5.04 1.14 7.91
N ILE A 23 4.02 1.11 7.04
CA ILE A 23 3.89 2.10 5.97
C ILE A 23 3.20 3.37 6.44
N THR A 24 3.29 4.34 5.53
CA THR A 24 2.75 5.68 5.50
C THR A 24 1.88 5.69 4.23
N VAL A 25 0.56 5.76 4.42
CA VAL A 25 -0.41 5.76 3.32
C VAL A 25 -0.03 6.77 2.22
N ASP A 26 0.56 7.90 2.61
CA ASP A 26 0.95 8.92 1.63
C ASP A 26 2.18 8.52 0.80
N GLU A 27 3.08 7.76 1.42
CA GLU A 27 4.24 7.13 0.81
C GLU A 27 3.76 6.04 -0.14
N LEU A 28 2.72 5.32 0.25
CA LEU A 28 1.98 4.47 -0.66
C LEU A 28 1.52 5.26 -1.89
N ARG A 29 0.88 6.41 -1.66
CA ARG A 29 0.41 7.28 -2.74
C ARG A 29 1.57 7.74 -3.64
N ARG A 30 2.73 8.04 -3.07
CA ARG A 30 3.94 8.26 -3.87
C ARG A 30 4.22 7.04 -4.74
N ALA A 31 4.28 5.84 -4.15
CA ALA A 31 4.52 4.58 -4.86
C ALA A 31 3.66 4.45 -6.10
N MET A 32 2.37 4.75 -5.96
CA MET A 32 1.41 4.67 -7.06
C MET A 32 1.85 5.46 -8.30
N ALA A 33 2.59 6.56 -8.11
CA ALA A 33 3.14 7.31 -9.23
C ALA A 33 4.06 6.45 -10.09
N GLY A 34 4.78 5.53 -9.46
CA GLY A 34 5.64 4.57 -10.15
C GLY A 34 4.83 3.62 -11.04
N LEU A 35 3.67 3.17 -10.53
CA LEU A 35 2.89 2.10 -11.15
C LEU A 35 2.25 2.52 -12.46
N GLY A 36 1.61 3.69 -12.52
CA GLY A 36 0.97 4.17 -13.74
C GLY A 36 -0.35 4.90 -13.51
N GLN A 37 -0.93 4.75 -12.32
CA GLN A 37 -2.12 5.47 -11.90
C GLN A 37 -1.71 6.44 -10.78
N PRO A 38 -1.12 7.61 -11.11
CA PRO A 38 -0.49 8.51 -10.15
C PRO A 38 -1.54 9.28 -9.34
N LEU A 39 -1.28 9.45 -8.03
CA LEU A 39 -2.22 10.09 -7.09
C LEU A 39 -3.66 9.69 -7.40
N PRO A 40 -3.95 8.38 -7.36
CA PRO A 40 -5.25 7.88 -7.68
C PRO A 40 -6.09 8.08 -6.43
N GLN A 41 -6.50 9.32 -6.16
CA GLN A 41 -7.02 9.67 -4.86
C GLN A 41 -8.12 8.71 -4.41
N GLU A 42 -8.99 8.27 -5.32
CA GLU A 42 -9.97 7.22 -5.06
C GLU A 42 -9.34 5.91 -4.65
N GLU A 43 -8.39 5.43 -5.45
CA GLU A 43 -7.87 4.09 -5.31
C GLU A 43 -7.05 4.02 -4.03
N LEU A 44 -6.23 5.06 -3.79
CA LEU A 44 -5.59 5.19 -2.50
C LEU A 44 -6.60 5.41 -1.37
N ASP A 45 -7.56 6.33 -1.47
CA ASP A 45 -8.57 6.60 -0.43
C ASP A 45 -9.22 5.29 0.03
N ALA A 46 -9.66 4.51 -0.95
CA ALA A 46 -10.23 3.18 -0.73
C ALA A 46 -9.30 2.36 0.17
N MET A 47 -8.02 2.28 -0.17
CA MET A 47 -7.02 1.60 0.63
C MET A 47 -6.68 2.32 1.94
N ILE A 48 -6.73 3.65 1.98
CA ILE A 48 -6.47 4.46 3.16
C ILE A 48 -7.46 4.00 4.23
N ARG A 49 -8.71 3.81 3.85
CA ARG A 49 -9.71 3.34 4.78
C ARG A 49 -9.38 1.94 5.32
N GLU A 50 -8.95 1.02 4.45
CA GLU A 50 -8.47 -0.30 4.86
C GLU A 50 -7.19 -0.21 5.71
N ALA A 51 -6.38 0.84 5.53
CA ALA A 51 -5.10 1.01 6.21
C ALA A 51 -5.26 1.43 7.67
N ASP A 52 -6.19 0.83 8.42
CA ASP A 52 -6.46 1.12 9.82
C ASP A 52 -6.04 -0.03 10.74
N VAL A 53 -5.46 -1.10 10.18
CA VAL A 53 -5.03 -2.32 10.86
C VAL A 53 -4.43 -2.06 12.26
N ASP A 54 -3.45 -1.16 12.36
CA ASP A 54 -2.83 -0.82 13.64
C ASP A 54 -3.85 -0.17 14.57
N GLN A 55 -4.47 0.92 14.09
CA GLN A 55 -5.51 1.66 14.79
C GLN A 55 -6.22 2.62 13.82
N ASP A 56 -5.43 3.41 13.09
CA ASP A 56 -5.81 4.27 11.98
C ASP A 56 -4.51 4.55 11.22
N GLY A 57 -4.59 5.05 9.98
CA GLY A 57 -3.50 5.33 9.04
C GLY A 57 -2.20 4.55 9.28
N ARG A 58 -2.27 3.23 9.51
CA ARG A 58 -1.13 2.41 9.90
C ARG A 58 -1.45 0.95 9.63
N VAL A 59 -0.50 0.29 8.96
CA VAL A 59 -0.70 -1.00 8.33
C VAL A 59 0.58 -1.82 8.47
N ASN A 60 0.46 -3.08 8.90
CA ASN A 60 1.52 -4.05 8.69
C ASN A 60 1.69 -4.19 7.18
N TYR A 61 2.70 -3.50 6.64
CA TYR A 61 2.95 -3.40 5.22
C TYR A 61 2.92 -4.77 4.52
N GLU A 62 3.43 -5.80 5.19
CA GLU A 62 3.53 -7.14 4.63
C GLU A 62 2.13 -7.72 4.52
N GLU A 63 1.50 -8.01 5.67
CA GLU A 63 0.16 -8.56 5.78
C GLU A 63 -0.81 -7.84 4.85
N PHE A 64 -0.71 -6.50 4.84
CA PHE A 64 -1.54 -5.64 3.99
C PHE A 64 -1.59 -6.10 2.55
N ALA A 65 -0.47 -6.55 1.99
CA ALA A 65 -0.40 -7.06 0.63
C ALA A 65 -1.52 -8.08 0.37
N ARG A 66 -1.81 -8.92 1.36
CA ARG A 66 -2.86 -9.93 1.30
C ARG A 66 -4.24 -9.26 1.20
N MET A 67 -4.46 -8.13 1.86
CA MET A 67 -5.68 -7.35 1.66
C MET A 67 -5.65 -6.64 0.31
N LEU A 68 -4.48 -6.19 -0.15
CA LEU A 68 -4.36 -5.58 -1.46
C LEU A 68 -4.91 -6.52 -2.52
N ALA A 69 -4.44 -7.77 -2.52
CA ALA A 69 -5.10 -8.82 -3.28
C ALA A 69 -6.25 -9.43 -2.48
N GLN A 70 -7.24 -8.57 -2.27
CA GLN A 70 -8.54 -8.88 -1.69
C GLN A 70 -9.37 -9.69 -2.70
N GLU A 71 -8.88 -10.87 -3.08
CA GLU A 71 -9.25 -11.53 -4.32
C GLU A 71 -8.71 -10.65 -5.47
N ALA A 1 2.88 -12.90 -13.42
CA ALA A 1 2.95 -11.67 -12.62
C ALA A 1 1.52 -11.26 -12.26
N ARG A 2 1.29 -10.54 -11.15
CA ARG A 2 -0.04 -10.06 -10.81
C ARG A 2 0.02 -8.74 -10.04
N ALA A 3 -0.66 -7.75 -10.61
CA ALA A 3 -0.98 -6.52 -9.91
C ALA A 3 -2.03 -6.80 -8.84
N GLY A 4 -2.26 -5.80 -8.01
CA GLY A 4 -2.36 -6.12 -6.62
C GLY A 4 -0.96 -6.58 -6.20
N LEU A 5 -0.84 -7.77 -5.63
CA LEU A 5 0.26 -8.04 -4.72
C LEU A 5 1.67 -7.92 -5.27
N GLU A 6 1.93 -8.49 -6.43
CA GLU A 6 3.28 -8.48 -6.98
C GLU A 6 3.69 -7.03 -7.27
N ASP A 7 2.79 -6.29 -7.92
CA ASP A 7 3.00 -4.88 -8.19
C ASP A 7 3.22 -4.14 -6.88
N LEU A 8 2.38 -4.45 -5.90
CA LEU A 8 2.47 -3.84 -4.60
C LEU A 8 3.79 -4.06 -3.90
N GLN A 9 4.32 -5.29 -3.86
CA GLN A 9 5.58 -5.53 -3.17
C GLN A 9 6.66 -4.57 -3.73
N VAL A 10 6.67 -4.38 -5.06
CA VAL A 10 7.51 -3.45 -5.74
C VAL A 10 7.12 -2.00 -5.37
N ALA A 11 5.82 -1.67 -5.38
CA ALA A 11 5.26 -0.38 -4.97
C ALA A 11 5.85 0.01 -3.61
N PHE A 12 5.53 -0.81 -2.62
CA PHE A 12 6.05 -0.81 -1.26
C PHE A 12 7.55 -0.58 -1.24
N ARG A 13 8.34 -1.43 -1.90
CA ARG A 13 9.79 -1.33 -1.83
C ARG A 13 10.34 0.09 -2.10
N ALA A 14 9.62 0.93 -2.86
CA ALA A 14 10.01 2.32 -3.05
C ALA A 14 9.81 3.17 -1.77
N PHE A 15 8.71 2.99 -1.05
CA PHE A 15 8.37 3.72 0.17
C PHE A 15 7.90 2.72 1.23
N ASP A 16 8.85 1.93 1.72
CA ASP A 16 8.65 1.04 2.84
C ASP A 16 9.82 1.27 3.80
N GLN A 17 9.87 2.48 4.36
CA GLN A 17 10.87 2.82 5.36
C GLN A 17 10.72 1.91 6.58
N ASP A 18 9.47 1.64 6.96
CA ASP A 18 9.13 0.78 8.07
C ASP A 18 9.63 -0.65 7.83
N GLY A 19 9.05 -1.41 6.89
CA GLY A 19 9.67 -2.66 6.44
C GLY A 19 9.44 -3.83 7.37
N ASP A 20 9.89 -3.70 8.62
CA ASP A 20 9.77 -4.70 9.68
C ASP A 20 8.37 -5.29 9.69
N GLY A 21 7.38 -4.41 9.62
CA GLY A 21 5.99 -4.80 9.41
C GLY A 21 5.09 -3.59 9.51
N HIS A 22 5.29 -2.60 8.63
CA HIS A 22 4.43 -1.43 8.50
C HIS A 22 4.69 -0.73 7.16
N ILE A 23 3.68 -0.06 6.57
CA ILE A 23 3.86 1.12 5.71
C ILE A 23 3.39 2.38 6.43
N THR A 24 3.72 3.51 5.80
CA THR A 24 3.10 4.82 5.89
C THR A 24 2.16 4.96 4.68
N VAL A 25 0.85 5.04 4.94
CA VAL A 25 -0.18 5.15 3.89
C VAL A 25 0.13 6.25 2.87
N ASP A 26 0.80 7.29 3.33
CA ASP A 26 1.15 8.41 2.45
C ASP A 26 2.24 8.03 1.44
N GLU A 27 3.26 7.33 1.93
CA GLU A 27 4.34 6.73 1.16
C GLU A 27 3.75 5.85 0.06
N LEU A 28 2.76 5.04 0.43
CA LEU A 28 1.91 4.32 -0.51
C LEU A 28 1.38 5.21 -1.64
N ARG A 29 0.91 6.40 -1.30
CA ARG A 29 0.38 7.36 -2.27
C ARG A 29 1.47 7.91 -3.19
N ARG A 30 2.74 7.90 -2.76
CA ARG A 30 3.88 8.13 -3.63
C ARG A 30 4.10 6.90 -4.53
N ALA A 31 4.12 5.70 -3.94
CA ALA A 31 4.31 4.42 -4.64
C ALA A 31 3.54 4.33 -5.93
N MET A 32 2.28 4.71 -5.86
CA MET A 32 1.35 4.75 -6.97
C MET A 32 1.90 5.42 -8.24
N ALA A 33 2.80 6.40 -8.11
CA ALA A 33 3.52 6.94 -9.26
C ALA A 33 4.05 5.81 -10.15
N GLY A 34 4.68 4.82 -9.51
CA GLY A 34 5.19 3.61 -10.15
C GLY A 34 4.13 2.87 -10.96
N LEU A 35 2.88 2.87 -10.49
CA LEU A 35 1.78 2.17 -11.13
C LEU A 35 1.20 2.95 -12.32
N GLY A 36 1.74 4.13 -12.66
CA GLY A 36 1.24 4.88 -13.80
C GLY A 36 -0.06 5.64 -13.51
N GLN A 37 -0.77 5.26 -12.45
CA GLN A 37 -1.85 6.02 -11.85
C GLN A 37 -1.29 6.73 -10.62
N PRO A 38 -0.75 7.97 -10.72
CA PRO A 38 -0.08 8.64 -9.61
C PRO A 38 -1.10 9.21 -8.61
N LEU A 39 -0.80 9.12 -7.30
CA LEU A 39 -1.68 9.51 -6.19
C LEU A 39 -3.17 9.45 -6.51
N PRO A 40 -3.68 8.29 -6.91
CA PRO A 40 -5.04 8.13 -7.36
C PRO A 40 -5.90 8.15 -6.11
N GLN A 41 -6.27 9.36 -5.65
CA GLN A 41 -6.90 9.56 -4.36
C GLN A 41 -8.06 8.61 -4.14
N GLU A 42 -8.81 8.25 -5.18
CA GLU A 42 -9.84 7.22 -5.12
C GLU A 42 -9.29 5.86 -4.70
N GLU A 43 -8.26 5.34 -5.39
CA GLU A 43 -7.76 4.02 -5.07
C GLU A 43 -7.09 4.08 -3.69
N LEU A 44 -6.34 5.15 -3.44
CA LEU A 44 -5.70 5.30 -2.15
C LEU A 44 -6.73 5.51 -1.04
N ASP A 45 -7.85 6.18 -1.26
CA ASP A 45 -8.95 6.34 -0.31
C ASP A 45 -9.54 4.97 0.00
N ALA A 46 -9.88 4.27 -1.09
CA ALA A 46 -10.39 2.92 -1.05
C ALA A 46 -9.50 2.06 -0.16
N MET A 47 -8.18 2.08 -0.39
CA MET A 47 -7.24 1.41 0.47
C MET A 47 -7.12 2.05 1.86
N ILE A 48 -7.12 3.38 1.99
CA ILE A 48 -6.96 4.14 3.23
C ILE A 48 -7.93 3.58 4.26
N ARG A 49 -9.19 3.39 3.84
CA ARG A 49 -10.24 2.82 4.70
C ARG A 49 -9.84 1.46 5.28
N GLU A 50 -9.21 0.59 4.48
CA GLU A 50 -8.73 -0.71 4.94
C GLU A 50 -7.40 -0.57 5.69
N ALA A 51 -6.61 0.43 5.33
CA ALA A 51 -5.28 0.69 5.85
C ALA A 51 -5.38 1.32 7.24
N ASP A 52 -6.00 0.62 8.19
CA ASP A 52 -6.07 1.04 9.58
C ASP A 52 -5.91 -0.18 10.49
N VAL A 53 -4.66 -0.58 10.75
CA VAL A 53 -4.35 -1.68 11.66
C VAL A 53 -4.09 -1.11 13.05
N ASP A 54 -3.25 -0.07 13.13
CA ASP A 54 -2.92 0.58 14.38
C ASP A 54 -4.09 1.47 14.81
N GLN A 55 -4.10 2.74 14.38
CA GLN A 55 -5.22 3.64 14.60
C GLN A 55 -5.10 4.89 13.70
N ASP A 56 -4.55 4.72 12.48
CA ASP A 56 -4.44 5.75 11.45
C ASP A 56 -3.89 5.05 10.19
N GLY A 57 -3.02 5.69 9.40
CA GLY A 57 -2.51 5.15 8.15
C GLY A 57 -1.30 4.25 8.37
N ARG A 58 -1.44 3.33 9.32
CA ARG A 58 -0.44 2.37 9.75
C ARG A 58 -1.02 0.97 9.58
N VAL A 59 -0.41 0.22 8.66
CA VAL A 59 -0.82 -1.09 8.20
C VAL A 59 0.44 -1.92 8.08
N ASN A 60 0.41 -3.17 8.54
CA ASN A 60 1.50 -4.11 8.30
C ASN A 60 1.80 -4.17 6.80
N TYR A 61 3.02 -3.75 6.41
CA TYR A 61 3.50 -3.70 5.03
C TYR A 61 3.12 -4.99 4.28
N GLU A 62 3.40 -6.16 4.86
CA GLU A 62 3.16 -7.44 4.19
C GLU A 62 1.64 -7.67 4.11
N GLU A 63 1.00 -7.76 5.27
CA GLU A 63 -0.43 -8.05 5.42
C GLU A 63 -1.28 -7.15 4.52
N PHE A 64 -0.91 -5.88 4.38
CA PHE A 64 -1.49 -4.95 3.42
C PHE A 64 -1.66 -5.61 2.06
N ALA A 65 -0.57 -6.17 1.55
CA ALA A 65 -0.52 -6.76 0.23
C ALA A 65 -1.50 -7.91 0.15
N ARG A 66 -1.58 -8.70 1.23
CA ARG A 66 -2.60 -9.72 1.41
C ARG A 66 -3.99 -9.11 1.21
N MET A 67 -4.28 -7.99 1.88
CA MET A 67 -5.58 -7.34 1.74
C MET A 67 -5.83 -6.90 0.30
N LEU A 68 -4.94 -6.13 -0.34
CA LEU A 68 -5.17 -5.70 -1.71
C LEU A 68 -5.33 -6.92 -2.62
N ALA A 69 -4.54 -7.99 -2.41
CA ALA A 69 -4.74 -9.25 -3.12
C ALA A 69 -6.15 -9.81 -2.89
N GLN A 70 -6.62 -9.72 -1.64
CA GLN A 70 -7.82 -10.35 -1.13
C GLN A 70 -7.73 -11.85 -1.40
N GLU A 71 -6.76 -12.50 -0.75
CA GLU A 71 -6.32 -13.85 -1.04
C GLU A 71 -5.73 -14.39 0.27
N ALA A 1 2.69 -13.02 -13.04
CA ALA A 1 2.71 -11.61 -12.67
C ALA A 1 1.37 -10.97 -13.04
N ARG A 2 0.95 -9.95 -12.30
CA ARG A 2 -0.30 -9.21 -12.41
C ARG A 2 -0.09 -7.91 -11.66
N ALA A 3 -0.32 -6.80 -12.35
CA ALA A 3 -0.68 -5.58 -11.66
C ALA A 3 -1.98 -5.81 -10.90
N GLY A 4 -2.29 -4.88 -10.01
CA GLY A 4 -2.71 -5.36 -8.73
C GLY A 4 -1.46 -6.00 -8.13
N LEU A 5 -1.49 -7.28 -7.79
CA LEU A 5 -0.69 -7.77 -6.68
C LEU A 5 0.82 -7.50 -6.75
N GLU A 6 1.38 -7.63 -7.93
CA GLU A 6 2.80 -7.33 -8.15
C GLU A 6 3.03 -5.83 -8.01
N ASP A 7 2.19 -5.02 -8.65
CA ASP A 7 2.22 -3.57 -8.50
C ASP A 7 2.23 -3.24 -7.02
N LEU A 8 1.36 -3.83 -6.20
CA LEU A 8 1.38 -3.56 -4.79
C LEU A 8 2.70 -3.96 -4.11
N GLN A 9 3.24 -5.17 -4.34
CA GLN A 9 4.53 -5.52 -3.74
C GLN A 9 5.65 -4.54 -4.17
N VAL A 10 5.68 -4.16 -5.43
CA VAL A 10 6.62 -3.21 -5.96
C VAL A 10 6.36 -1.83 -5.34
N ALA A 11 5.08 -1.47 -5.12
CA ALA A 11 4.66 -0.26 -4.44
C ALA A 11 5.35 -0.24 -3.07
N PHE A 12 5.06 -1.27 -2.28
CA PHE A 12 5.64 -1.49 -0.98
C PHE A 12 7.15 -1.32 -0.99
N ARG A 13 7.85 -1.95 -1.95
CA ARG A 13 9.30 -1.88 -2.03
C ARG A 13 9.84 -0.45 -1.99
N ALA A 14 9.08 0.56 -2.44
CA ALA A 14 9.58 1.93 -2.42
C ALA A 14 9.82 2.44 -0.98
N PHE A 15 8.82 2.29 -0.11
CA PHE A 15 8.83 2.80 1.27
C PHE A 15 8.78 1.68 2.29
N ASP A 16 9.48 0.59 1.96
CA ASP A 16 9.70 -0.54 2.83
C ASP A 16 10.48 -0.17 4.09
N GLN A 17 11.15 0.97 4.03
CA GLN A 17 11.88 1.57 5.12
C GLN A 17 10.99 1.81 6.34
N ASP A 18 9.74 2.25 6.14
CA ASP A 18 8.76 2.36 7.21
C ASP A 18 8.17 0.96 7.41
N GLY A 19 7.81 0.34 6.28
CA GLY A 19 7.38 -1.04 6.17
C GLY A 19 8.10 -2.06 7.05
N ASP A 20 9.39 -1.86 7.37
CA ASP A 20 10.16 -2.63 8.35
C ASP A 20 9.27 -3.20 9.46
N GLY A 21 8.32 -2.39 9.95
CA GLY A 21 7.09 -2.99 10.45
C GLY A 21 5.78 -2.26 10.11
N HIS A 22 5.75 -1.10 9.45
CA HIS A 22 4.50 -0.42 9.18
C HIS A 22 4.66 0.64 8.10
N ILE A 23 3.86 0.65 7.03
CA ILE A 23 4.02 1.72 6.05
C ILE A 23 3.51 3.05 6.58
N THR A 24 3.73 4.03 5.72
CA THR A 24 3.14 5.34 5.60
C THR A 24 2.30 5.29 4.32
N VAL A 25 0.97 5.35 4.50
CA VAL A 25 -0.03 5.28 3.45
C VAL A 25 0.28 6.24 2.30
N ASP A 26 0.83 7.41 2.64
CA ASP A 26 1.07 8.45 1.62
C ASP A 26 2.22 8.02 0.71
N GLU A 27 3.30 7.55 1.31
CA GLU A 27 4.41 6.87 0.63
C GLU A 27 3.87 5.78 -0.26
N LEU A 28 2.92 4.97 0.23
CA LEU A 28 2.23 4.00 -0.61
C LEU A 28 1.72 4.66 -1.91
N ARG A 29 0.92 5.72 -1.77
CA ARG A 29 0.39 6.49 -2.89
C ARG A 29 1.52 6.95 -3.82
N ARG A 30 2.57 7.52 -3.24
CA ARG A 30 3.76 7.97 -3.94
C ARG A 30 4.36 6.83 -4.76
N ALA A 31 4.45 5.64 -4.16
CA ALA A 31 5.10 4.48 -4.77
C ALA A 31 4.49 4.16 -6.13
N MET A 32 3.16 4.14 -6.18
CA MET A 32 2.44 3.88 -7.42
C MET A 32 2.82 4.85 -8.55
N ALA A 33 3.24 6.08 -8.20
CA ALA A 33 3.77 7.01 -9.19
C ALA A 33 5.05 6.46 -9.83
N GLY A 34 5.90 5.83 -9.02
CA GLY A 34 7.11 5.17 -9.48
C GLY A 34 6.76 4.05 -10.46
N LEU A 35 5.76 3.24 -10.10
CA LEU A 35 5.27 2.18 -10.99
C LEU A 35 4.78 2.75 -12.31
N GLY A 36 3.89 3.74 -12.26
CA GLY A 36 3.43 4.43 -13.46
C GLY A 36 2.04 5.02 -13.28
N GLN A 37 1.10 4.22 -12.75
CA GLN A 37 -0.27 4.65 -12.51
C GLN A 37 -0.47 4.98 -11.02
N PRO A 38 -0.20 6.21 -10.57
CA PRO A 38 -0.42 6.58 -9.17
C PRO A 38 -1.91 6.40 -8.83
N LEU A 39 -2.21 5.48 -7.91
CA LEU A 39 -3.58 5.25 -7.45
C LEU A 39 -4.16 6.60 -7.00
N PRO A 40 -5.25 7.09 -7.63
CA PRO A 40 -5.79 8.39 -7.31
C PRO A 40 -6.40 8.38 -5.92
N GLN A 41 -6.69 9.58 -5.40
CA GLN A 41 -7.05 9.77 -4.01
C GLN A 41 -8.22 8.88 -3.58
N GLU A 42 -9.23 8.67 -4.43
CA GLU A 42 -10.31 7.71 -4.15
C GLU A 42 -9.76 6.30 -3.88
N GLU A 43 -8.94 5.80 -4.81
CA GLU A 43 -8.46 4.42 -4.76
C GLU A 43 -7.65 4.30 -3.47
N LEU A 44 -6.70 5.20 -3.30
CA LEU A 44 -5.84 5.14 -2.13
C LEU A 44 -6.59 5.54 -0.85
N ASP A 45 -7.64 6.37 -0.90
CA ASP A 45 -8.50 6.67 0.26
C ASP A 45 -9.14 5.38 0.73
N ALA A 46 -9.74 4.66 -0.22
CA ALA A 46 -10.37 3.38 0.02
C ALA A 46 -9.37 2.45 0.74
N MET A 47 -8.16 2.32 0.21
CA MET A 47 -7.09 1.56 0.83
C MET A 47 -6.63 2.18 2.16
N ILE A 48 -6.56 3.51 2.27
CA ILE A 48 -6.19 4.24 3.48
C ILE A 48 -7.14 3.81 4.61
N ARG A 49 -8.42 3.70 4.27
CA ARG A 49 -9.48 3.34 5.20
C ARG A 49 -9.34 1.90 5.65
N GLU A 50 -9.09 0.99 4.70
CA GLU A 50 -8.73 -0.40 4.99
C GLU A 50 -7.49 -0.45 5.89
N ALA A 51 -6.52 0.42 5.65
CA ALA A 51 -5.30 0.52 6.42
C ALA A 51 -5.55 1.15 7.79
N ASP A 52 -6.27 0.46 8.68
CA ASP A 52 -6.47 0.85 10.06
C ASP A 52 -5.83 -0.17 11.01
N VAL A 53 -4.74 -0.81 10.57
CA VAL A 53 -4.13 -1.95 11.24
C VAL A 53 -3.92 -1.67 12.72
N ASP A 54 -3.22 -0.56 12.98
CA ASP A 54 -2.96 -0.02 14.30
C ASP A 54 -3.23 1.47 14.22
N GLN A 55 -3.29 2.09 15.40
CA GLN A 55 -3.39 3.54 15.57
C GLN A 55 -4.78 4.06 15.20
N ASP A 56 -5.16 3.98 13.93
CA ASP A 56 -6.29 4.67 13.32
C ASP A 56 -6.19 4.51 11.80
N GLY A 57 -5.03 4.85 11.25
CA GLY A 57 -4.76 4.86 9.82
C GLY A 57 -3.32 4.44 9.53
N ARG A 58 -3.00 3.15 9.66
CA ARG A 58 -1.71 2.56 9.32
C ARG A 58 -1.91 1.12 8.82
N VAL A 59 -0.89 0.52 8.21
CA VAL A 59 -0.94 -0.86 7.77
C VAL A 59 0.45 -1.50 7.77
N ASN A 60 0.52 -2.77 8.18
CA ASN A 60 1.75 -3.52 8.21
C ASN A 60 2.11 -3.86 6.76
N TYR A 61 3.29 -3.39 6.34
CA TYR A 61 3.79 -3.45 4.98
C TYR A 61 3.48 -4.75 4.25
N GLU A 62 4.10 -5.86 4.62
CA GLU A 62 3.93 -7.11 3.88
C GLU A 62 2.47 -7.56 3.97
N GLU A 63 1.96 -7.59 5.21
CA GLU A 63 0.61 -8.01 5.54
C GLU A 63 -0.43 -7.35 4.61
N PHE A 64 -0.23 -6.07 4.27
CA PHE A 64 -1.00 -5.35 3.26
C PHE A 64 -1.42 -6.24 2.10
N ALA A 65 -0.46 -6.98 1.56
CA ALA A 65 -0.65 -7.76 0.35
C ALA A 65 -1.81 -8.76 0.50
N ARG A 66 -2.12 -9.18 1.73
CA ARG A 66 -3.25 -10.02 2.09
C ARG A 66 -4.60 -9.29 2.06
N MET A 67 -4.61 -7.96 2.30
CA MET A 67 -5.81 -7.13 2.22
C MET A 67 -6.04 -6.66 0.78
N LEU A 68 -4.95 -6.38 0.04
CA LEU A 68 -4.92 -6.63 -1.39
C LEU A 68 -5.50 -8.05 -1.65
N ALA A 69 -5.93 -8.36 -2.88
CA ALA A 69 -6.69 -9.56 -3.21
C ALA A 69 -8.09 -9.62 -2.55
N GLN A 70 -8.34 -8.90 -1.45
CA GLN A 70 -9.65 -8.81 -0.79
C GLN A 70 -10.06 -10.21 -0.31
N GLU A 71 -9.14 -10.89 0.40
CA GLU A 71 -9.31 -12.26 0.85
C GLU A 71 -8.53 -12.42 2.17
#